data_7E9I
# 
_entry.id   7E9I 
# 
_audit_conform.dict_name       mmcif_pdbx.dic 
_audit_conform.dict_version    5.380 
_audit_conform.dict_location   http://mmcif.pdb.org/dictionaries/ascii/mmcif_pdbx.dic 
# 
loop_
_database_2.database_id 
_database_2.database_code 
_database_2.pdbx_database_accession 
_database_2.pdbx_DOI 
PDB   7E9I         pdb_00007e9i 10.2210/pdb7e9i/pdb 
WWPDB D_1300021023 ?            ?                   
# 
_pdbx_database_status.status_code                     REL 
_pdbx_database_status.status_code_sf                  REL 
_pdbx_database_status.status_code_mr                  ? 
_pdbx_database_status.entry_id                        7E9I 
_pdbx_database_status.recvd_initial_deposition_date   2021-03-04 
_pdbx_database_status.SG_entry                        N 
_pdbx_database_status.deposit_site                    PDBJ 
_pdbx_database_status.process_site                    PDBJ 
_pdbx_database_status.status_code_cs                  ? 
_pdbx_database_status.status_code_nmr_data            ? 
_pdbx_database_status.methods_development_category    ? 
_pdbx_database_status.pdb_format_compatible           Y 
# 
loop_
_audit_author.name 
_audit_author.pdbx_ordinal 
_audit_author.identifier_ORCID 
'Numata, T.'        1 ? 
'Schneekloth, J.S.' 2 ? 
# 
_citation.abstract                  ? 
_citation.abstract_id_CAS           ? 
_citation.book_id_ISBN              ? 
_citation.book_publisher            ? 
_citation.book_publisher_city       ? 
_citation.book_title                ? 
_citation.coordinate_linkage        ? 
_citation.country                   UK 
_citation.database_id_Medline       ? 
_citation.details                   ? 
_citation.id                        primary 
_citation.journal_abbrev            'Nat Commun' 
_citation.journal_id_ASTM           ? 
_citation.journal_id_CSD            ? 
_citation.journal_id_ISSN           2041-1723 
_citation.journal_full              ? 
_citation.journal_issue             ? 
_citation.journal_volume            12 
_citation.language                  ? 
_citation.page_first                5856 
_citation.page_last                 5856 
_citation.title                     
'A chemical probe based on the PreQ 1 metabolite enables transcriptome-wide mapping of binding sites.' 
_citation.year                      2021 
_citation.database_id_CSD           ? 
_citation.pdbx_database_id_DOI      10.1038/s41467-021-25973-x 
_citation.pdbx_database_id_PubMed   34615874 
_citation.pdbx_database_id_patent   ? 
_citation.unpublished_flag          ? 
# 
loop_
_citation_author.citation_id 
_citation_author.name 
_citation_author.ordinal 
_citation_author.identifier_ORCID 
primary 'Balaratnam, S.'        1  ?                   
primary 'Rhodes, C.'            2  ?                   
primary 'Bume, D.D.'            3  ?                   
primary 'Connelly, C.'          4  0000-0003-1671-3243 
primary 'Lai, C.C.'             5  ?                   
primary 'Kelley, J.A.'          6  ?                   
primary 'Yazdani, K.'           7  ?                   
primary 'Homan, P.J.'           8  ?                   
primary 'Incarnato, D.'         9  0000-0003-3944-2327 
primary 'Numata, T.'            10 ?                   
primary 'Schneekloth Jr., J.S.' 11 0000-0001-7459-783X 
# 
_cell.entry_id           7E9I 
_cell.length_a           113.240 
_cell.length_b           113.240 
_cell.length_c           59.520 
_cell.angle_alpha        90.00 
_cell.angle_beta         90.00 
_cell.angle_gamma        120.00 
_cell.Z_PDB              12 
_cell.pdbx_unique_axis   ? 
# 
_symmetry.entry_id                         7E9I 
_symmetry.space_group_name_H-M             'P 63 2 2' 
_symmetry.pdbx_full_space_group_name_H-M   ? 
_symmetry.cell_setting                     ? 
_symmetry.Int_Tables_number                182 
# 
loop_
_entity.id 
_entity.type 
_entity.src_method 
_entity.pdbx_description 
_entity.formula_weight 
_entity.pdbx_number_of_molecules 
_entity.pdbx_ec 
_entity.pdbx_mutation 
_entity.pdbx_fragment 
_entity.details 
1 polymer     syn '33-mer RNA'                                                                                                 
10599.417 1 ? ? ? ? 
2 non-polymer syn '2-azanyl-5-[[2-(3-but-3-ynyl-1,2-diazirin-3-yl)ethylamino]methyl]-1,7-dihydropyrrolo[2,3-d]pyrimidin-4-one' 
299.331   1 ? ? ? ? 
3 non-polymer syn 'SULFATE ION'                                                                                                
96.063    1 ? ? ? ? 
4 water       nat water                                                                                                        
18.015    2 ? ? ? ? 
# 
_entity_poly.entity_id                      1 
_entity_poly.type                           polyribonucleotide 
_entity_poly.nstd_linkage                   no 
_entity_poly.nstd_monomer                   no 
_entity_poly.pdbx_seq_one_letter_code       CUGGGUCGCAGUAACCCCAGUUAACAAAACAAG 
_entity_poly.pdbx_seq_one_letter_code_can   CUGGGUCGCAGUAACCCCAGUUAACAAAACAAG 
_entity_poly.pdbx_strand_id                 A 
_entity_poly.pdbx_target_identifier         ? 
# 
loop_
_entity_poly_seq.entity_id 
_entity_poly_seq.num 
_entity_poly_seq.mon_id 
_entity_poly_seq.hetero 
1 1  C n 
1 2  U n 
1 3  G n 
1 4  G n 
1 5  G n 
1 6  U n 
1 7  C n 
1 8  G n 
1 9  C n 
1 10 A n 
1 11 G n 
1 12 U n 
1 13 A n 
1 14 A n 
1 15 C n 
1 16 C n 
1 17 C n 
1 18 C n 
1 19 A n 
1 20 G n 
1 21 U n 
1 22 U n 
1 23 A n 
1 24 A n 
1 25 C n 
1 26 A n 
1 27 A n 
1 28 A n 
1 29 A n 
1 30 C n 
1 31 A n 
1 32 A n 
1 33 G n 
# 
_pdbx_entity_src_syn.entity_id              1 
_pdbx_entity_src_syn.pdbx_src_id            1 
_pdbx_entity_src_syn.pdbx_alt_source_flag   sample 
_pdbx_entity_src_syn.pdbx_beg_seq_num       1 
_pdbx_entity_src_syn.pdbx_end_seq_num       33 
_pdbx_entity_src_syn.organism_scientific    'Caldanaerobacter subterraneus subsp. tengcongensis' 
_pdbx_entity_src_syn.organism_common_name   ? 
_pdbx_entity_src_syn.ncbi_taxonomy_id       119072 
_pdbx_entity_src_syn.details                ? 
# 
_struct_ref.id                         1 
_struct_ref.db_name                    PDB 
_struct_ref.db_code                    7E9I 
_struct_ref.pdbx_db_accession          7E9I 
_struct_ref.pdbx_db_isoform            ? 
_struct_ref.entity_id                  1 
_struct_ref.pdbx_seq_one_letter_code   ? 
_struct_ref.pdbx_align_begin           1 
# 
_struct_ref_seq.align_id                      1 
_struct_ref_seq.ref_id                        1 
_struct_ref_seq.pdbx_PDB_id_code              7E9I 
_struct_ref_seq.pdbx_strand_id                A 
_struct_ref_seq.seq_align_beg                 1 
_struct_ref_seq.pdbx_seq_align_beg_ins_code   ? 
_struct_ref_seq.seq_align_end                 33 
_struct_ref_seq.pdbx_seq_align_end_ins_code   ? 
_struct_ref_seq.pdbx_db_accession             7E9I 
_struct_ref_seq.db_align_beg                  1 
_struct_ref_seq.pdbx_db_align_beg_ins_code    ? 
_struct_ref_seq.db_align_end                  33 
_struct_ref_seq.pdbx_db_align_end_ins_code    ? 
_struct_ref_seq.pdbx_auth_seq_align_beg       1 
_struct_ref_seq.pdbx_auth_seq_align_end       33 
# 
loop_
_chem_comp.id 
_chem_comp.type 
_chem_comp.mon_nstd_flag 
_chem_comp.name 
_chem_comp.pdbx_synonyms 
_chem_comp.formula 
_chem_comp.formula_weight 
A   'RNA linking' y "ADENOSINE-5'-MONOPHOSPHATE"                                                                                 ? 
'C10 H14 N5 O7 P' 347.221 
C   'RNA linking' y "CYTIDINE-5'-MONOPHOSPHATE"                                                                                  ? 
'C9 H14 N3 O8 P'  323.197 
G   'RNA linking' y "GUANOSINE-5'-MONOPHOSPHATE"                                                                                 ? 
'C10 H14 N5 O8 P' 363.221 
HOH non-polymer   . WATER                                                                                                        ? 
'H2 O'            18.015  
J0C non-polymer   . '2-azanyl-5-[[2-(3-but-3-ynyl-1,2-diazirin-3-yl)ethylamino]methyl]-1,7-dihydropyrrolo[2,3-d]pyrimidin-4-one' ? 
'C14 H17 N7 O'    299.331 
SO4 non-polymer   . 'SULFATE ION'                                                                                                ? 
'O4 S -2'         96.063  
U   'RNA linking' y "URIDINE-5'-MONOPHOSPHATE"                                                                                   ? 
'C9 H13 N2 O9 P'  324.181 
# 
_exptl.absorpt_coefficient_mu     ? 
_exptl.absorpt_correction_T_max   ? 
_exptl.absorpt_correction_T_min   ? 
_exptl.absorpt_correction_type    ? 
_exptl.absorpt_process_details    ? 
_exptl.entry_id                   7E9I 
_exptl.crystals_number            1 
_exptl.details                    ? 
_exptl.method                     'X-RAY DIFFRACTION' 
_exptl.method_details             ? 
# 
_exptl_crystal.colour                      ? 
_exptl_crystal.density_diffrn              ? 
_exptl_crystal.density_Matthews            5.20 
_exptl_crystal.density_method              ? 
_exptl_crystal.density_percent_sol         76.33 
_exptl_crystal.description                 ? 
_exptl_crystal.F_000                       ? 
_exptl_crystal.id                          1 
_exptl_crystal.preparation                 ? 
_exptl_crystal.size_max                    ? 
_exptl_crystal.size_mid                    ? 
_exptl_crystal.size_min                    ? 
_exptl_crystal.size_rad                    ? 
_exptl_crystal.colour_lustre               ? 
_exptl_crystal.colour_modifier             ? 
_exptl_crystal.colour_primary              ? 
_exptl_crystal.density_meas                ? 
_exptl_crystal.density_meas_esd            ? 
_exptl_crystal.density_meas_gt             ? 
_exptl_crystal.density_meas_lt             ? 
_exptl_crystal.density_meas_temp           ? 
_exptl_crystal.density_meas_temp_esd       ? 
_exptl_crystal.density_meas_temp_gt        ? 
_exptl_crystal.density_meas_temp_lt        ? 
_exptl_crystal.pdbx_crystal_image_url      ? 
_exptl_crystal.pdbx_crystal_image_format   ? 
_exptl_crystal.pdbx_mosaicity              ? 
_exptl_crystal.pdbx_mosaicity_esd          ? 
# 
_exptl_crystal_grow.apparatus       ? 
_exptl_crystal_grow.atmosphere      ? 
_exptl_crystal_grow.crystal_id      1 
_exptl_crystal_grow.details         ? 
_exptl_crystal_grow.method          'VAPOR DIFFUSION, HANGING DROP' 
_exptl_crystal_grow.method_ref      ? 
_exptl_crystal_grow.pH              5.6 
_exptl_crystal_grow.pressure        ? 
_exptl_crystal_grow.pressure_esd    ? 
_exptl_crystal_grow.seeding         ? 
_exptl_crystal_grow.seeding_ref     ? 
_exptl_crystal_grow.temp            293 
_exptl_crystal_grow.temp_details    ? 
_exptl_crystal_grow.temp_esd        ? 
_exptl_crystal_grow.time            ? 
_exptl_crystal_grow.pdbx_details    '0.3M potassium sodium tartrate, 0.1M sodium citrate (pH5.6), 2.2M ammonium sulfate' 
_exptl_crystal_grow.pdbx_pH_range   ? 
# 
_diffrn.ambient_environment              ? 
_diffrn.ambient_temp                     100 
_diffrn.ambient_temp_details             ? 
_diffrn.ambient_temp_esd                 ? 
_diffrn.crystal_id                       1 
_diffrn.crystal_support                  ? 
_diffrn.crystal_treatment                ? 
_diffrn.details                          ? 
_diffrn.id                               1 
_diffrn.ambient_pressure                 ? 
_diffrn.ambient_pressure_esd             ? 
_diffrn.ambient_pressure_gt              ? 
_diffrn.ambient_pressure_lt              ? 
_diffrn.ambient_temp_gt                  ? 
_diffrn.ambient_temp_lt                  ? 
_diffrn.pdbx_serial_crystal_experiment   N 
# 
_diffrn_detector.details                      ? 
_diffrn_detector.detector                     PIXEL 
_diffrn_detector.diffrn_id                    1 
_diffrn_detector.type                         'DECTRIS PILATUS 6M' 
_diffrn_detector.area_resol_mean              ? 
_diffrn_detector.dtime                        ? 
_diffrn_detector.pdbx_frames_total            ? 
_diffrn_detector.pdbx_collection_time_total   ? 
_diffrn_detector.pdbx_collection_date         2020-04-06 
_diffrn_detector.pdbx_frequency               ? 
# 
_diffrn_radiation.collimation                      ? 
_diffrn_radiation.diffrn_id                        1 
_diffrn_radiation.filter_edge                      ? 
_diffrn_radiation.inhomogeneity                    ? 
_diffrn_radiation.monochromator                    ? 
_diffrn_radiation.polarisn_norm                    ? 
_diffrn_radiation.polarisn_ratio                   ? 
_diffrn_radiation.probe                            ? 
_diffrn_radiation.type                             ? 
_diffrn_radiation.xray_symbol                      ? 
_diffrn_radiation.wavelength_id                    1 
_diffrn_radiation.pdbx_monochromatic_or_laue_m_l   M 
_diffrn_radiation.pdbx_wavelength_list             ? 
_diffrn_radiation.pdbx_wavelength                  ? 
_diffrn_radiation.pdbx_diffrn_protocol             'SINGLE WAVELENGTH' 
_diffrn_radiation.pdbx_analyzer                    ? 
_diffrn_radiation.pdbx_scattering_type             x-ray 
# 
_diffrn_radiation_wavelength.id           1 
_diffrn_radiation_wavelength.wavelength   1.0 
_diffrn_radiation_wavelength.wt           1.0 
# 
_diffrn_source.current                     ? 
_diffrn_source.details                     ? 
_diffrn_source.diffrn_id                   1 
_diffrn_source.power                       ? 
_diffrn_source.size                        ? 
_diffrn_source.source                      SYNCHROTRON 
_diffrn_source.target                      ? 
_diffrn_source.type                        'SPRING-8 BEAMLINE BL45XU' 
_diffrn_source.voltage                     ? 
_diffrn_source.take-off_angle              ? 
_diffrn_source.pdbx_wavelength_list        1.0 
_diffrn_source.pdbx_wavelength             ? 
_diffrn_source.pdbx_synchrotron_beamline   BL45XU 
_diffrn_source.pdbx_synchrotron_site       SPring-8 
# 
_reflns.pdbx_diffrn_id               1 
_reflns.pdbx_ordinal                 1 
_reflns.entry_id                     7E9I 
_reflns.observed_criterion_sigma_I   ? 
_reflns.observed_criterion_sigma_F   ? 
_reflns.d_resolution_low             41.000 
_reflns.d_resolution_high            2.800 
_reflns.number_obs                   5804 
_reflns.number_all                   ? 
_reflns.percent_possible_obs         98.0 
_reflns.pdbx_Rmerge_I_obs            0.17700 
_reflns.pdbx_Rsym_value              ? 
_reflns.pdbx_netI_over_sigmaI        1.2500 
_reflns.B_iso_Wilson_estimate        ? 
_reflns.pdbx_redundancy              8.200 
# 
_reflns_shell.pdbx_diffrn_id         1 
_reflns_shell.pdbx_ordinal           1 
_reflns_shell.d_res_high             2.80 
_reflns_shell.d_res_low              2.97 
_reflns_shell.percent_possible_all   96.1 
_reflns_shell.Rmerge_I_obs           1.93000 
_reflns_shell.pdbx_Rsym_value        ? 
_reflns_shell.meanI_over_sigI_obs    ? 
_reflns_shell.pdbx_redundancy        8.50 
# 
_refine.pdbx_refine_id                           'X-RAY DIFFRACTION' 
_refine.entry_id                                 7E9I 
_refine.pdbx_diffrn_id                           1 
_refine.pdbx_TLS_residual_ADP_flag               ? 
_refine.ls_number_reflns_obs                     5768 
_refine.ls_number_reflns_all                     ? 
_refine.pdbx_ls_sigma_I                          ? 
_refine.pdbx_ls_sigma_F                          ? 
_refine.pdbx_data_cutoff_high_absF               ? 
_refine.pdbx_data_cutoff_low_absF                ? 
_refine.pdbx_data_cutoff_high_rms_absF           ? 
_refine.ls_d_res_low                             41.00 
_refine.ls_d_res_high                            2.80 
_refine.ls_percent_reflns_obs                    97.6 
_refine.ls_R_factor_obs                          0.196 
_refine.ls_R_factor_all                          ? 
_refine.ls_R_factor_R_work                       0.193 
_refine.ls_R_factor_R_free                       0.235 
_refine.ls_R_factor_R_free_error                 ? 
_refine.ls_R_factor_R_free_error_details         ? 
_refine.ls_percent_reflns_R_free                 5.000 
_refine.ls_number_reflns_R_free                  290 
_refine.ls_number_parameters                     ? 
_refine.ls_number_restraints                     ? 
_refine.occupancy_min                            ? 
_refine.occupancy_max                            ? 
_refine.correlation_coeff_Fo_to_Fc               ? 
_refine.correlation_coeff_Fo_to_Fc_free          ? 
_refine.B_iso_mean                               87.77 
_refine.aniso_B[1][1]                            ? 
_refine.aniso_B[2][2]                            ? 
_refine.aniso_B[3][3]                            ? 
_refine.aniso_B[1][2]                            ? 
_refine.aniso_B[1][3]                            ? 
_refine.aniso_B[2][3]                            ? 
_refine.solvent_model_details                    ? 
_refine.solvent_model_param_ksol                 ? 
_refine.solvent_model_param_bsol                 ? 
_refine.pdbx_solvent_vdw_probe_radii             ? 
_refine.pdbx_solvent_ion_probe_radii             ? 
_refine.pdbx_solvent_shrinkage_radii             ? 
_refine.pdbx_ls_cross_valid_method               'FREE R-VALUE' 
_refine.details                                  ? 
_refine.pdbx_starting_model                      6E1W 
_refine.pdbx_method_to_determine_struct          'MOLECULAR REPLACEMENT' 
_refine.pdbx_isotropic_thermal_model             ? 
_refine.pdbx_stereochemistry_target_values       'GEOSTD + MONOMER LIBRARY + CDL V1.2' 
_refine.pdbx_stereochem_target_val_spec_case     ? 
_refine.pdbx_R_Free_selection_details            ? 
_refine.pdbx_overall_ESU_R                       ? 
_refine.pdbx_overall_ESU_R_Free                  ? 
_refine.overall_SU_ML                            ? 
_refine.pdbx_overall_phase_error                 ? 
_refine.overall_SU_B                             ? 
_refine.overall_SU_R_Cruickshank_DPI             ? 
_refine.pdbx_overall_SU_R_free_Cruickshank_DPI   ? 
_refine.pdbx_overall_SU_R_Blow_DPI               ? 
_refine.pdbx_overall_SU_R_free_Blow_DPI          ? 
# 
_refine_hist.pdbx_refine_id                   'X-RAY DIFFRACTION' 
_refine_hist.cycle_id                         LAST 
_refine_hist.pdbx_number_atoms_protein        0 
_refine_hist.pdbx_number_atoms_nucleic_acid   686 
_refine_hist.pdbx_number_atoms_ligand         27 
_refine_hist.number_atoms_solvent             2 
_refine_hist.number_atoms_total               715 
_refine_hist.d_res_high                       2.80 
_refine_hist.d_res_low                        41.00 
# 
loop_
_refine_ls_restr.type 
_refine_ls_restr.dev_ideal 
_refine_ls_restr.dev_ideal_target 
_refine_ls_restr.weight 
_refine_ls_restr.number 
_refine_ls_restr.pdbx_refine_id 
_refine_ls_restr.pdbx_restraint_function 
f_bond_d           0.006  ? ? 795  'X-RAY DIFFRACTION' ? 
f_angle_d          1.174  ? ? 1232 'X-RAY DIFFRACTION' ? 
f_dihedral_angle_d 14.950 ? ? 387  'X-RAY DIFFRACTION' ? 
f_chiral_restr     0.051  ? ? 161  'X-RAY DIFFRACTION' ? 
f_plane_restr      0.007  ? ? 33   'X-RAY DIFFRACTION' ? 
# 
_refine_ls_shell.pdbx_refine_id                   'X-RAY DIFFRACTION' 
_refine_ls_shell.pdbx_total_number_of_bins_used   ? 
_refine_ls_shell.d_res_high                       2.8000 
_refine_ls_shell.d_res_low                        3.5300 
_refine_ls_shell.number_reflns_R_work             2642 
_refine_ls_shell.R_factor_R_work                  0.3300 
_refine_ls_shell.percent_reflns_obs               97.00 
_refine_ls_shell.R_factor_R_free                  0.3580 
_refine_ls_shell.R_factor_R_free_error            ? 
_refine_ls_shell.percent_reflns_R_free            ? 
_refine_ls_shell.number_reflns_R_free             0 
_refine_ls_shell.number_reflns_all                ? 
_refine_ls_shell.R_factor_all                     ? 
# 
_struct.entry_id                     7E9I 
_struct.title                        
'Crystal structure of a class I PreQ1 riboswitch aptamer (wild-type) complexed with a cognate ligand-derived photoaffinity probe' 
_struct.pdbx_model_details           ? 
_struct.pdbx_formula_weight          ? 
_struct.pdbx_formula_weight_method   ? 
_struct.pdbx_model_type_details      ? 
_struct.pdbx_CASP_flag               N 
# 
_struct_keywords.entry_id        7E9I 
_struct_keywords.text            'preq1 riboswitch, cognate ligand-derived photoaffinity probe, RNA' 
_struct_keywords.pdbx_keywords   RNA 
# 
loop_
_struct_asym.id 
_struct_asym.pdbx_blank_PDB_chainid_flag 
_struct_asym.pdbx_modified 
_struct_asym.entity_id 
_struct_asym.details 
A N N 1 ? 
B N N 2 ? 
C N N 3 ? 
D N N 4 ? 
# 
loop_
_struct_conn.id 
_struct_conn.conn_type_id 
_struct_conn.pdbx_leaving_atom_flag 
_struct_conn.pdbx_PDB_id 
_struct_conn.ptnr1_label_asym_id 
_struct_conn.ptnr1_label_comp_id 
_struct_conn.ptnr1_label_seq_id 
_struct_conn.ptnr1_label_atom_id 
_struct_conn.pdbx_ptnr1_label_alt_id 
_struct_conn.pdbx_ptnr1_PDB_ins_code 
_struct_conn.pdbx_ptnr1_standard_comp_id 
_struct_conn.ptnr1_symmetry 
_struct_conn.ptnr2_label_asym_id 
_struct_conn.ptnr2_label_comp_id 
_struct_conn.ptnr2_label_seq_id 
_struct_conn.ptnr2_label_atom_id 
_struct_conn.pdbx_ptnr2_label_alt_id 
_struct_conn.pdbx_ptnr2_PDB_ins_code 
_struct_conn.ptnr1_auth_asym_id 
_struct_conn.ptnr1_auth_comp_id 
_struct_conn.ptnr1_auth_seq_id 
_struct_conn.ptnr2_auth_asym_id 
_struct_conn.ptnr2_auth_comp_id 
_struct_conn.ptnr2_auth_seq_id 
_struct_conn.ptnr2_symmetry 
_struct_conn.pdbx_ptnr3_label_atom_id 
_struct_conn.pdbx_ptnr3_label_seq_id 
_struct_conn.pdbx_ptnr3_label_comp_id 
_struct_conn.pdbx_ptnr3_label_asym_id 
_struct_conn.pdbx_ptnr3_label_alt_id 
_struct_conn.pdbx_ptnr3_PDB_ins_code 
_struct_conn.details 
_struct_conn.pdbx_dist_value 
_struct_conn.pdbx_value_order 
_struct_conn.pdbx_role 
hydrog1  hydrog ? ? A C 1  N3 ? ? ? 1_555 A G 20 N1 ? ? A C 1  A G 20 1_555 ? ? ? ? ? ? WATSON-CRICK  ? ? ? 
hydrog2  hydrog ? ? A C 1  N4 ? ? ? 1_555 A G 20 O6 ? ? A C 1  A G 20 1_555 ? ? ? ? ? ? WATSON-CRICK  ? ? ? 
hydrog3  hydrog ? ? A C 1  O2 ? ? ? 1_555 A G 20 N2 ? ? A C 1  A G 20 1_555 ? ? ? ? ? ? WATSON-CRICK  ? ? ? 
hydrog4  hydrog ? ? A U 2  N3 ? ? ? 1_555 A A 19 N1 ? ? A U 2  A A 19 1_555 ? ? ? ? ? ? WATSON-CRICK  ? ? ? 
hydrog5  hydrog ? ? A U 2  O4 ? ? ? 1_555 A A 19 N6 ? ? A U 2  A A 19 1_555 ? ? ? ? ? ? WATSON-CRICK  ? ? ? 
hydrog6  hydrog ? ? A G 3  N1 ? ? ? 1_555 A C 18 N3 ? ? A G 3  A C 18 1_555 ? ? ? ? ? ? WATSON-CRICK  ? ? ? 
hydrog7  hydrog ? ? A G 3  N2 ? ? ? 1_555 A C 18 O2 ? ? A G 3  A C 18 1_555 ? ? ? ? ? ? WATSON-CRICK  ? ? ? 
hydrog8  hydrog ? ? A G 3  O6 ? ? ? 1_555 A C 18 N4 ? ? A G 3  A C 18 1_555 ? ? ? ? ? ? WATSON-CRICK  ? ? ? 
hydrog9  hydrog ? ? A G 4  N1 ? ? ? 1_555 A C 17 N3 ? ? A G 4  A C 17 1_555 ? ? ? ? ? ? WATSON-CRICK  ? ? ? 
hydrog10 hydrog ? ? A G 4  N2 ? ? ? 1_555 A C 17 O2 ? ? A G 4  A C 17 1_555 ? ? ? ? ? ? WATSON-CRICK  ? ? ? 
hydrog11 hydrog ? ? A G 4  O6 ? ? ? 1_555 A C 17 N4 ? ? A G 4  A C 17 1_555 ? ? ? ? ? ? WATSON-CRICK  ? ? ? 
hydrog12 hydrog ? ? A G 5  N1 ? ? ? 1_555 A C 16 N3 ? ? A G 5  A C 16 1_555 ? ? ? ? ? ? WATSON-CRICK  ? ? ? 
hydrog13 hydrog ? ? A G 5  N2 ? ? ? 1_555 A C 16 O2 ? ? A G 5  A C 16 1_555 ? ? ? ? ? ? WATSON-CRICK  ? ? ? 
hydrog14 hydrog ? ? A G 5  O6 ? ? ? 1_555 A C 16 N4 ? ? A G 5  A C 16 1_555 ? ? ? ? ? ? WATSON-CRICK  ? ? ? 
hydrog15 hydrog ? ? A G 5  N2 ? ? ? 1_555 A A 27 N1 ? ? A G 5  A A 27 1_555 ? ? ? ? ? ? TYPE_10_PAIR  ? ? ? 
hydrog16 hydrog ? ? A G 5  N3 ? ? ? 1_555 A A 27 N6 ? ? A G 5  A A 27 1_555 ? ? ? ? ? ? TYPE_10_PAIR  ? ? ? 
hydrog17 hydrog ? ? A U 6  N3 ? ? ? 1_555 A A 28 N7 ? ? A U 6  A A 28 1_555 ? ? ? ? ? ? HOOGSTEEN     ? ? ? 
hydrog18 hydrog ? ? A U 6  O4 ? ? ? 1_555 A A 28 N6 ? ? A U 6  A A 28 1_555 ? ? ? ? ? ? HOOGSTEEN     ? ? ? 
hydrog19 hydrog ? ? A C 7  N4 ? ? ? 1_555 A G 11 N7 ? ? A C 7  A G 11 1_555 ? ? ? ? ? ? 'C-G PAIR'    ? ? ? 
hydrog20 hydrog ? ? A C 7  O2 ? ? ? 1_555 A A 29 N6 ? ? A C 7  A A 29 1_555 ? ? ? ? ? ? 'C-A MISPAIR' ? ? ? 
hydrog21 hydrog ? ? A C 7  O2 ? ? ? 1_555 A C 30 N4 ? ? A C 7  A C 30 1_555 ? ? ? ? ? ? 'C-C MISPAIR' ? ? ? 
hydrog22 hydrog ? ? A G 8  N2 ? ? ? 1_555 A A 31 N1 ? ? A G 8  A A 31 1_555 ? ? ? ? ? ? TYPE_10_PAIR  ? ? ? 
hydrog23 hydrog ? ? A G 8  N3 ? ? ? 1_555 A A 31 N6 ? ? A G 8  A A 31 1_555 ? ? ? ? ? ? TYPE_10_PAIR  ? ? ? 
hydrog24 hydrog ? ? A C 9  N3 ? ? ? 1_555 A G 33 N1 ? ? A C 9  A G 33 1_555 ? ? ? ? ? ? WATSON-CRICK  ? ? ? 
hydrog25 hydrog ? ? A C 9  N4 ? ? ? 1_555 A G 33 O6 ? ? A C 9  A G 33 1_555 ? ? ? ? ? ? WATSON-CRICK  ? ? ? 
hydrog26 hydrog ? ? A C 9  O2 ? ? ? 1_555 A G 33 N2 ? ? A C 9  A G 33 1_555 ? ? ? ? ? ? WATSON-CRICK  ? ? ? 
hydrog27 hydrog ? ? A A 10 N3 ? ? ? 1_555 A A 32 N6 ? ? A A 10 A A 32 1_555 ? ? ? ? ? ? 'A-A MISPAIR' ? ? ? 
hydrog28 hydrog ? ? A G 11 N2 ? ? ? 1_555 A A 14 N1 ? ? A G 11 A A 14 1_555 ? ? ? ? ? ? TYPE_10_PAIR  ? ? ? 
hydrog29 hydrog ? ? A G 11 N3 ? ? ? 1_555 A A 14 N6 ? ? A G 11 A A 14 1_555 ? ? ? ? ? ? TYPE_10_PAIR  ? ? ? 
hydrog30 hydrog ? ? A G 11 N1 ? ? ? 1_555 A C 30 N3 ? ? A G 11 A C 30 1_555 ? ? ? ? ? ? WATSON-CRICK  ? ? ? 
hydrog31 hydrog ? ? A G 11 N2 ? ? ? 1_555 A C 30 O2 ? ? A G 11 A C 30 1_555 ? ? ? ? ? ? WATSON-CRICK  ? ? ? 
hydrog32 hydrog ? ? A G 11 O6 ? ? ? 1_555 A C 30 N4 ? ? A G 11 A C 30 1_555 ? ? ? ? ? ? WATSON-CRICK  ? ? ? 
hydrog33 hydrog ? ? A A 13 N6 ? ? ? 1_555 A A 31 N3 ? ? A A 13 A A 31 1_555 ? ? ? ? ? ? 'A-A MISPAIR' ? ? ? 
hydrog34 hydrog ? ? A C 16 O2 ? ? ? 1_555 A A 28 N6 ? ? A C 16 A A 28 1_555 ? ? ? ? ? ? 'C-A MISPAIR' ? ? ? 
hydrog35 hydrog ? ? A C 17 O2 ? ? ? 1_555 A A 26 N6 ? ? A C 17 A A 26 1_555 ? ? ? ? ? ? 'C-A MISPAIR' ? ? ? 
# 
_struct_conn_type.id          hydrog 
_struct_conn_type.criteria    ? 
_struct_conn_type.reference   ? 
# 
_atom_sites.entry_id                    7E9I 
_atom_sites.fract_transf_matrix[1][1]   -0.00763315 
_atom_sites.fract_transf_matrix[1][2]   -0.00665697 
_atom_sites.fract_transf_matrix[1][3]   0.00118149 
_atom_sites.fract_transf_matrix[2][1]   -0.00644908 
_atom_sites.fract_transf_matrix[2][2]   -0.00178003 
_atom_sites.fract_transf_matrix[2][3]   -0.00769543 
_atom_sites.fract_transf_matrix[3][1]   0.00995028 
_atom_sites.fract_transf_matrix[3][2]   -0.01238109 
_atom_sites.fract_transf_matrix[3][3]   -0.00547486 
_atom_sites.fract_transf_vector[1]      0.497870 
_atom_sites.fract_transf_vector[2]      0.369868 
_atom_sites.fract_transf_vector[3]      0.463670 
# 
loop_
_atom_type.symbol 
C 
N 
O 
P 
S 
# 
loop_
_atom_site.group_PDB 
_atom_site.id 
_atom_site.type_symbol 
_atom_site.label_atom_id 
_atom_site.label_alt_id 
_atom_site.label_comp_id 
_atom_site.label_asym_id 
_atom_site.label_entity_id 
_atom_site.label_seq_id 
_atom_site.pdbx_PDB_ins_code 
_atom_site.Cartn_x 
_atom_site.Cartn_y 
_atom_site.Cartn_z 
_atom_site.occupancy 
_atom_site.B_iso_or_equiv 
_atom_site.pdbx_formal_charge 
_atom_site.auth_seq_id 
_atom_site.auth_comp_id 
_atom_site.auth_asym_id 
_atom_site.auth_atom_id 
_atom_site.pdbx_PDB_model_num 
ATOM   1   O "O5'" . C   A 1 1  ? -10.913 3.962   -12.822 1.00 108.06 ? 1   C   A "O5'" 1 
ATOM   2   C "C5'" . C   A 1 1  ? -10.656 2.865   -11.950 1.00 102.57 ? 1   C   A "C5'" 1 
ATOM   3   C "C4'" . C   A 1 1  ? -10.602 1.546   -12.687 1.00 73.96  ? 1   C   A "C4'" 1 
ATOM   4   O "O4'" . C   A 1 1  ? -9.649  1.645   -13.776 1.00 71.46  ? 1   C   A "O4'" 1 
ATOM   5   C "C3'" . C   A 1 1  ? -10.120 0.365   -11.856 1.00 56.45  ? 1   C   A "C3'" 1 
ATOM   6   O "O3'" . C   A 1 1  ? -11.172 -0.284  -11.169 1.00 55.31  ? 1   C   A "O3'" 1 
ATOM   7   C "C2'" . C   A 1 1  ? -9.441  -0.530  -12.879 1.00 69.89  ? 1   C   A "C2'" 1 
ATOM   8   O "O2'" . C   A 1 1  ? -10.405 -1.281  -13.593 1.00 87.79  ? 1   C   A "O2'" 1 
ATOM   9   C "C1'" . C   A 1 1  ? -8.839  0.495   -13.827 1.00 71.20  ? 1   C   A "C1'" 1 
ATOM   10  N N1    . C   A 1 1  ? -7.484  0.897   -13.406 1.00 67.49  ? 1   C   A N1    1 
ATOM   11  C C2    . C   A 1 1  ? -6.417  0.070   -13.631 1.00 67.19  ? 1   C   A C2    1 
ATOM   12  O O2    . C   A 1 1  ? -6.660  -1.005  -14.190 1.00 79.15  ? 1   C   A O2    1 
ATOM   13  N N3    . C   A 1 1  ? -5.185  0.478   -13.239 1.00 60.65  ? 1   C   A N3    1 
ATOM   14  C C4    . C   A 1 1  ? -5.017  1.659   -12.646 1.00 55.93  ? 1   C   A C4    1 
ATOM   15  N N4    . C   A 1 1  ? -3.817  2.070   -12.260 1.00 64.02  ? 1   C   A N4    1 
ATOM   16  C C5    . C   A 1 1  ? -6.091  2.521   -12.410 1.00 55.55  ? 1   C   A C5    1 
ATOM   17  C C6    . C   A 1 1  ? -7.288  2.100   -12.807 1.00 66.89  ? 1   C   A C6    1 
ATOM   18  P P     . U   A 1 2  ? -10.874 -0.995  -9.760  1.00 81.72  ? 2   U   A P     1 
ATOM   19  O OP1   . U   A 1 2  ? -12.138 -1.605  -9.249  1.00 64.03  ? 2   U   A OP1   1 
ATOM   20  O OP2   . U   A 1 2  ? -10.083 -0.040  -8.930  1.00 71.27  ? 2   U   A OP2   1 
ATOM   21  O "O5'" . U   A 1 2  ? -9.838  -2.153  -10.127 1.00 95.30  ? 2   U   A "O5'" 1 
ATOM   22  C "C5'" . U   A 1 2  ? -10.237 -3.289  -10.880 1.00 89.28  ? 2   U   A "C5'" 1 
ATOM   23  C "C4'" . U   A 1 2  ? -9.075  -4.207  -11.167 1.00 74.48  ? 2   U   A "C4'" 1 
ATOM   24  O "O4'" . U   A 1 2  ? -8.075  -3.519  -11.960 1.00 76.70  ? 2   U   A "O4'" 1 
ATOM   25  C "C3'" . U   A 1 2  ? -8.294  -4.711  -9.967  1.00 62.39  ? 2   U   A "C3'" 1 
ATOM   26  O "O3'" . U   A 1 2  ? -8.943  -5.768  -9.291  1.00 61.11  ? 2   U   A "O3'" 1 
ATOM   27  C "C2'" . U   A 1 2  ? -6.973  -5.115  -10.595 1.00 70.28  ? 2   U   A "C2'" 1 
ATOM   28  O "O2'" . U   A 1 2  ? -7.119  -6.344  -11.294 1.00 87.31  ? 2   U   A "O2'" 1 
ATOM   29  C "C1'" . U   A 1 2  ? -6.788  -4.004  -11.627 1.00 73.14  ? 2   U   A "C1'" 1 
ATOM   30  N N1    . U   A 1 2  ? -5.999  -2.891  -11.065 1.00 69.92  ? 2   U   A N1    1 
ATOM   31  C C2    . U   A 1 2  ? -4.624  -3.022  -11.000 1.00 63.60  ? 2   U   A C2    1 
ATOM   32  O O2    . U   A 1 2  ? -4.030  -3.990  -11.395 1.00 82.66  ? 2   U   A O2    1 
ATOM   33  N N3    . U   A 1 2  ? -3.949  -1.972  -10.452 1.00 57.54  ? 2   U   A N3    1 
ATOM   34  C C4    . U   A 1 2  ? -4.540  -0.817  -9.980  1.00 57.78  ? 2   U   A C4    1 
ATOM   35  O O4    . U   A 1 2  ? -3.839  0.062   -9.512  1.00 63.48  ? 2   U   A O4    1 
ATOM   36  C C5    . U   A 1 2  ? -5.958  -0.755  -10.086 1.00 46.93  ? 2   U   A C5    1 
ATOM   37  C C6    . U   A 1 2  ? -6.637  -1.769  -10.605 1.00 65.01  ? 2   U   A C6    1 
ATOM   38  P P     . G   A 1 3  ? -8.574  -6.085  -7.760  1.00 77.75  ? 3   G   A P     1 
ATOM   39  O OP1   . G   A 1 3  ? -9.500  -7.151  -7.275  1.00 59.03  ? 3   G   A OP1   1 
ATOM   40  O OP2   . G   A 1 3  ? -8.447  -4.801  -7.013  1.00 60.92  ? 3   G   A OP2   1 
ATOM   41  O "O5'" . G   A 1 3  ? -7.071  -6.622  -7.834  1.00 78.74  ? 3   G   A "O5'" 1 
ATOM   42  C "C5'" . G   A 1 3  ? -6.736  -7.852  -8.462  1.00 64.76  ? 3   G   A "C5'" 1 
ATOM   43  C "C4'" . G   A 1 3  ? -5.306  -8.232  -8.176  1.00 60.92  ? 3   G   A "C4'" 1 
ATOM   44  O "O4'" . G   A 1 3  ? -4.380  -7.369  -8.890  1.00 64.33  ? 3   G   A "O4'" 1 
ATOM   45  C "C3'" . G   A 1 3  ? -4.880  -8.105  -6.732  1.00 57.69  ? 3   G   A "C3'" 1 
ATOM   46  O "O3'" . G   A 1 3  ? -5.336  -9.198  -5.969  1.00 73.34  ? 3   G   A "O3'" 1 
ATOM   47  C "C2'" . G   A 1 3  ? -3.365  -7.994  -6.837  1.00 56.60  ? 3   G   A "C2'" 1 
ATOM   48  O "O2'" . G   A 1 3  ? -2.778  -9.274  -7.068  1.00 66.12  ? 3   G   A "O2'" 1 
ATOM   49  C "C1'" . G   A 1 3  ? -3.216  -7.172  -8.116  1.00 58.33  ? 3   G   A "C1'" 1 
ATOM   50  N N9    . G   A 1 3  ? -3.090  -5.731  -7.848  1.00 63.17  ? 3   G   A N9    1 
ATOM   51  C C8    . G   A 1 3  ? -4.129  -4.835  -7.892  1.00 58.53  ? 3   G   A C8    1 
ATOM   52  N N7    . G   A 1 3  ? -3.736  -3.623  -7.633  1.00 58.95  ? 3   G   A N7    1 
ATOM   53  C C5    . G   A 1 3  ? -2.371  -3.703  -7.400  1.00 61.66  ? 3   G   A C5    1 
ATOM   54  C C6    . G   A 1 3  ? -1.402  -2.709  -7.075  1.00 65.16  ? 3   G   A C6    1 
ATOM   55  O O6    . G   A 1 3  ? -1.513  -1.502  -6.902  1.00 65.15  ? 3   G   A O6    1 
ATOM   56  N N1    . G   A 1 3  ? -0.131  -3.218  -6.951  1.00 74.00  ? 3   G   A N1    1 
ATOM   57  C C2    . G   A 1 3  ? 0.184   -4.527  -7.113  1.00 62.75  ? 3   G   A C2    1 
ATOM   58  N N2    . G   A 1 3  ? 1.482   -4.815  -6.940  1.00 75.72  ? 3   G   A N2    1 
ATOM   59  N N3    . G   A 1 3  ? -0.703  -5.463  -7.407  1.00 57.20  ? 3   G   A N3    1 
ATOM   60  C C4    . G   A 1 3  ? -1.956  -5.003  -7.540  1.00 61.25  ? 3   G   A C4    1 
ATOM   61  P P     . G   A 1 4  ? -5.207  -9.182  -4.376  1.00 82.33  ? 4   G   A P     1 
ATOM   62  O OP1   . G   A 1 4  ? -5.938  -10.383 -3.914  1.00 88.51  ? 4   G   A OP1   1 
ATOM   63  O OP2   . G   A 1 4  ? -5.614  -7.847  -3.854  1.00 93.20  ? 4   G   A OP2   1 
ATOM   64  O "O5'" . G   A 1 4  ? -3.648  -9.419  -4.142  1.00 77.32  ? 4   G   A "O5'" 1 
ATOM   65  C "C5'" . G   A 1 4  ? -2.980  -8.933  -2.992  1.00 68.28  ? 4   G   A "C5'" 1 
ATOM   66  C "C4'" . G   A 1 4  ? -1.539  -8.600  -3.292  1.00 62.63  ? 4   G   A "C4'" 1 
ATOM   67  O "O4'" . G   A 1 4  ? -1.469  -7.615  -4.361  1.00 65.11  ? 4   G   A "O4'" 1 
ATOM   68  C "C3'" . G   A 1 4  ? -0.784  -7.954  -2.147  1.00 63.68  ? 4   G   A "C3'" 1 
ATOM   69  O "O3'" . G   A 1 4  ? -0.334  -8.883  -1.179  1.00 66.41  ? 4   G   A "O3'" 1 
ATOM   70  C "C2'" . G   A 1 4  ? 0.321   -7.180  -2.855  1.00 64.37  ? 4   G   A "C2'" 1 
ATOM   71  O "O2'" . G   A 1 4  ? 1.380   -8.036  -3.225  1.00 71.53  ? 4   G   A "O2'" 1 
ATOM   72  C "C1'" . G   A 1 4  ? -0.393  -6.725  -4.131  1.00 66.17  ? 4   G   A "C1'" 1 
ATOM   73  N N9    . G   A 1 4  ? -0.926  -5.351  -4.015  1.00 77.44  ? 4   G   A N9    1 
ATOM   74  C C8    . G   A 1 4  ? -2.243  -4.992  -4.093  1.00 82.56  ? 4   G   A C8    1 
ATOM   75  N N7    . G   A 1 4  ? -2.425  -3.711  -3.949  1.00 91.96  ? 4   G   A N7    1 
ATOM   76  C C5    . G   A 1 4  ? -1.160  -3.178  -3.768  1.00 77.51  ? 4   G   A C5    1 
ATOM   77  C C6    . G   A 1 4  ? -0.741  -1.835  -3.567  1.00 74.13  ? 4   G   A C6    1 
ATOM   78  O O6    . G   A 1 4  ? -1.424  -0.799  -3.501  1.00 71.94  ? 4   G   A O6    1 
ATOM   79  N N1    . G   A 1 4  ? 0.632   -1.747  -3.427  1.00 72.25  ? 4   G   A N1    1 
ATOM   80  C C2    . G   A 1 4  ? 1.487   -2.810  -3.475  1.00 73.61  ? 4   G   A C2    1 
ATOM   81  N N2    . G   A 1 4  ? 2.792   -2.539  -3.330  1.00 75.45  ? 4   G   A N2    1 
ATOM   82  N N3    . G   A 1 4  ? 1.106   -4.059  -3.658  1.00 81.16  ? 4   G   A N3    1 
ATOM   83  C C4    . G   A 1 4  ? -0.225  -4.178  -3.800  1.00 77.73  ? 4   G   A C4    1 
ATOM   84  P P     . G   A 1 5  ? -0.453  -8.512  0.383   1.00 83.23  ? 5   G   A P     1 
ATOM   85  O OP1   . G   A 1 5  ? -0.216  -9.691  1.262   1.00 71.96  ? 5   G   A OP1   1 
ATOM   86  O OP2   . G   A 1 5  ? -1.732  -7.768  0.536   1.00 84.71  ? 5   G   A OP2   1 
ATOM   87  O "O5'" . G   A 1 5  ? 0.738   -7.476  0.594   1.00 78.71  ? 5   G   A "O5'" 1 
ATOM   88  C "C5'" . G   A 1 5  ? 2.088   -7.878  0.428   1.00 76.66  ? 5   G   A "C5'" 1 
ATOM   89  C "C4'" . G   A 1 5  ? 3.047   -6.736  0.647   1.00 71.06  ? 5   G   A "C4'" 1 
ATOM   90  O "O4'" . G   A 1 5  ? 2.808   -5.698  -0.338  1.00 72.39  ? 5   G   A "O4'" 1 
ATOM   91  C "C3'" . G   A 1 5  ? 2.921   -6.027  1.983   1.00 76.98  ? 5   G   A "C3'" 1 
ATOM   92  O "O3'" . G   A 1 5  ? 3.617   -6.696  3.017   1.00 73.90  ? 5   G   A "O3'" 1 
ATOM   93  C "C2'" . G   A 1 5  ? 3.457   -4.632  1.691   1.00 77.95  ? 5   G   A "C2'" 1 
ATOM   94  O "O2'" . G   A 1 5  ? 4.872   -4.623  1.771   1.00 75.41  ? 5   G   A "O2'" 1 
ATOM   95  C "C1'" . G   A 1 5  ? 3.027   -4.427  0.233   1.00 77.34  ? 5   G   A "C1'" 1 
ATOM   96  N N9    . G   A 1 5  ? 1.778   -3.649  0.108   1.00 82.74  ? 5   G   A N9    1 
ATOM   97  C C8    . G   A 1 5  ? 0.501   -4.150  0.008   1.00 83.35  ? 5   G   A C8    1 
ATOM   98  N N7    . G   A 1 5  ? -0.393  -3.206  -0.117  1.00 86.37  ? 5   G   A N7    1 
ATOM   99  C C5    . G   A 1 5  ? 0.325   -2.008  -0.096  1.00 81.94  ? 5   G   A C5    1 
ATOM   100 C C6    . G   A 1 5  ? -0.093  -0.641  -0.178  1.00 73.30  ? 5   G   A C6    1 
ATOM   101 O O6    . G   A 1 5  ? -1.233  -0.179  -0.282  1.00 70.99  ? 5   G   A O6    1 
ATOM   102 N N1    . G   A 1 5  ? 0.976   0.244   -0.123  1.00 67.22  ? 5   G   A N1    1 
ATOM   103 C C2    . G   A 1 5  ? 2.288   -0.135  0.013   1.00 69.74  ? 5   G   A C2    1 
ATOM   104 N N2    . G   A 1 5  ? 3.193   0.849   0.066   1.00 73.82  ? 5   G   A N2    1 
ATOM   105 N N3    . G   A 1 5  ? 2.694   -1.391  0.099   1.00 72.24  ? 5   G   A N3    1 
ATOM   106 C C4    . G   A 1 5  ? 1.671   -2.274  0.037   1.00 80.02  ? 5   G   A C4    1 
ATOM   107 P P     . U   A 1 6  ? 3.385   -6.259  4.545   1.00 91.41  ? 6   U   A P     1 
ATOM   108 O OP1   . U   A 1 6  ? 3.323   -7.486  5.401   1.00 76.95  ? 6   U   A OP1   1 
ATOM   109 O OP2   . U   A 1 6  ? 2.288   -5.232  4.567   1.00 87.44  ? 6   U   A OP2   1 
ATOM   110 O "O5'" . U   A 1 6  ? 4.733   -5.503  4.912   1.00 91.50  ? 6   U   A "O5'" 1 
ATOM   111 C "C5'" . U   A 1 6  ? 5.879   -6.227  5.315   1.00 78.18  ? 6   U   A "C5'" 1 
ATOM   112 C "C4'" . U   A 1 6  ? 7.051   -5.300  5.478   1.00 77.66  ? 6   U   A "C4'" 1 
ATOM   113 O "O4'" . U   A 1 6  ? 7.097   -4.391  4.354   1.00 79.59  ? 6   U   A "O4'" 1 
ATOM   114 C "C3'" . U   A 1 6  ? 6.999   -4.374  6.673   1.00 76.01  ? 6   U   A "C3'" 1 
ATOM   115 O "O3'" . U   A 1 6  ? 7.358   -5.005  7.882   1.00 79.26  ? 6   U   A "O3'" 1 
ATOM   116 C "C2'" . U   A 1 6  ? 7.929   -3.245  6.256   1.00 74.72  ? 6   U   A "C2'" 1 
ATOM   117 O "O2'" . U   A 1 6  ? 9.287   -3.632  6.399   1.00 78.18  ? 6   U   A "O2'" 1 
ATOM   118 C "C1'" . U   A 1 6  ? 7.624   -3.149  4.765   1.00 73.60  ? 6   U   A "C1'" 1 
ATOM   119 N N1    . U   A 1 6  ? 6.639   -2.102  4.445   1.00 72.13  ? 6   U   A N1    1 
ATOM   120 C C2    . U   A 1 6  ? 7.058   -0.784  4.478   1.00 82.95  ? 6   U   A C2    1 
ATOM   121 O O2    . U   A 1 6  ? 8.193   -0.450  4.783   1.00 89.20  ? 6   U   A O2    1 
ATOM   122 N N3    . U   A 1 6  ? 6.090   0.138   4.158   1.00 76.87  ? 6   U   A N3    1 
ATOM   123 C C4    . U   A 1 6  ? 4.786   -0.132  3.807   1.00 71.64  ? 6   U   A C4    1 
ATOM   124 O O4    . U   A 1 6  ? 4.030   0.795   3.534   1.00 70.44  ? 6   U   A O4    1 
ATOM   125 C C5    . U   A 1 6  ? 4.442   -1.523  3.800   1.00 78.22  ? 6   U   A C5    1 
ATOM   126 C C6    . U   A 1 6  ? 5.360   -2.449  4.103   1.00 68.75  ? 6   U   A C6    1 
ATOM   127 P P     . C   A 1 7  ? 6.376   -4.831  9.135   1.00 89.32  ? 7   C   A P     1 
ATOM   128 O OP1   . C   A 1 7  ? 6.951   -5.418  10.378  1.00 84.83  ? 7   C   A OP1   1 
ATOM   129 O OP2   . C   A 1 7  ? 5.073   -5.338  8.615   1.00 82.28  ? 7   C   A OP2   1 
ATOM   130 O "O5'" . C   A 1 7  ? 6.312   -3.243  9.340   1.00 84.65  ? 7   C   A "O5'" 1 
ATOM   131 C "C5'" . C   A 1 7  ? 7.477   -2.489  9.672   1.00 80.12  ? 7   C   A "C5'" 1 
ATOM   132 C "C4'" . C   A 1 7  ? 7.295   -1.001  9.443   1.00 81.49  ? 7   C   A "C4'" 1 
ATOM   133 O "O4'" . C   A 1 7  ? 6.824   -0.753  8.090   1.00 91.66  ? 7   C   A "O4'" 1 
ATOM   134 C "C3'" . C   A 1 7  ? 6.273   -0.295  10.327  1.00 78.95  ? 7   C   A "C3'" 1 
ATOM   135 O "O3'" . C   A 1 7  ? 6.780   0.053   11.597  1.00 81.29  ? 7   C   A "O3'" 1 
ATOM   136 C "C2'" . C   A 1 7  ? 5.887   0.916   9.492   1.00 77.57  ? 7   C   A "C2'" 1 
ATOM   137 O "O2'" . C   A 1 7  ? 6.877   1.928   9.573   1.00 85.27  ? 7   C   A "O2'" 1 
ATOM   138 C "C1'" . C   A 1 7  ? 5.906   0.324   8.087   1.00 81.47  ? 7   C   A "C1'" 1 
ATOM   139 N N1    . C   A 1 7  ? 4.576   -0.204  7.733   1.00 83.46  ? 7   C   A N1    1 
ATOM   140 C C2    . C   A 1 7  ? 3.588   0.697   7.392   1.00 84.41  ? 7   C   A C2    1 
ATOM   141 O O2    . C   A 1 7  ? 3.870   1.906   7.386   1.00 90.41  ? 7   C   A O2    1 
ATOM   142 N N3    . C   A 1 7  ? 2.366   0.218   7.077   1.00 86.54  ? 7   C   A N3    1 
ATOM   143 C C4    . C   A 1 7  ? 2.118   -1.088  7.106   1.00 87.07  ? 7   C   A C4    1 
ATOM   144 N N4    . C   A 1 7  ? 0.896   -1.512  6.787   1.00 92.06  ? 7   C   A N4    1 
ATOM   145 C C5    . C   A 1 7  ? 3.112   -2.033  7.457   1.00 93.93  ? 7   C   A C5    1 
ATOM   146 C C6    . C   A 1 7  ? 4.314   -1.543  7.758   1.00 95.46  ? 7   C   A C6    1 
ATOM   147 P P     . G   A 1 8  ? 6.148   -0.610  12.909  1.00 89.92  ? 8   G   A P     1 
ATOM   148 O OP1   . G   A 1 8  ? 7.103   -0.304  13.999  1.00 86.68  ? 8   G   A OP1   1 
ATOM   149 O OP2   . G   A 1 8  ? 5.731   -2.012  12.637  1.00 85.33  ? 8   G   A OP2   1 
ATOM   150 O "O5'" . G   A 1 8  ? 4.801   0.209   13.122  1.00 94.78  ? 8   G   A "O5'" 1 
ATOM   151 C "C5'" . G   A 1 8  ? 4.795   1.623   13.021  1.00 88.94  ? 8   G   A "C5'" 1 
ATOM   152 C "C4'" . G   A 1 8  ? 3.413   2.163   12.762  1.00 84.44  ? 8   G   A "C4'" 1 
ATOM   153 O "O4'" . G   A 1 8  ? 2.972   1.825   11.421  1.00 89.41  ? 8   G   A "O4'" 1 
ATOM   154 C "C3'" . G   A 1 8  ? 2.296   1.631   13.634  1.00 91.06  ? 8   G   A "C3'" 1 
ATOM   155 O "O3'" . G   A 1 8  ? 2.301   2.149   14.951  1.00 93.56  ? 8   G   A "O3'" 1 
ATOM   156 C "C2'" . G   A 1 8  ? 1.066   2.010   12.824  1.00 90.05  ? 8   G   A "C2'" 1 
ATOM   157 O "O2'" . G   A 1 8  ? 0.797   3.397   12.949  1.00 82.96  ? 8   G   A "O2'" 1 
ATOM   158 C "C1'" . G   A 1 8  ? 1.560   1.732   11.401  1.00 94.23  ? 8   G   A "C1'" 1 
ATOM   159 N N9    . G   A 1 8  ? 1.158   0.378   10.996  1.00 98.76  ? 8   G   A N9    1 
ATOM   160 C C8    . G   A 1 8  ? 1.816   -0.800  11.246  1.00 100.18 ? 8   G   A C8    1 
ATOM   161 N N7    . G   A 1 8  ? 1.156   -1.834  10.806  1.00 103.74 ? 8   G   A N7    1 
ATOM   162 C C5    . G   A 1 8  ? -0.005  -1.307  10.252  1.00 99.16  ? 8   G   A C5    1 
ATOM   163 C C6    . G   A 1 8  ? -1.106  -1.943  9.626   1.00 97.40  ? 8   G   A C6    1 
ATOM   164 O O6    . G   A 1 8  ? -1.277  -3.147  9.426   1.00 105.80 ? 8   G   A O6    1 
ATOM   165 N N1    . G   A 1 8  ? -2.074  -1.035  9.210   1.00 91.88  ? 8   G   A N1    1 
ATOM   166 C C2    . G   A 1 8  ? -2.000  0.321   9.378   1.00 91.14  ? 8   G   A C2    1 
ATOM   167 N N2    . G   A 1 8  ? -3.041  1.022   8.904   1.00 90.89  ? 8   G   A N2    1 
ATOM   168 N N3    . G   A 1 8  ? -0.981  0.930   9.965   1.00 95.57  ? 8   G   A N3    1 
ATOM   169 C C4    . G   A 1 8  ? -0.027  0.061   10.375  1.00 98.70  ? 8   G   A C4    1 
ATOM   170 P P     . C   A 1 9  ? 2.113   1.144   16.191  1.00 99.06  ? 9   C   A P     1 
ATOM   171 O OP1   . C   A 1 9  ? 2.313   1.917   17.449  1.00 90.97  ? 9   C   A OP1   1 
ATOM   172 O OP2   . C   A 1 9  ? 2.936   -0.071  15.923  1.00 99.42  ? 9   C   A OP2   1 
ATOM   173 O "O5'" . C   A 1 9  ? 0.583   0.702   16.102  1.00 100.06 ? 9   C   A "O5'" 1 
ATOM   174 C "C5'" . C   A 1 9  ? 0.095   -0.353  16.913  1.00 99.91  ? 9   C   A "C5'" 1 
ATOM   175 C "C4'" . C   A 1 9  ? -1.395  -0.270  17.108  1.00 99.44  ? 9   C   A "C4'" 1 
ATOM   176 O "O4'" . C   A 1 9  ? -1.754  0.946   17.816  1.00 106.29 ? 9   C   A "O4'" 1 
ATOM   177 C "C3'" . C   A 1 9  ? -2.235  -0.208  15.852  1.00 96.02  ? 9   C   A "C3'" 1 
ATOM   178 O "O3'" . C   A 1 9  ? -2.381  -1.458  15.227  1.00 97.54  ? 9   C   A "O3'" 1 
ATOM   179 C "C2'" . C   A 1 9  ? -3.543  0.377   16.361  1.00 103.95 ? 9   C   A "C2'" 1 
ATOM   180 O "O2'" . C   A 1 9  ? -4.314  -0.612  17.029  1.00 109.87 ? 9   C   A "O2'" 1 
ATOM   181 C "C1'" . C   A 1 9  ? -3.032  1.385   17.392  1.00 103.01 ? 9   C   A "C1'" 1 
ATOM   182 N N1    . C   A 1 9  ? -2.896  2.738   16.808  1.00 93.76  ? 9   C   A N1    1 
ATOM   183 C C2    . C   A 1 9  ? -4.043  3.467   16.481  1.00 93.27  ? 9   C   A C2    1 
ATOM   184 O O2    . C   A 1 9  ? -5.162  2.971   16.691  1.00 95.80  ? 9   C   A O2    1 
ATOM   185 N N3    . C   A 1 9  ? -3.901  4.700   15.942  1.00 93.46  ? 9   C   A N3    1 
ATOM   186 C C4    . C   A 1 9  ? -2.685  5.202   15.727  1.00 88.89  ? 9   C   A C4    1 
ATOM   187 N N4    . C   A 1 9  ? -2.589  6.417   15.194  1.00 83.41  ? 9   C   A N4    1 
ATOM   188 C C5    . C   A 1 9  ? -1.506  4.484   16.048  1.00 87.84  ? 9   C   A C5    1 
ATOM   189 C C6    . C   A 1 9  ? -1.659  3.269   16.581  1.00 93.42  ? 9   C   A C6    1 
ATOM   190 P P     . A   A 1 10 ? -1.970  -1.581  13.690  1.00 100.79 ? 10  A   A P     1 
ATOM   191 O OP1   . A   A 1 10 ? -1.944  -3.026  13.345  1.00 115.92 ? 10  A   A OP1   1 
ATOM   192 O OP2   . A   A 1 10 ? -0.792  -0.690  13.498  1.00 88.29  ? 10  A   A OP2   1 
ATOM   193 O "O5'" . A   A 1 10 ? -3.193  -0.934  12.904  1.00 105.92 ? 10  A   A "O5'" 1 
ATOM   194 C "C5'" . A   A 1 10 ? -4.519  -1.372  13.147  1.00 108.43 ? 10  A   A "C5'" 1 
ATOM   195 C "C4'" . A   A 1 10 ? -5.515  -0.263  12.925  1.00 99.20  ? 10  A   A "C4'" 1 
ATOM   196 O "O4'" . A   A 1 10 ? -5.140  0.894   13.708  1.00 94.86  ? 10  A   A "O4'" 1 
ATOM   197 C "C3'" . A   A 1 10 ? -5.616  0.275   11.507  1.00 96.12  ? 10  A   A "C3'" 1 
ATOM   198 O "O3'" . A   A 1 10 ? -6.439  -0.535  10.691  1.00 101.69 ? 10  A   A "O3'" 1 
ATOM   199 C "C2'" . A   A 1 10 ? -6.194  1.665   11.728  1.00 94.12  ? 10  A   A "C2'" 1 
ATOM   200 O "O2'" . A   A 1 10 ? -7.588  1.577   12.004  1.00 95.13  ? 10  A   A "O2'" 1 
ATOM   201 C "C1'" . A   A 1 10 ? -5.504  2.072   13.025  1.00 94.56  ? 10  A   A "C1'" 1 
ATOM   202 N N9    . A   A 1 10 ? -4.304  2.912   12.836  1.00 91.26  ? 10  A   A N9    1 
ATOM   203 C C8    . A   A 1 10 ? -3.001  2.553   13.040  1.00 95.32  ? 10  A   A C8    1 
ATOM   204 N N7    . A   A 1 10 ? -2.147  3.527   12.848  1.00 96.22  ? 10  A   A N7    1 
ATOM   205 C C5    . A   A 1 10 ? -2.934  4.615   12.513  1.00 91.42  ? 10  A   A C5    1 
ATOM   206 C C6    . A   A 1 10 ? -2.624  5.952   12.195  1.00 87.74  ? 10  A   A C6    1 
ATOM   207 N N6    . A   A 1 10 ? -1.384  6.439   12.149  1.00 87.93  ? 10  A   A N6    1 
ATOM   208 N N1    . A   A 1 10 ? -3.635  6.787   11.899  1.00 93.71  ? 10  A   A N1    1 
ATOM   209 C C2    . A   A 1 10 ? -4.878  6.297   11.947  1.00 106.57 ? 10  A   A C2    1 
ATOM   210 N N3    . A   A 1 10 ? -5.298  5.067   12.239  1.00 111.79 ? 10  A   A N3    1 
ATOM   211 C C4    . A   A 1 10 ? -4.265  4.253   12.514  1.00 98.22  ? 10  A   A C4    1 
ATOM   212 P P     . G   A 1 11 ? -5.970  -1.004  9.228   1.00 94.35  ? 11  G   A P     1 
ATOM   213 O OP1   . G   A 1 11 ? -7.186  -1.645  8.649   1.00 101.75 ? 11  G   A OP1   1 
ATOM   214 O OP2   . G   A 1 11 ? -4.668  -1.728  9.342   1.00 81.10  ? 11  G   A OP2   1 
ATOM   215 O "O5'" . G   A 1 11 ? -5.747  0.344   8.407   1.00 88.75  ? 11  G   A "O5'" 1 
ATOM   216 C "C5'" . G   A 1 11 ? -6.862  1.108   7.948   1.00 97.76  ? 11  G   A "C5'" 1 
ATOM   217 C "C4'" . G   A 1 11 ? -6.890  1.236   6.442   1.00 93.62  ? 11  G   A "C4'" 1 
ATOM   218 O "O4'" . G   A 1 11 ? -5.657  1.859   5.988   1.00 86.53  ? 11  G   A "O4'" 1 
ATOM   219 C "C3'" . G   A 1 11 ? -6.985  -0.079  5.696   1.00 93.09  ? 11  G   A "C3'" 1 
ATOM   220 O "O3'" . G   A 1 11 ? -7.616  0.167   4.440   1.00 97.55  ? 11  G   A "O3'" 1 
ATOM   221 C "C2'" . G   A 1 11 ? -5.515  -0.432  5.496   1.00 92.81  ? 11  G   A "C2'" 1 
ATOM   222 O "O2'" . G   A 1 11 ? -5.259  -1.369  4.477   1.00 99.87  ? 11  G   A "O2'" 1 
ATOM   223 C "C1'" . G   A 1 11 ? -4.905  0.944   5.211   1.00 93.23  ? 11  G   A "C1'" 1 
ATOM   224 N N9    . G   A 1 11 ? -3.509  1.070   5.642   1.00 91.77  ? 11  G   A N9    1 
ATOM   225 C C8    . G   A 1 11 ? -2.703  0.037   6.031   1.00 91.83  ? 11  G   A C8    1 
ATOM   226 N N7    . G   A 1 11 ? -1.511  0.422   6.389   1.00 91.53  ? 11  G   A N7    1 
ATOM   227 C C5    . G   A 1 11 ? -1.513  1.794   6.228   1.00 87.98  ? 11  G   A C5    1 
ATOM   228 C C6    . G   A 1 11 ? -0.485  2.745   6.463   1.00 87.43  ? 11  G   A C6    1 
ATOM   229 O O6    . G   A 1 11 ? 0.665   2.570   6.873   1.00 87.67  ? 11  G   A O6    1 
ATOM   230 N N1    . G   A 1 11 ? -0.893  4.035   6.184   1.00 87.12  ? 11  G   A N1    1 
ATOM   231 C C2    . G   A 1 11 ? -2.134  4.374   5.735   1.00 90.49  ? 11  G   A C2    1 
ATOM   232 N N2    . G   A 1 11 ? -2.318  5.690   5.529   1.00 80.31  ? 11  G   A N2    1 
ATOM   233 N N3    . G   A 1 11 ? -3.101  3.490   5.507   1.00 100.03 ? 11  G   A N3    1 
ATOM   234 C C4    . G   A 1 11 ? -2.736  2.215   5.768   1.00 91.93  ? 11  G   A C4    1 
ATOM   235 P P     . U   A 1 12 ? -9.179  -0.151  4.242   1.00 119.01 ? 12  U   A P     1 
ATOM   236 O OP1   . U   A 1 12 ? -9.954  0.780   5.129   1.00 99.94  ? 12  U   A OP1   1 
ATOM   237 O OP2   . U   A 1 12 ? -9.250  -1.637  4.367   1.00 98.11  ? 12  U   A OP2   1 
ATOM   238 O "O5'" . U   A 1 12 ? -9.465  0.224   2.720   1.00 122.96 ? 12  U   A "O5'" 1 
ATOM   239 P P     . A   A 1 13 ? -11.066 1.386   -0.783  0.93 193.15 ? 13  A   A P     1 
ATOM   240 O OP1   . A   A 1 13 ? -11.788 0.838   -1.962  0.93 201.35 ? 13  A   A OP1   1 
ATOM   241 O OP2   . A   A 1 13 ? -9.595  1.590   -0.905  0.93 173.70 ? 13  A   A OP2   1 
ATOM   242 O "O5'" . A   A 1 13 ? -11.801 2.729   -0.289  0.93 188.30 ? 13  A   A "O5'" 1 
ATOM   243 C "C5'" . A   A 1 13 ? -12.287 2.863   1.047   0.93 181.74 ? 13  A   A "C5'" 1 
ATOM   244 C "C4'" . A   A 1 13 ? -12.498 4.309   1.447   0.93 191.75 ? 13  A   A "C4'" 1 
ATOM   245 O "O4'" . A   A 1 13 ? -12.414 4.447   2.897   0.93 202.01 ? 13  A   A "O4'" 1 
ATOM   246 C "C3'" . A   A 1 13 ? -11.484 5.317   0.920   0.93 189.93 ? 13  A   A "C3'" 1 
ATOM   247 O "O3'" . A   A 1 13 ? -11.736 5.690   -0.435  0.93 184.85 ? 13  A   A "O3'" 1 
ATOM   248 C "C2'" . A   A 1 13 ? -11.584 6.471   1.940   0.93 193.57 ? 13  A   A "C2'" 1 
ATOM   249 O "O2'" . A   A 1 13 ? -12.658 7.362   1.663   0.93 200.09 ? 13  A   A "O2'" 1 
ATOM   250 C "C1'" . A   A 1 13 ? -11.896 5.727   3.241   0.93 195.07 ? 13  A   A "C1'" 1 
ATOM   251 N N9    . A   A 1 13 ? -10.725 5.576   4.153   0.93 185.08 ? 13  A   A N9    1 
ATOM   252 C C8    . A   A 1 13 ? -10.172 4.380   4.562   0.93 175.54 ? 13  A   A C8    1 
ATOM   253 N N7    . A   A 1 13 ? -9.159  4.480   5.389   0.93 167.36 ? 13  A   A N7    1 
ATOM   254 C C5    . A   A 1 13 ? -9.016  5.840   5.565   0.93 156.39 ? 13  A   A C5    1 
ATOM   255 C C6    . A   A 1 13 ? -8.095  6.563   6.337   0.93 128.86 ? 13  A   A C6    1 
ATOM   256 N N6    . A   A 1 13 ? -7.149  6.012   7.091   0.93 124.23 ? 13  A   A N6    1 
ATOM   257 N N1    . A   A 1 13 ? -8.192  7.898   6.303   0.93 137.85 ? 13  A   A N1    1 
ATOM   258 C C2    . A   A 1 13 ? -9.163  8.442   5.546   0.93 161.61 ? 13  A   A C2    1 
ATOM   259 N N3    . A   A 1 13 ? -10.095 7.871   4.774   0.93 169.25 ? 13  A   A N3    1 
ATOM   260 C C4    . A   A 1 13 ? -9.971  6.536   4.823   0.93 170.14 ? 13  A   A C4    1 
ATOM   261 P P     . A   A 1 14 ? -10.596 5.623   -1.581  1.00 168.37 ? 14  A   A P     1 
ATOM   262 O OP1   . A   A 1 14 ? -11.295 5.499   -2.887  1.00 156.77 ? 14  A   A OP1   1 
ATOM   263 O OP2   . A   A 1 14 ? -9.559  4.618   -1.232  1.00 169.44 ? 14  A   A OP2   1 
ATOM   264 O "O5'" . A   A 1 14 ? -9.900  7.059   -1.510  1.00 160.68 ? 14  A   A "O5'" 1 
ATOM   265 C "C5'" . A   A 1 14 ? -10.637 8.215   -1.123  1.00 150.02 ? 14  A   A "C5'" 1 
ATOM   266 C "C4'" . A   A 1 14 ? -9.802  9.143   -0.279  1.00 128.89 ? 14  A   A "C4'" 1 
ATOM   267 O "O4'" . A   A 1 14 ? -9.823  8.721   1.104   1.00 118.53 ? 14  A   A "O4'" 1 
ATOM   268 C "C3'" . A   A 1 14 ? -8.330  9.169   -0.620  1.00 123.54 ? 14  A   A "C3'" 1 
ATOM   269 O "O3'" . A   A 1 14 ? -8.054  9.959   -1.751  1.00 131.44 ? 14  A   A "O3'" 1 
ATOM   270 C "C2'" . A   A 1 14 ? -7.687  9.669   0.665   1.00 111.04 ? 14  A   A "C2'" 1 
ATOM   271 O "O2'" . A   A 1 14 ? -7.796  11.085  0.769   1.00 109.15 ? 14  A   A "O2'" 1 
ATOM   272 C "C1'" . A   A 1 14 ? -8.587  9.023   1.718   1.00 107.53 ? 14  A   A "C1'" 1 
ATOM   273 N N9    . A   A 1 14 ? -8.018  7.783   2.270   1.00 106.58 ? 14  A   A N9    1 
ATOM   274 C C8    . A   A 1 14 ? -8.479  6.511   2.105   1.00 115.70 ? 14  A   A C8    1 
ATOM   275 N N7    . A   A 1 14 ? -7.799  5.583   2.721   1.00 109.32 ? 14  A   A N7    1 
ATOM   276 C C5    . A   A 1 14 ? -6.800  6.308   3.328   1.00 104.47 ? 14  A   A C5    1 
ATOM   277 C C6    . A   A 1 14 ? -5.745  5.898   4.131   1.00 106.28 ? 14  A   A C6    1 
ATOM   278 N N6    . A   A 1 14 ? -5.536  4.617   4.443   1.00 106.92 ? 14  A   A N6    1 
ATOM   279 N N1    . A   A 1 14 ? -4.912  6.851   4.591   1.00 107.90 ? 14  A   A N1    1 
ATOM   280 C C2    . A   A 1 14 ? -5.147  8.123   4.257   1.00 109.22 ? 14  A   A C2    1 
ATOM   281 N N3    . A   A 1 14 ? -6.115  8.635   3.505   1.00 111.88 ? 14  A   A N3    1 
ATOM   282 C C4    . A   A 1 14 ? -6.919  7.659   3.070   1.00 109.31 ? 14  A   A C4    1 
ATOM   283 P P     . C   A 1 15 ? -7.115  9.337   -2.879  1.00 122.85 ? 15  C   A P     1 
ATOM   284 O OP1   . C   A 1 15 ? -7.005  10.252  -4.050  1.00 107.08 ? 15  C   A OP1   1 
ATOM   285 O OP2   . C   A 1 15 ? -7.640  7.953   -3.068  1.00 122.23 ? 15  C   A OP2   1 
ATOM   286 O "O5'" . C   A 1 15 ? -5.691  9.314   -2.160  1.00 114.03 ? 15  C   A "O5'" 1 
ATOM   287 C "C5'" . C   A 1 15 ? -5.032  10.529  -1.849  1.00 97.45  ? 15  C   A "C5'" 1 
ATOM   288 C "C4'" . C   A 1 15 ? -3.967  10.335  -0.805  1.00 93.00  ? 15  C   A "C4'" 1 
ATOM   289 O "O4'" . C   A 1 15 ? -4.497  9.590   0.312   1.00 92.76  ? 15  C   A "O4'" 1 
ATOM   290 C "C3'" . C   A 1 15 ? -2.773  9.520   -1.231  1.00 97.99  ? 15  C   A "C3'" 1 
ATOM   291 O "O3'" . C   A 1 15 ? -1.874  10.252  -2.024  1.00 108.19 ? 15  C   A "O3'" 1 
ATOM   292 C "C2'" . C   A 1 15 ? -2.193  9.049   0.097   1.00 93.17  ? 15  C   A "C2'" 1 
ATOM   293 O "O2'" . C   A 1 15 ? -1.405  10.063  0.704   1.00 87.65  ? 15  C   A "O2'" 1 
ATOM   294 C "C1'" . C   A 1 15 ? -3.464  8.851   0.925   1.00 89.43  ? 15  C   A "C1'" 1 
ATOM   295 N N1    . C   A 1 15 ? -3.873  7.437   0.998   1.00 95.40  ? 15  C   A N1    1 
ATOM   296 C C2    . C   A 1 15 ? -3.172  6.629   1.882   1.00 98.18  ? 15  C   A C2    1 
ATOM   297 O O2    . C   A 1 15 ? -2.251  7.142   2.543   1.00 96.04  ? 15  C   A O2    1 
ATOM   298 N N3    . C   A 1 15 ? -3.525  5.326   1.978   1.00 98.26  ? 15  C   A N3    1 
ATOM   299 C C4    . C   A 1 15 ? -4.533  4.847   1.242   1.00 96.01  ? 15  C   A C4    1 
ATOM   300 N N4    . C   A 1 15 ? -4.841  3.557   1.380   1.00 91.18  ? 15  C   A N4    1 
ATOM   301 C C5    . C   A 1 15 ? -5.265  5.660   0.327   1.00 97.45  ? 15  C   A C5    1 
ATOM   302 C C6    . C   A 1 15 ? -4.900  6.944   0.241   1.00 99.71  ? 15  C   A C6    1 
ATOM   303 P P     . C   A 1 16 ? -1.176  9.478   -3.226  1.00 89.06  ? 16  C   A P     1 
ATOM   304 O OP1   . C   A 1 16 ? -0.557  10.474  -4.158  1.00 72.66  ? 16  C   A OP1   1 
ATOM   305 O OP2   . C   A 1 16 ? -2.246  8.506   -3.643  1.00 65.78  ? 16  C   A OP2   1 
ATOM   306 O "O5'" . C   A 1 16 ? -0.003  8.671   -2.501  1.00 95.37  ? 16  C   A "O5'" 1 
ATOM   307 C "C5'" . C   A 1 16 ? 1.019   9.360   -1.793  1.00 89.33  ? 16  C   A "C5'" 1 
ATOM   308 C "C4'" . C   A 1 16 ? 1.989   8.421   -1.111  1.00 83.82  ? 16  C   A "C4'" 1 
ATOM   309 O "O4'" . C   A 1 16 ? 1.328   7.636   -0.089  1.00 87.42  ? 16  C   A "O4'" 1 
ATOM   310 C "C3'" . C   A 1 16 ? 2.647   7.383   -1.985  1.00 67.85  ? 16  C   A "C3'" 1 
ATOM   311 O "O3'" . C   A 1 16 ? 3.705   7.926   -2.733  1.00 79.89  ? 16  C   A "O3'" 1 
ATOM   312 C "C2'" . C   A 1 16 ? 3.107   6.353   -0.972  1.00 75.81  ? 16  C   A "C2'" 1 
ATOM   313 O "O2'" . C   A 1 16 ? 4.257   6.833   -0.293  1.00 84.48  ? 16  C   A "O2'" 1 
ATOM   314 C "C1'" . C   A 1 16 ? 1.950   6.376   0.018   1.00 76.05  ? 16  C   A "C1'" 1 
ATOM   315 N N1    . C   A 1 16 ? 0.930   5.339   -0.241  1.00 76.04  ? 16  C   A N1    1 
ATOM   316 C C2    . C   A 1 16 ? 1.149   4.021   0.152   1.00 83.40  ? 16  C   A C2    1 
ATOM   317 O O2    . C   A 1 16 ? 2.232   3.733   0.681   1.00 89.85  ? 16  C   A O2    1 
ATOM   318 N N3    . C   A 1 16 ? 0.182   3.094   -0.061  1.00 84.71  ? 16  C   A N3    1 
ATOM   319 C C4    . C   A 1 16 ? -0.974  3.460   -0.623  1.00 77.47  ? 16  C   A C4    1 
ATOM   320 N N4    . C   A 1 16 ? -1.922  2.543   -0.819  1.00 71.95  ? 16  C   A N4    1 
ATOM   321 C C5    . C   A 1 16 ? -1.221  4.802   -1.016  1.00 78.38  ? 16  C   A C5    1 
ATOM   322 C C6    . C   A 1 16 ? -0.256  5.699   -0.803  1.00 79.33  ? 16  C   A C6    1 
ATOM   323 P P     . C   A 1 17 ? 3.917   7.413   -4.230  1.00 91.40  ? 17  C   A P     1 
ATOM   324 O OP1   . C   A 1 17 ? 4.945   8.280   -4.894  1.00 80.83  ? 17  C   A OP1   1 
ATOM   325 O OP2   . C   A 1 17 ? 2.520   7.242   -4.747  1.00 60.08  ? 17  C   A OP2   1 
ATOM   326 O "O5'" . C   A 1 17 ? 4.617   5.990   -4.036  1.00 87.67  ? 17  C   A "O5'" 1 
ATOM   327 C "C5'" . C   A 1 17 ? 5.851   5.903   -3.336  1.00 79.15  ? 17  C   A "C5'" 1 
ATOM   328 C "C4'" . C   A 1 17 ? 6.285   4.474   -3.136  1.00 80.06  ? 17  C   A "C4'" 1 
ATOM   329 O "O4'" . C   A 1 17 ? 5.417   3.810   -2.189  1.00 75.00  ? 17  C   A "O4'" 1 
ATOM   330 C "C3'" . C   A 1 17 ? 6.225   3.584   -4.364  1.00 75.58  ? 17  C   A "C3'" 1 
ATOM   331 O "O3'" . C   A 1 17 ? 7.328   3.753   -5.211  1.00 70.11  ? 17  C   A "O3'" 1 
ATOM   332 C "C2'" . C   A 1 17 ? 6.162   2.204   -3.759  1.00 70.18  ? 17  C   A "C2'" 1 
ATOM   333 O "O2'" . C   A 1 17 ? 7.446   1.865   -3.254  1.00 77.84  ? 17  C   A "O2'" 1 
ATOM   334 C "C1'" . C   A 1 17 ? 5.243   2.460   -2.572  1.00 66.14  ? 17  C   A "C1'" 1 
ATOM   335 N N1    . C   A 1 17 ? 3.811   2.265   -2.889  1.00 65.48  ? 17  C   A N1    1 
ATOM   336 C C2    . C   A 1 17 ? 3.277   0.978   -2.921  1.00 68.46  ? 17  C   A C2    1 
ATOM   337 O O2    . C   A 1 17 ? 4.027   0.019   -2.729  1.00 80.15  ? 17  C   A O2    1 
ATOM   338 N N3    . C   A 1 17 ? 1.959   0.809   -3.159  1.00 71.59  ? 17  C   A N3    1 
ATOM   339 C C4    . C   A 1 17 ? 1.185   1.874   -3.355  1.00 66.90  ? 17  C   A C4    1 
ATOM   340 N N4    . C   A 1 17 ? -0.097  1.659   -3.593  1.00 57.69  ? 17  C   A N4    1 
ATOM   341 C C5    . C   A 1 17 ? 1.685   3.202   -3.327  1.00 71.13  ? 17  C   A C5    1 
ATOM   342 C C6    . C   A 1 17 ? 2.993   3.347   -3.084  1.00 74.69  ? 17  C   A C6    1 
ATOM   343 P P     . C   A 1 18 ? 7.105   3.574   -6.773  1.00 72.65  ? 18  C   A P     1 
ATOM   344 O OP1   . C   A 1 18 ? 8.388   4.030   -7.362  1.00 82.77  ? 18  C   A OP1   1 
ATOM   345 O OP2   . C   A 1 18 ? 5.847   4.230   -7.204  1.00 57.86  ? 18  C   A OP2   1 
ATOM   346 O "O5'" . C   A 1 18 ? 6.942   1.994   -6.916  1.00 80.88  ? 18  C   A "O5'" 1 
ATOM   347 C "C5'" . C   A 1 18 ? 8.047   1.145   -6.637  1.00 75.41  ? 18  C   A "C5'" 1 
ATOM   348 C "C4'" . C   A 1 18 ? 7.680   -0.318  -6.646  1.00 66.74  ? 18  C   A "C4'" 1 
ATOM   349 O "O4'" . C   A 1 18 ? 6.682   -0.582  -5.628  1.00 76.63  ? 18  C   A "O4'" 1 
ATOM   350 C "C3'" . C   A 1 18 ? 7.047   -0.865  -7.914  1.00 59.56  ? 18  C   A "C3'" 1 
ATOM   351 O "O3'" . C   A 1 18 ? 7.969   -1.121  -8.950  1.00 62.33  ? 18  C   A "O3'" 1 
ATOM   352 C "C2'" . C   A 1 18 ? 6.352   -2.113  -7.406  1.00 70.45  ? 18  C   A "C2'" 1 
ATOM   353 O "O2'" . C   A 1 18 ? 7.288   -3.152  -7.153  1.00 75.17  ? 18  C   A "O2'" 1 
ATOM   354 C "C1'" . C   A 1 18 ? 5.824   -1.618  -6.063  1.00 72.04  ? 18  C   A "C1'" 1 
ATOM   355 N N1    . C   A 1 18 ? 4.458   -1.082  -6.195  1.00 56.63  ? 18  C   A N1    1 
ATOM   356 C C2    . C   A 1 18 ? 3.413   -1.995  -6.350  1.00 58.99  ? 18  C   A C2    1 
ATOM   357 O O2    . C   A 1 18 ? 3.631   -3.204  -6.365  1.00 81.00  ? 18  C   A O2    1 
ATOM   358 N N3    . C   A 1 18 ? 2.160   -1.555  -6.475  1.00 77.61  ? 18  C   A N3    1 
ATOM   359 C C4    . C   A 1 18 ? 1.933   -0.246  -6.453  1.00 73.45  ? 18  C   A C4    1 
ATOM   360 N N4    . C   A 1 18 ? 0.665   0.123   -6.587  1.00 57.64  ? 18  C   A N4    1 
ATOM   361 C C5    . C   A 1 18 ? 2.979   0.718   -6.304  1.00 70.77  ? 18  C   A C5    1 
ATOM   362 C C6    . C   A 1 18 ? 4.229   0.263   -6.178  1.00 62.92  ? 18  C   A C6    1 
ATOM   363 P P     . A   A 1 19 ? 7.576   -0.741  -10.457 1.00 65.56  ? 19  A   A P     1 
ATOM   364 O OP1   . A   A 1 19 ? 8.835   -0.775  -11.246 1.00 73.07  ? 19  A   A OP1   1 
ATOM   365 O OP2   . A   A 1 19 ? 6.743   0.482   -10.437 1.00 61.61  ? 19  A   A OP2   1 
ATOM   366 O "O5'" . A   A 1 19 ? 6.577   -1.896  -10.908 1.00 63.38  ? 19  A   A "O5'" 1 
ATOM   367 C "C5'" . A   A 1 19 ? 7.023   -3.233  -11.002 1.00 56.00  ? 19  A   A "C5'" 1 
ATOM   368 C "C4'" . A   A 1 19 ? 5.885   -4.212  -10.895 1.00 59.49  ? 19  A   A "C4'" 1 
ATOM   369 O "O4'" . A   A 1 19 ? 5.040   -3.879  -9.765  1.00 66.18  ? 19  A   A "O4'" 1 
ATOM   370 C "C3'" . A   A 1 19 ? 4.920   -4.263  -12.067 1.00 50.74  ? 19  A   A "C3'" 1 
ATOM   371 O "O3'" . A   A 1 19 ? 5.414   -5.011  -13.156 1.00 50.16  ? 19  A   A "O3'" 1 
ATOM   372 C "C2'" . A   A 1 19 ? 3.677   -4.872  -11.439 1.00 56.64  ? 19  A   A "C2'" 1 
ATOM   373 O "O2'" . A   A 1 19 ? 3.802   -6.285  -11.317 1.00 51.65  ? 19  A   A "O2'" 1 
ATOM   374 C "C1'" . A   A 1 19 ? 3.705   -4.256  -10.039 1.00 69.42  ? 19  A   A "C1'" 1 
ATOM   375 N N9    . A   A 1 19 ? 2.819   -3.072  -9.930  1.00 75.15  ? 19  A   A N9    1 
ATOM   376 C C8    . A   A 1 19 ? 3.190   -1.778  -9.707  1.00 70.59  ? 19  A   A C8    1 
ATOM   377 N N7    . A   A 1 19 ? 2.173   -0.952  -9.657  1.00 77.98  ? 19  A   A N7    1 
ATOM   378 C C5    . A   A 1 19 ? 1.062   -1.747  -9.853  1.00 68.45  ? 19  A   A C5    1 
ATOM   379 C C6    . A   A 1 19 ? -0.311  -1.463  -9.902  1.00 71.65  ? 19  A   A C6    1 
ATOM   380 N N6    . A   A 1 19 ? -0.801  -0.238  -9.756  1.00 72.21  ? 19  A   A N6    1 
ATOM   381 N N1    . A   A 1 19 ? -1.181  -2.466  -10.116 1.00 65.76  ? 19  A   A N1    1 
ATOM   382 C C2    . A   A 1 19 ? -0.669  -3.684  -10.262 1.00 65.83  ? 19  A   A C2    1 
ATOM   383 N N3    . A   A 1 19 ? 0.603   -4.073  -10.225 1.00 72.64  ? 19  A   A N3    1 
ATOM   384 C C4    . A   A 1 19 ? 1.439   -3.050  -10.017 1.00 67.86  ? 19  A   A C4    1 
ATOM   385 P P     . G   A 1 20 ? 4.802   -4.790  -14.626 1.00 62.82  ? 20  G   A P     1 
ATOM   386 O OP1   . G   A 1 20 ? 5.537   -5.658  -15.606 1.00 55.72  ? 20  G   A OP1   1 
ATOM   387 O OP2   . G   A 1 20 ? 4.761   -3.310  -14.878 1.00 52.59  ? 20  G   A OP2   1 
ATOM   388 O "O5'" . G   A 1 20 ? 3.319   -5.354  -14.494 1.00 49.31  ? 20  G   A "O5'" 1 
ATOM   389 C "C5'" . G   A 1 20 ? 3.060   -6.733  -14.256 1.00 48.77  ? 20  G   A "C5'" 1 
ATOM   390 C "C4'" . G   A 1 20 ? 1.641   -7.083  -14.613 1.00 56.18  ? 20  G   A "C4'" 1 
ATOM   391 O "O4'" . G   A 1 20 ? 0.742   -6.208  -13.876 1.00 63.90  ? 20  G   A "O4'" 1 
ATOM   392 C "C3'" . G   A 1 20 ? 1.308   -6.864  -16.080 1.00 51.31  ? 20  G   A "C3'" 1 
ATOM   393 O "O3'" . G   A 1 20 ? 0.170   -7.659  -16.408 1.00 63.40  ? 20  G   A "O3'" 1 
ATOM   394 C "C2'" . G   A 1 20 ? 0.884   -5.406  -16.084 1.00 53.28  ? 20  G   A "C2'" 1 
ATOM   395 O "O2'" . G   A 1 20 ? 0.154   -5.032  -17.233 1.00 57.69  ? 20  G   A "O2'" 1 
ATOM   396 C "C1'" . G   A 1 20 ? 0.072   -5.341  -14.779 1.00 61.51  ? 20  G   A "C1'" 1 
ATOM   397 N N9    . G   A 1 20 ? -0.017  -4.021  -14.139 1.00 77.04  ? 20  G   A N9    1 
ATOM   398 C C8    . G   A 1 20 ? 0.982   -3.298  -13.514 1.00 75.84  ? 20  G   A C8    1 
ATOM   399 N N7    . G   A 1 20 ? 0.581   -2.156  -13.003 1.00 65.27  ? 20  G   A N7    1 
ATOM   400 C C5    . G   A 1 20 ? -0.772  -2.129  -13.295 1.00 63.86  ? 20  G   A C5    1 
ATOM   401 C C6    . G   A 1 20 ? -1.739  -1.150  -13.010 1.00 75.49  ? 20  G   A C6    1 
ATOM   402 O O6    . G   A 1 20 ? -1.609  -0.067  -12.422 1.00 80.09  ? 20  G   A O6    1 
ATOM   403 N N1    . G   A 1 20 ? -2.979  -1.535  -13.485 1.00 73.06  ? 20  G   A N1    1 
ATOM   404 C C2    . G   A 1 20 ? -3.269  -2.690  -14.143 1.00 64.83  ? 20  G   A C2    1 
ATOM   405 N N2    . G   A 1 20 ? -4.543  -2.861  -14.511 1.00 63.09  ? 20  G   A N2    1 
ATOM   406 N N3    . G   A 1 20 ? -2.378  -3.610  -14.425 1.00 68.21  ? 20  G   A N3    1 
ATOM   407 C C4    . G   A 1 20 ? -1.159  -3.266  -13.971 1.00 69.85  ? 20  G   A C4    1 
ATOM   408 P P     . U   A 1 21 ? 0.300   -9.095  -17.130 1.00 68.46  ? 21  U   A P     1 
ATOM   409 O OP1   . U   A 1 21 ? 1.584   -9.757  -16.772 1.00 65.79  ? 21  U   A OP1   1 
ATOM   410 O OP2   . U   A 1 21 ? -0.080  -8.942  -18.557 1.00 53.52  ? 21  U   A OP2   1 
ATOM   411 O "O5'" . U   A 1 21 ? -0.834  -9.946  -16.423 1.00 48.52  ? 21  U   A "O5'" 1 
ATOM   412 C "C5'" . U   A 1 21 ? -0.613  -10.482 -15.129 1.00 63.29  ? 21  U   A "C5'" 1 
ATOM   413 C "C4'" . U   A 1 21 ? -1.847  -11.168 -14.648 1.00 69.33  ? 21  U   A "C4'" 1 
ATOM   414 O "O4'" . U   A 1 21 ? -2.792  -10.150 -14.233 1.00 87.65  ? 21  U   A "O4'" 1 
ATOM   415 C "C3'" . U   A 1 21 ? -2.552  -11.985 -15.722 1.00 69.32  ? 21  U   A "C3'" 1 
ATOM   416 O "O3'" . U   A 1 21 ? -3.214  -13.087 -15.108 1.00 79.31  ? 21  U   A "O3'" 1 
ATOM   417 C "C2'" . U   A 1 21 ? -3.579  -11.004 -16.273 1.00 73.62  ? 21  U   A "C2'" 1 
ATOM   418 O "O2'" . U   A 1 21 ? -4.691  -11.605 -16.900 1.00 78.68  ? 21  U   A "O2'" 1 
ATOM   419 C "C1'" . U   A 1 21 ? -3.972  -10.249 -15.008 1.00 88.69  ? 21  U   A "C1'" 1 
ATOM   420 N N1    . U   A 1 21 ? -4.482  -8.892  -15.234 1.00 83.28  ? 21  U   A N1    1 
ATOM   421 C C2    . U   A 1 21 ? -5.800  -8.684  -14.896 1.00 83.44  ? 21  U   A C2    1 
ATOM   422 O O2    . U   A 1 21 ? -6.499  -9.578  -14.443 1.00 83.17  ? 21  U   A O2    1 
ATOM   423 N N3    . U   A 1 21 ? -6.244  -7.399  -15.100 1.00 80.98  ? 21  U   A N3    1 
ATOM   424 C C4    . U   A 1 21 ? -5.497  -6.352  -15.606 1.00 82.17  ? 21  U   A C4    1 
ATOM   425 O O4    . U   A 1 21 ? -6.022  -5.252  -15.749 1.00 92.21  ? 21  U   A O4    1 
ATOM   426 C C5    . U   A 1 21 ? -4.138  -6.658  -15.928 1.00 80.60  ? 21  U   A C5    1 
ATOM   427 C C6    . U   A 1 21 ? -3.685  -7.895  -15.735 1.00 81.85  ? 21  U   A C6    1 
ATOM   428 P P     . U   A 1 22 ? -2.819  -14.597 -15.516 1.00 82.32  ? 22  U   A P     1 
ATOM   429 O OP1   . U   A 1 22 ? -2.538  -14.627 -16.994 1.00 53.38  ? 22  U   A OP1   1 
ATOM   430 O OP2   . U   A 1 22 ? -3.881  -15.440 -14.867 1.00 72.04  ? 22  U   A OP2   1 
ATOM   431 O "O5'" . U   A 1 22 ? -1.393  -14.844 -14.832 1.00 70.82  ? 22  U   A "O5'" 1 
ATOM   432 C "C5'" . U   A 1 22 ? -1.267  -15.152 -13.444 1.00 65.26  ? 22  U   A "C5'" 1 
ATOM   433 C "C4'" . U   A 1 22 ? 0.175   -15.138 -12.982 1.00 59.04  ? 22  U   A "C4'" 1 
ATOM   434 O "O4'" . U   A 1 22 ? 0.943   -16.094 -13.750 1.00 67.24  ? 22  U   A "O4'" 1 
ATOM   435 C "C3'" . U   A 1 22 ? 0.902   -13.814 -13.122 1.00 59.99  ? 22  U   A "C3'" 1 
ATOM   436 O "O3'" . U   A 1 22 ? 1.853   -13.710 -12.063 1.00 58.78  ? 22  U   A "O3'" 1 
ATOM   437 C "C2'" . U   A 1 22 ? 1.610   -13.958 -14.473 1.00 54.34  ? 22  U   A "C2'" 1 
ATOM   438 O "O2'" . U   A 1 22 ? 2.756   -13.152 -14.628 1.00 59.27  ? 22  U   A "O2'" 1 
ATOM   439 C "C1'" . U   A 1 22 ? 1.966   -15.436 -14.478 1.00 58.83  ? 22  U   A "C1'" 1 
ATOM   440 N N1    . U   A 1 22 ? 2.009   -16.061 -15.817 1.00 74.44  ? 22  U   A N1    1 
ATOM   441 C C2    . U   A 1 22 ? 3.183   -16.624 -16.285 1.00 77.05  ? 22  U   A C2    1 
ATOM   442 O O2    . U   A 1 22 ? 4.215   -16.598 -15.646 1.00 81.20  ? 22  U   A O2    1 
ATOM   443 N N3    . U   A 1 22 ? 3.108   -17.220 -17.523 1.00 71.20  ? 22  U   A N3    1 
ATOM   444 C C4    . U   A 1 22 ? 1.998   -17.317 -18.331 1.00 69.25  ? 22  U   A C4    1 
ATOM   445 O O4    . U   A 1 22 ? 2.053   -17.868 -19.428 1.00 63.89  ? 22  U   A O4    1 
ATOM   446 C C5    . U   A 1 22 ? 0.831   -16.728 -17.776 1.00 74.59  ? 22  U   A C5    1 
ATOM   447 C C6    . U   A 1 22 ? 0.873   -16.137 -16.579 1.00 75.27  ? 22  U   A C6    1 
ATOM   448 P P     . A   A 1 23 ? 1.401   -13.150 -10.615 1.00 64.28  ? 23  A   A P     1 
ATOM   449 O OP1   . A   A 1 23 ? 2.522   -13.377 -9.658  1.00 67.54  ? 23  A   A OP1   1 
ATOM   450 O OP2   . A   A 1 23 ? 0.045   -13.663 -10.258 1.00 59.90  ? 23  A   A OP2   1 
ATOM   451 O "O5'" . A   A 1 23 ? 1.263   -11.580 -10.855 1.00 62.54  ? 23  A   A "O5'" 1 
ATOM   452 C "C5'" . A   A 1 23 ? 2.322   -10.842 -11.444 1.00 64.45  ? 23  A   A "C5'" 1 
ATOM   453 C "C4'" . A   A 1 23 ? 2.111   -9.363  -11.273 1.00 61.53  ? 23  A   A "C4'" 1 
ATOM   454 O "O4'" . A   A 1 23 ? 0.972   -8.938  -12.062 1.00 56.39  ? 23  A   A "O4'" 1 
ATOM   455 C "C3'" . A   A 1 23 ? 1.814   -8.929  -9.845  1.00 56.63  ? 23  A   A "C3'" 1 
ATOM   456 O "O3'" . A   A 1 23 ? 3.014   -8.566  -9.197  1.00 55.61  ? 23  A   A "O3'" 1 
ATOM   457 C "C2'" . A   A 1 23 ? 0.899   -7.737  -10.013 1.00 61.90  ? 23  A   A "C2'" 1 
ATOM   458 O "O2'" . A   A 1 23 ? 1.691   -6.582  -10.173 1.00 65.68  ? 23  A   A "O2'" 1 
ATOM   459 C "C1'" . A   A 1 23 ? 0.187   -8.039  -11.337 1.00 65.88  ? 23  A   A "C1'" 1 
ATOM   460 N N9    . A   A 1 23 ? -1.139  -8.659  -11.153 1.00 75.20  ? 23  A   A N9    1 
ATOM   461 C C8    . A   A 1 23 ? -1.445  -9.841  -10.529 1.00 75.92  ? 23  A   A C8    1 
ATOM   462 N N7    . A   A 1 23 ? -2.724  -10.128 -10.541 1.00 77.79  ? 23  A   A N7    1 
ATOM   463 C C5    . A   A 1 23 ? -3.290  -9.067  -11.237 1.00 78.00  ? 23  A   A C5    1 
ATOM   464 C C6    . A   A 1 23 ? -4.618  -8.774  -11.594 1.00 84.77  ? 23  A   A C6    1 
ATOM   465 N N6    . A   A 1 23 ? -5.647  -9.569  -11.287 1.00 91.97  ? 23  A   A N6    1 
ATOM   466 N N1    . A   A 1 23 ? -4.849  -7.627  -12.273 1.00 73.86  ? 23  A   A N1    1 
ATOM   467 C C2    . A   A 1 23 ? -3.807  -6.850  -12.578 1.00 65.04  ? 23  A   A C2    1 
ATOM   468 N N3    . A   A 1 23 ? -2.518  -7.016  -12.308 1.00 62.05  ? 23  A   A N3    1 
ATOM   469 C C4    . A   A 1 23 ? -2.326  -8.159  -11.626 1.00 71.92  ? 23  A   A C4    1 
ATOM   470 P P     . A   A 1 24 ? 3.165   -8.600  -7.605  1.00 74.51  ? 24  A   A P     1 
ATOM   471 O OP1   . A   A 1 24 ? 2.285   -9.662  -7.044  1.00 74.00  ? 24  A   A OP1   1 
ATOM   472 O OP2   . A   A 1 24 ? 3.087   -7.175  -7.154  1.00 67.93  ? 24  A   A OP2   1 
ATOM   473 O "O5'" . A   A 1 24 ? 4.675   -9.094  -7.391  1.00 77.31  ? 24  A   A "O5'" 1 
ATOM   474 C "C5'" . A   A 1 24 ? 5.209   -10.164 -8.166  1.00 75.08  ? 24  A   A "C5'" 1 
ATOM   475 C "C4'" . A   A 1 24 ? 6.726   -10.268 -8.120  1.00 67.82  ? 24  A   A "C4'" 1 
ATOM   476 O "O4'" . A   A 1 24 ? 7.331   -9.376  -9.082  1.00 57.92  ? 24  A   A "O4'" 1 
ATOM   477 C "C3'" . A   A 1 24 ? 7.429   -9.924  -6.816  1.00 63.22  ? 24  A   A "C3'" 1 
ATOM   478 O "O3'" . A   A 1 24 ? 7.348   -10.957 -5.855  1.00 71.36  ? 24  A   A "O3'" 1 
ATOM   479 C "C2'" . A   A 1 24 ? 8.855   -9.638  -7.272  1.00 63.32  ? 24  A   A "C2'" 1 
ATOM   480 O "O2'" . A   A 1 24 ? 9.576   -10.850 -7.468  1.00 63.93  ? 24  A   A "O2'" 1 
ATOM   481 C "C1'" . A   A 1 24 ? 8.615   -8.996  -8.642  1.00 60.92  ? 24  A   A "C1'" 1 
ATOM   482 N N9    . A   A 1 24 ? 8.671   -7.529  -8.610  1.00 68.67  ? 24  A   A N9    1 
ATOM   483 C C8    . A   A 1 24 ? 7.610   -6.676  -8.662  1.00 71.67  ? 24  A   A C8    1 
ATOM   484 N N7    . A   A 1 24 ? 7.953   -5.414  -8.621  1.00 82.50  ? 24  A   A N7    1 
ATOM   485 C C5    . A   A 1 24 ? 9.337   -5.425  -8.551  1.00 77.92  ? 24  A   A C5    1 
ATOM   486 C C6    . A   A 1 24 ? 10.299  -4.391  -8.490  1.00 80.45  ? 24  A   A C6    1 
ATOM   487 N N6    . A   A 1 24 ? 10.027  -3.078  -8.487  1.00 83.98  ? 24  A   A N6    1 
ATOM   488 N N1    . A   A 1 24 ? 11.593  -4.762  -8.429  1.00 74.30  ? 24  A   A N1    1 
ATOM   489 C C2    . A   A 1 24 ? 11.879  -6.072  -8.428  1.00 83.94  ? 24  A   A C2    1 
ATOM   490 N N3    . A   A 1 24 ? 11.067  -7.131  -8.483  1.00 89.24  ? 24  A   A N3    1 
ATOM   491 C C4    . A   A 1 24 ? 9.789   -6.733  -8.549  1.00 77.65  ? 24  A   A C4    1 
ATOM   492 P P     . C   A 1 25 ? 7.181   -10.573 -4.309  1.00 79.04  ? 25  C   A P     1 
ATOM   493 O OP1   . C   A 1 25 ? 6.943   -11.761 -3.429  1.00 71.73  ? 25  C   A OP1   1 
ATOM   494 O OP2   . C   A 1 25 ? 6.186   -9.468  -4.243  1.00 91.06  ? 25  C   A OP2   1 
ATOM   495 O "O5'" . C   A 1 25 ? 8.618   -9.999  -3.960  1.00 78.30  ? 25  C   A "O5'" 1 
ATOM   496 C "C5'" . C   A 1 25 ? 9.701   -10.886 -3.772  1.00 68.36  ? 25  C   A "C5'" 1 
ATOM   497 C "C4'" . C   A 1 25 ? 11.013  -10.162 -3.831  1.00 68.85  ? 25  C   A "C4'" 1 
ATOM   498 O "O4'" . C   A 1 25 ? 11.017  -9.234  -4.943  1.00 76.89  ? 25  C   A "O4'" 1 
ATOM   499 C "C3'" . C   A 1 25 ? 11.348  -9.282  -2.646  1.00 70.58  ? 25  C   A "C3'" 1 
ATOM   500 O "O3'" . C   A 1 25 ? 11.778  -9.998  -1.508  1.00 82.87  ? 25  C   A "O3'" 1 
ATOM   501 C "C2'" . C   A 1 25 ? 12.409  -8.358  -3.217  1.00 70.03  ? 25  C   A "C2'" 1 
ATOM   502 O "O2'" . C   A 1 25 ? 13.665  -9.021  -3.255  1.00 78.95  ? 25  C   A "O2'" 1 
ATOM   503 C "C1'" . C   A 1 25 ? 11.894  -8.162  -4.653  1.00 77.66  ? 25  C   A "C1'" 1 
ATOM   504 N N1    . C   A 1 25 ? 11.180  -6.877  -4.833  1.00 82.64  ? 25  C   A N1    1 
ATOM   505 C C2    . C   A 1 25 ? 11.960  -5.708  -4.839  1.00 88.01  ? 25  C   A C2    1 
ATOM   506 O O2    . C   A 1 25 ? 13.190  -5.815  -4.693  1.00 79.08  ? 25  C   A O2    1 
ATOM   507 N N3    . C   A 1 25 ? 11.359  -4.498  -4.987  1.00 85.29  ? 25  C   A N3    1 
ATOM   508 C C4    . C   A 1 25 ? 10.040  -4.441  -5.145  1.00 76.97  ? 25  C   A C4    1 
ATOM   509 N N4    . C   A 1 25 ? 9.507   -3.229  -5.304  1.00 80.53  ? 25  C   A N4    1 
ATOM   510 C C5    . C   A 1 25 ? 9.219   -5.615  -5.151  1.00 74.59  ? 25  C   A C5    1 
ATOM   511 C C6    . C   A 1 25 ? 9.819   -6.807  -4.989  1.00 77.06  ? 25  C   A C6    1 
ATOM   512 P P     . A   A 1 26 ? 11.214  -9.555  -0.074  1.00 95.46  ? 26  A   A P     1 
ATOM   513 O OP1   . A   A 1 26 ? 12.173  -10.040 0.965   1.00 93.32  ? 26  A   A OP1   1 
ATOM   514 O OP2   . A   A 1 26 ? 9.775   -9.974  -0.052  1.00 83.67  ? 26  A   A OP2   1 
ATOM   515 O "O5'" . A   A 1 26 ? 11.270  -7.954  -0.127  1.00 85.48  ? 26  A   A "O5'" 1 
ATOM   516 C "C5'" . A   A 1 26 ? 12.271  -7.224  0.584   1.00 85.54  ? 26  A   A "C5'" 1 
ATOM   517 C "C4'" . A   A 1 26 ? 12.601  -5.890  -0.061  1.00 78.85  ? 26  A   A "C4'" 1 
ATOM   518 O "O4'" . A   A 1 26 ? 11.739  -5.646  -1.193  1.00 86.84  ? 26  A   A "O4'" 1 
ATOM   519 C "C3'" . A   A 1 26 ? 12.422  -4.657  0.807   1.00 75.64  ? 26  A   A "C3'" 1 
ATOM   520 O "O3'" . A   A 1 26 ? 13.505  -4.440  1.693   1.00 78.13  ? 26  A   A "O3'" 1 
ATOM   521 C "C2'" . A   A 1 26 ? 12.230  -3.532  -0.212  1.00 85.64  ? 26  A   A "C2'" 1 
ATOM   522 O "O2'" . A   A 1 26 ? 13.474  -3.016  -0.654  1.00 88.06  ? 26  A   A "O2'" 1 
ATOM   523 C "C1'" . A   A 1 26 ? 11.565  -4.258  -1.380  1.00 80.73  ? 26  A   A "C1'" 1 
ATOM   524 N N9    . A   A 1 26 ? 10.126  -3.962  -1.531  1.00 82.72  ? 26  A   A N9    1 
ATOM   525 C C8    . A   A 1 26 ? 9.079   -4.845  -1.427  1.00 80.44  ? 26  A   A C8    1 
ATOM   526 N N7    . A   A 1 26 ? 7.902   -4.312  -1.649  1.00 73.02  ? 26  A   A N7    1 
ATOM   527 C C5    . A   A 1 26 ? 8.196   -2.989  -1.917  1.00 74.74  ? 26  A   A C5    1 
ATOM   528 C C6    . A   A 1 26 ? 7.373   -1.900  -2.226  1.00 78.53  ? 26  A   A C6    1 
ATOM   529 N N6    . A   A 1 26 ? 6.044   -2.006  -2.315  1.00 82.45  ? 26  A   A N6    1 
ATOM   530 N N1    . A   A 1 26 ? 7.968   -0.703  -2.440  1.00 74.77  ? 26  A   A N1    1 
ATOM   531 C C2    . A   A 1 26 ? 9.298   -0.618  -2.336  1.00 66.10  ? 26  A   A C2    1 
ATOM   532 N N3    . A   A 1 26 ? 10.173  -1.573  -2.038  1.00 74.90  ? 26  A   A N3    1 
ATOM   533 C C4    . A   A 1 26 ? 9.555   -2.751  -1.849  1.00 77.66  ? 26  A   A C4    1 
ATOM   534 P P     . A   A 1 27 ? 13.203  -3.962  3.197   1.00 89.58  ? 27  A   A P     1 
ATOM   535 O OP1   . A   A 1 27 ? 14.384  -4.172  4.086   1.00 84.99  ? 27  A   A OP1   1 
ATOM   536 O OP2   . A   A 1 27 ? 11.889  -4.547  3.593   1.00 83.20  ? 27  A   A OP2   1 
ATOM   537 O "O5'" . A   A 1 27 ? 12.988  -2.399  3.022   1.00 95.32  ? 27  A   A "O5'" 1 
ATOM   538 C "C5'" . A   A 1 27 ? 13.918  -1.621  2.284   1.00 95.75  ? 27  A   A "C5'" 1 
ATOM   539 C "C4'" . A   A 1 27 ? 13.368  -0.246  2.008   1.00 91.50  ? 27  A   A "C4'" 1 
ATOM   540 O "O4'" . A   A 1 27 ? 12.404  -0.307  0.925   1.00 87.66  ? 27  A   A "O4'" 1 
ATOM   541 C "C3'" . A   A 1 27 ? 12.610  0.401   3.156   1.00 82.20  ? 27  A   A "C3'" 1 
ATOM   542 O "O3'" . A   A 1 27 ? 13.479  1.031   4.086   1.00 85.74  ? 27  A   A "O3'" 1 
ATOM   543 C "C2'" . A   A 1 27 ? 11.682  1.370   2.439   1.00 86.97  ? 27  A   A "C2'" 1 
ATOM   544 O "O2'" . A   A 1 27 ? 12.389  2.545   2.072   1.00 91.51  ? 27  A   A "O2'" 1 
ATOM   545 C "C1'" . A   A 1 27 ? 11.353  0.595   1.163   1.00 84.45  ? 27  A   A "C1'" 1 
ATOM   546 N N9    . A   A 1 27 ? 10.106  -0.187  1.258   1.00 83.67  ? 27  A   A N9    1 
ATOM   547 C C8    . A   A 1 27 ? 9.990   -1.485  1.683   1.00 84.91  ? 27  A   A C8    1 
ATOM   548 N N7    . A   A 1 27 ? 8.766   -1.938  1.645   1.00 85.53  ? 27  A   A N7    1 
ATOM   549 C C5    . A   A 1 27 ? 8.030   -0.872  1.153   1.00 78.21  ? 27  A   A C5    1 
ATOM   550 C C6    . A   A 1 27 ? 6.662   -0.724  0.868   1.00 77.39  ? 27  A   A C6    1 
ATOM   551 N N6    . A   A 1 27 ? 5.790   -1.710  1.062   1.00 74.87  ? 27  A   A N6    1 
ATOM   552 N N1    . A   A 1 27 ? 6.225   0.462   0.371   1.00 74.51  ? 27  A   A N1    1 
ATOM   553 C C2    . A   A 1 27 ? 7.129   1.433   0.179   1.00 72.70  ? 27  A   A C2    1 
ATOM   554 N N3    . A   A 1 27 ? 8.442   1.419   0.415   1.00 80.23  ? 27  A   A N3    1 
ATOM   555 C C4    . A   A 1 27 ? 8.838   0.218   0.903   1.00 82.64  ? 27  A   A C4    1 
ATOM   556 P P     . A   A 1 28 ? 13.030  1.260   5.613   1.00 101.32 ? 28  A   A P     1 
ATOM   557 O OP1   . A   A 1 28 ? 14.252  1.410   6.458   1.00 88.41  ? 28  A   A OP1   1 
ATOM   558 O OP2   . A   A 1 28 ? 12.033  0.208   5.950   1.00 104.17 ? 28  A   A OP2   1 
ATOM   559 O "O5'" . A   A 1 28 ? 12.265  2.659   5.567   1.00 106.79 ? 28  A   A "O5'" 1 
ATOM   560 C "C5'" . A   A 1 28 ? 12.812  3.774   4.862   1.00 107.55 ? 28  A   A "C5'" 1 
ATOM   561 C "C4'" . A   A 1 28 ? 11.954  5.013   5.003   1.00 112.70 ? 28  A   A "C4'" 1 
ATOM   562 O "O4'" . A   A 1 28 ? 10.810  4.945   4.092   1.00 98.00  ? 28  A   A "O4'" 1 
ATOM   563 C "C3'" . A   A 1 28 ? 11.369  5.247   6.400   1.00 113.91 ? 28  A   A "C3'" 1 
ATOM   564 O "O3'" . A   A 1 28 ? 11.337  6.652   6.668   1.00 115.81 ? 28  A   A "O3'" 1 
ATOM   565 C "C2'" . A   A 1 28 ? 9.952   4.707   6.245   1.00 96.69  ? 28  A   A "C2'" 1 
ATOM   566 O "O2'" . A   A 1 28 ? 9.007   5.166   7.188   1.00 100.42 ? 28  A   A "O2'" 1 
ATOM   567 C "C1'" . A   A 1 28 ? 9.625   5.152   4.827   1.00 85.27  ? 28  A   A "C1'" 1 
ATOM   568 N N9    . A   A 1 28 ? 8.516   4.404   4.235   1.00 82.95  ? 28  A   A N9    1 
ATOM   569 C C8    . A   A 1 28 ? 8.146   3.114   4.538   1.00 81.89  ? 28  A   A C8    1 
ATOM   570 N N7    . A   A 1 28 ? 7.073   2.711   3.894   1.00 77.79  ? 28  A   A N7    1 
ATOM   571 C C5    . A   A 1 28 ? 6.695   3.817   3.139   1.00 77.32  ? 28  A   A C5    1 
ATOM   572 C C6    . A   A 1 28 ? 5.624   4.037   2.245   1.00 74.69  ? 28  A   A C6    1 
ATOM   573 N N6    . A   A 1 28 ? 4.710   3.110   1.949   1.00 75.35  ? 28  A   A N6    1 
ATOM   574 N N1    . A   A 1 28 ? 5.530   5.247   1.649   1.00 70.31  ? 28  A   A N1    1 
ATOM   575 C C2    . A   A 1 28 ? 6.457   6.170   1.947   1.00 73.81  ? 28  A   A C2    1 
ATOM   576 N N3    . A   A 1 28 ? 7.501   6.088   2.774   1.00 79.79  ? 28  A   A N3    1 
ATOM   577 C C4    . A   A 1 28 ? 7.570   4.872   3.349   1.00 81.11  ? 28  A   A C4    1 
ATOM   578 P P     . A   A 1 29 ? 11.085  7.222   8.158   1.00 109.54 ? 29  A   A P     1 
ATOM   579 O OP1   . A   A 1 29 ? 11.914  8.447   8.270   1.00 114.68 ? 29  A   A OP1   1 
ATOM   580 O OP2   . A   A 1 29 ? 11.304  6.172   9.190   1.00 97.34  ? 29  A   A OP2   1 
ATOM   581 O "O5'" . A   A 1 29 ? 9.540   7.643   8.121   1.00 97.72  ? 29  A   A "O5'" 1 
ATOM   582 C "C5'" . A   A 1 29 ? 9.166   9.010   8.029   1.00 93.42  ? 29  A   A "C5'" 1 
ATOM   583 C "C4'" . A   A 1 29 ? 8.208   9.328   6.895   1.00 94.49  ? 29  A   A "C4'" 1 
ATOM   584 O "O4'" . A   A 1 29 ? 8.083   8.250   5.929   1.00 95.65  ? 29  A   A "O4'" 1 
ATOM   585 C "C3'" . A   A 1 29 ? 6.766   9.602   7.269   1.00 99.97  ? 29  A   A "C3'" 1 
ATOM   586 O "O3'" . A   A 1 29 ? 6.580   10.821  7.959   1.00 108.69 ? 29  A   A "O3'" 1 
ATOM   587 C "C2'" . A   A 1 29 ? 6.077   9.529   5.912   1.00 89.57  ? 29  A   A "C2'" 1 
ATOM   588 O "O2'" . A   A 1 29 ? 6.360   10.683  5.139   1.00 91.81  ? 29  A   A "O2'" 1 
ATOM   589 C "C1'" . A   A 1 29 ? 6.819   8.353   5.280   1.00 87.93  ? 29  A   A "C1'" 1 
ATOM   590 N N9    . A   A 1 29 ? 6.043   7.097   5.419   1.00 91.94  ? 29  A   A N9    1 
ATOM   591 C C8    . A   A 1 29 ? 6.223   5.999   6.244   1.00 88.23  ? 29  A   A C8    1 
ATOM   592 N N7    . A   A 1 29 ? 5.309   5.061   6.103   1.00 77.71  ? 29  A   A N7    1 
ATOM   593 C C5    . A   A 1 29 ? 4.464   5.574   5.122   1.00 78.63  ? 29  A   A C5    1 
ATOM   594 C C6    . A   A 1 29 ? 3.293   5.078   4.512   1.00 78.60  ? 29  A   A C6    1 
ATOM   595 N N6    . A   A 1 29 ? 2.744   3.899   4.802   1.00 80.76  ? 29  A   A N6    1 
ATOM   596 N N1    . A   A 1 29 ? 2.693   5.842   3.570   1.00 77.55  ? 29  A   A N1    1 
ATOM   597 C C2    . A   A 1 29 ? 3.239   7.030   3.271   1.00 79.30  ? 29  A   A C2    1 
ATOM   598 N N3    . A   A 1 29 ? 4.326   7.615   3.778   1.00 77.66  ? 29  A   A N3    1 
ATOM   599 C C4    . A   A 1 29 ? 4.898   6.825   4.705   1.00 81.73  ? 29  A   A C4    1 
ATOM   600 P P     . C   A 1 30 ? 5.502   10.900  9.148   1.00 99.99  ? 30  C   A P     1 
ATOM   601 O OP1   . C   A 1 30 ? 5.759   12.146  9.908   1.00 102.97 ? 30  C   A OP1   1 
ATOM   602 O OP2   . C   A 1 30 ? 5.476   9.635   9.917   1.00 93.32  ? 30  C   A OP2   1 
ATOM   603 O "O5'" . C   A 1 30 ? 4.129   11.008  8.350   1.00 93.61  ? 30  C   A "O5'" 1 
ATOM   604 C "C5'" . C   A 1 30 ? 3.959   11.959  7.306   1.00 83.70  ? 30  C   A "C5'" 1 
ATOM   605 C "C4'" . C   A 1 30 ? 2.675   11.719  6.558   1.00 89.51  ? 30  C   A "C4'" 1 
ATOM   606 O "O4'" . C   A 1 30 ? 2.808   10.508  5.774   1.00 102.79 ? 30  C   A "O4'" 1 
ATOM   607 C "C3'" . C   A 1 30 ? 1.437   11.469  7.414   1.00 94.77  ? 30  C   A "C3'" 1 
ATOM   608 O "O3'" . C   A 1 30 ? 0.826   12.651  7.903   1.00 93.20  ? 30  C   A "O3'" 1 
ATOM   609 C "C2'" . C   A 1 30 ? 0.546   10.661  6.484   1.00 101.26 ? 30  C   A "C2'" 1 
ATOM   610 O "O2'" . C   A 1 30 ? -0.092  11.507  5.537   1.00 102.00 ? 30  C   A "O2'" 1 
ATOM   611 C "C1'" . C   A 1 30 ? 1.581   9.805   5.755   1.00 102.58 ? 30  C   A "C1'" 1 
ATOM   612 N N1    . C   A 1 30 ? 1.788   8.492   6.410   1.00 97.31  ? 30  C   A N1    1 
ATOM   613 C C2    . C   A 1 30 ? 0.887   7.454   6.122   1.00 94.70  ? 30  C   A C2    1 
ATOM   614 O O2    . C   A 1 30 ? -0.065  7.681   5.341   1.00 85.04  ? 30  C   A O2    1 
ATOM   615 N N3    . C   A 1 30 ? 1.084   6.244   6.713   1.00 93.61  ? 30  C   A N3    1 
ATOM   616 C C4    . C   A 1 30 ? 2.116   6.063   7.552   1.00 87.91  ? 30  C   A C4    1 
ATOM   617 N N4    . C   A 1 30 ? 2.271   4.861   8.112   1.00 81.08  ? 30  C   A N4    1 
ATOM   618 C C5    . C   A 1 30 ? 3.040   7.107   7.860   1.00 84.87  ? 30  C   A C5    1 
ATOM   619 C C6    . C   A 1 30 ? 2.843   8.290   7.267   1.00 86.20  ? 30  C   A C6    1 
ATOM   620 P P     . A   A 1 31 ? -0.065  12.601  9.238   1.00 97.35  ? 31  A   A P     1 
ATOM   621 O OP1   . A   A 1 31 ? -0.525  13.980  9.541   1.00 106.50 ? 31  A   A OP1   1 
ATOM   622 O OP2   . A   A 1 31 ? 0.610   11.796  10.296  1.00 87.31  ? 31  A   A OP2   1 
ATOM   623 O "O5'" . A   A 1 31 ? -1.353  11.808  8.785   1.00 87.01  ? 31  A   A "O5'" 1 
ATOM   624 C "C5'" . A   A 1 31 ? -2.274  12.383  7.882   1.00 80.00  ? 31  A   A "C5'" 1 
ATOM   625 C "C4'" . A   A 1 31 ? -3.373  11.402  7.628   1.00 85.39  ? 31  A   A "C4'" 1 
ATOM   626 O "O4'" . A   A 1 31 ? -2.773  10.160  7.197   1.00 89.90  ? 31  A   A "O4'" 1 
ATOM   627 C "C3'" . A   A 1 31 ? -4.187  11.017  8.854   1.00 93.71  ? 31  A   A "C3'" 1 
ATOM   628 O "O3'" . A   A 1 31 ? -5.239  11.933  9.093   1.00 98.40  ? 31  A   A "O3'" 1 
ATOM   629 C "C2'" . A   A 1 31 ? -4.680  9.615   8.516   1.00 104.05 ? 31  A   A "C2'" 1 
ATOM   630 O "O2'" . A   A 1 31 ? -5.829  9.683   7.679   1.00 105.53 ? 31  A   A "O2'" 1 
ATOM   631 C "C1'" . A   A 1 31 ? -3.524  9.068   7.676   1.00 99.80  ? 31  A   A "C1'" 1 
ATOM   632 N N9    . A   A 1 31 ? -2.621  8.115   8.369   1.00 103.06 ? 31  A   A N9    1 
ATOM   633 C C8    . A   A 1 31 ? -1.343  8.333   8.831   1.00 102.83 ? 31  A   A C8    1 
ATOM   634 N N7    . A   A 1 31 ? -0.769  7.268   9.348   1.00 99.77  ? 31  A   A N7    1 
ATOM   635 C C5    . A   A 1 31 ? -1.722  6.273   9.189   1.00 101.40 ? 31  A   A C5    1 
ATOM   636 C C6    . A   A 1 31 ? -1.724  4.912   9.526   1.00 100.72 ? 31  A   A C6    1 
ATOM   637 N N6    . A   A 1 31 ? -0.703  4.310   10.128  1.00 106.59 ? 31  A   A N6    1 
ATOM   638 N N1    . A   A 1 31 ? -2.826  4.188   9.256   1.00 97.38  ? 31  A   A N1    1 
ATOM   639 C C2    . A   A 1 31 ? -3.855  4.807   8.667   1.00 100.03 ? 31  A   A C2    1 
ATOM   640 N N3    . A   A 1 31 ? -3.975  6.077   8.292   1.00 96.33  ? 31  A   A N3    1 
ATOM   641 C C4    . A   A 1 31 ? -2.861  6.772   8.587   1.00 100.77 ? 31  A   A C4    1 
ATOM   642 P P     . A   A 1 32 ? -5.729  12.277  10.586  1.00 104.88 ? 32  A   A P     1 
ATOM   643 O OP1   . A   A 1 32 ? -5.188  13.625  10.860  1.00 101.23 ? 32  A   A OP1   1 
ATOM   644 O OP2   . A   A 1 32 ? -5.418  11.172  11.535  1.00 110.57 ? 32  A   A OP2   1 
ATOM   645 O "O5'" . A   A 1 32 ? -7.311  12.406  10.418  1.00 91.54  ? 32  A   A "O5'" 1 
ATOM   646 C "C5'" . A   A 1 32 ? -7.875  12.722  9.148   1.00 86.40  ? 32  A   A "C5'" 1 
ATOM   647 C "C4'" . A   A 1 32 ? -9.211  12.055  8.950   1.00 88.47  ? 32  A   A "C4'" 1 
ATOM   648 O "O4'" . A   A 1 32 ? -9.038  10.794  8.258   1.00 100.12 ? 32  A   A "O4'" 1 
ATOM   649 C "C3'" . A   A 1 32 ? -9.934  11.688  10.232  1.00 96.27  ? 32  A   A "C3'" 1 
ATOM   650 O "O3'" . A   A 1 32 ? -10.658 12.778  10.762  1.00 99.01  ? 32  A   A "O3'" 1 
ATOM   651 C "C2'" . A   A 1 32 ? -10.809 10.511  9.818   1.00 104.14 ? 32  A   A "C2'" 1 
ATOM   652 O "O2'" . A   A 1 32 ? -12.001 10.958  9.197   1.00 111.64 ? 32  A   A "O2'" 1 
ATOM   653 C "C1'" . A   A 1 32 ? -9.940  9.832   8.769   1.00 110.42 ? 32  A   A "C1'" 1 
ATOM   654 N N9    . A   A 1 32 ? -9.176  8.686   9.311   1.00 131.99 ? 32  A   A N9    1 
ATOM   655 C C8    . A   A 1 32 ? -7.829  8.618   9.555   1.00 136.71 ? 32  A   A C8    1 
ATOM   656 N N7    . A   A 1 32 ? -7.424  7.460   10.011  1.00 138.96 ? 32  A   A N7    1 
ATOM   657 C C5    . A   A 1 32 ? -8.579  6.704   10.070  1.00 139.23 ? 32  A   A C5    1 
ATOM   658 C C6    . A   A 1 32 ? -8.816  5.384   10.474  1.00 143.17 ? 32  A   A C6    1 
ATOM   659 N N6    . A   A 1 32 ? -7.857  4.570   10.909  1.00 149.60 ? 32  A   A N6    1 
ATOM   660 N N1    . A   A 1 32 ? -10.080 4.921   10.421  1.00 144.60 ? 32  A   A N1    1 
ATOM   661 C C2    . A   A 1 32 ? -11.038 5.743   9.984   1.00 147.51 ? 32  A   A C2    1 
ATOM   662 N N3    . A   A 1 32 ? -10.939 7.007   9.577   1.00 150.21 ? 32  A   A N3    1 
ATOM   663 C C4    . A   A 1 32 ? -9.667  7.439   9.643   1.00 141.25 ? 32  A   A C4    1 
ATOM   664 P P     . G   A 1 33 ? -11.109 12.759  12.297  1.00 100.96 ? 33  G   A P     1 
ATOM   665 O OP1   . G   A 1 33 ? -12.133 13.831  12.498  1.00 104.60 ? 33  G   A OP1   1 
ATOM   666 O OP2   . G   A 1 33 ? -9.837  12.779  13.074  1.00 92.16  ? 33  G   A OP2   1 
ATOM   667 O "O5'" . G   A 1 33 ? -11.825 11.333  12.443  1.00 100.04 ? 33  G   A "O5'" 1 
ATOM   668 C "C5'" . G   A 1 33 ? -12.424 10.891  13.653  1.00 100.08 ? 33  G   A "C5'" 1 
ATOM   669 C "C4'" . G   A 1 33 ? -12.492 9.385   13.678  1.00 92.27  ? 33  G   A "C4'" 1 
ATOM   670 O "O4'" . G   A 1 33 ? -11.494 8.877   12.760  1.00 90.03  ? 33  G   A "O4'" 1 
ATOM   671 C "C3'" . G   A 1 33 ? -12.162 8.735   15.018  1.00 106.14 ? 33  G   A "C3'" 1 
ATOM   672 O "O3'" . G   A 1 33 ? -13.282 8.620   15.887  1.00 104.29 ? 33  G   A "O3'" 1 
ATOM   673 C "C2'" . G   A 1 33 ? -11.514 7.403   14.626  1.00 103.57 ? 33  G   A "C2'" 1 
ATOM   674 O "O2'" . G   A 1 33 ? -12.477 6.392   14.363  1.00 100.47 ? 33  G   A "O2'" 1 
ATOM   675 C "C1'" . G   A 1 33 ? -10.809 7.776   13.324  1.00 102.96 ? 33  G   A "C1'" 1 
ATOM   676 N N9    . G   A 1 33 ? -9.415  8.191   13.562  1.00 106.56 ? 33  G   A N9    1 
ATOM   677 C C8    . G   A 1 33 ? -8.879  9.432   13.295  1.00 110.49 ? 33  G   A C8    1 
ATOM   678 N N7    . G   A 1 33 ? -7.620  9.537   13.611  1.00 107.73 ? 33  G   A N7    1 
ATOM   679 C C5    . G   A 1 33 ? -7.321  8.284   14.117  1.00 105.55 ? 33  G   A C5    1 
ATOM   680 C C6    . G   A 1 33 ? -6.101  7.805   14.623  1.00 104.28 ? 33  G   A C6    1 
ATOM   681 O O6    . G   A 1 33 ? -5.049  8.435   14.710  1.00 109.49 ? 33  G   A O6    1 
ATOM   682 N N1    . G   A 1 33 ? -6.192  6.479   15.038  1.00 99.36  ? 33  G   A N1    1 
ATOM   683 C C2    . G   A 1 33 ? -7.332  5.715   14.977  1.00 99.00  ? 33  G   A C2    1 
ATOM   684 N N2    . G   A 1 33 ? -7.225  4.460   15.429  1.00 89.24  ? 33  G   A N2    1 
ATOM   685 N N3    . G   A 1 33 ? -8.491  6.154   14.508  1.00 100.22 ? 33  G   A N3    1 
ATOM   686 C C4    . G   A 1 33 ? -8.406  7.437   14.095  1.00 101.80 ? 33  G   A C4    1 
HETATM 687 C C10   . J0C B 2 .  ? -2.028  -1.717  2.889   1.00 64.23  ? 101 J0C A C10   1 
HETATM 688 C C13   . J0C B 2 .  ? -4.359  -2.844  0.276   1.00 127.12 ? 101 J0C A C13   1 
HETATM 689 C C17   . J0C B 2 .  ? -6.400  -1.111  0.364   1.00 145.63 ? 101 J0C A C17   1 
HETATM 690 C C20   . J0C B 2 .  ? -9.535  -2.700  1.458   1.00 138.87 ? 101 J0C A C20   1 
HETATM 691 C C21   . J0C B 2 .  ? 0.425   -0.973  3.359   1.00 85.12  ? 101 J0C A C21   1 
HETATM 692 C C2    . J0C B 2 .  ? -2.098  1.684   2.636   1.00 70.58  ? 101 J0C A C2    1 
HETATM 693 C C4    . J0C B 2 .  ? -0.505  3.599   2.845   1.00 65.16  ? 101 J0C A C4    1 
HETATM 694 C C7    . J0C B 2 .  ? 0.313   1.233   3.176   1.00 58.19  ? 101 J0C A C7    1 
HETATM 695 C C8    . J0C B 2 .  ? -0.957  0.727   2.937   1.00 64.29  ? 101 J0C A C8    1 
HETATM 696 C C9    . J0C B 2 .  ? -0.898  -0.665  3.049   1.00 67.52  ? 101 J0C A C9    1 
HETATM 697 C C12   . J0C B 2 .  ? -3.995  -2.457  1.737   1.00 99.29  ? 101 J0C A C12   1 
HETATM 698 C C14   . J0C B 2 .  ? -5.261  -1.800  -0.440  1.00 145.59 ? 101 J0C A C14   1 
HETATM 699 C C18   . J0C B 2 .  ? -7.828  -1.343  -0.201  1.00 149.84 ? 101 J0C A C18   1 
HETATM 700 C C19   . J0C B 2 .  ? -8.785  -2.109  0.739   1.00 145.80 ? 101 J0C A C19   1 
HETATM 701 N N3    . J0C B 2 .  ? -1.838  3.094   2.595   1.00 65.65  ? 101 J0C A N3    1 
HETATM 702 N N5    . J0C B 2 .  ? -0.231  5.032   2.795   1.00 67.88  ? 101 J0C A N5    1 
HETATM 703 N N6    . J0C B 2 .  ? 0.592   2.684   3.134   1.00 53.91  ? 101 J0C A N6    1 
HETATM 704 N N11   . J0C B 2 .  ? -2.932  -1.426  1.765   1.00 81.90  ? 101 J0C A N11   1 
HETATM 705 N N15   . J0C B 2 .  ? -4.638  -1.010  -1.476  1.00 148.80 ? 101 J0C A N15   1 
HETATM 706 N N16   . J0C B 2 .  ? -5.534  -2.081  -1.832  1.00 151.20 ? 101 J0C A N16   1 
HETATM 707 N N22   . J0C B 2 .  ? 1.143   0.177   3.432   1.00 75.47  ? 101 J0C A N22   1 
HETATM 708 O O1    . J0C B 2 .  ? -3.186  1.254   2.438   1.00 78.31  ? 101 J0C A O1    1 
HETATM 709 S S     . SO4 C 3 .  ? -14.176 3.244   6.229   0.53 148.62 ? 102 SO4 A S     1 
HETATM 710 O O1    . SO4 C 3 .  ? -15.457 3.055   6.910   0.53 149.31 ? 102 SO4 A O1    1 
HETATM 711 O O2    . SO4 C 3 .  ? -13.949 4.685   6.075   0.53 142.98 ? 102 SO4 A O2    1 
HETATM 712 O O3    . SO4 C 3 .  ? -13.104 2.651   7.029   0.53 150.10 ? 102 SO4 A O3    1 
HETATM 713 O O4    . SO4 C 3 .  ? -14.193 2.567   4.927   0.53 144.07 ? 102 SO4 A O4    1 
HETATM 714 O O     . HOH D 4 .  ? 4.229   -14.718 -12.607 0.79 67.11  ? 201 HOH A O     1 
HETATM 715 O O     . HOH D 4 .  ? -10.136 3.008   7.870   1.00 55.03  ? 202 HOH A O     1 
# 
loop_
_atom_site_anisotrop.id 
_atom_site_anisotrop.type_symbol 
_atom_site_anisotrop.pdbx_label_atom_id 
_atom_site_anisotrop.pdbx_label_alt_id 
_atom_site_anisotrop.pdbx_label_comp_id 
_atom_site_anisotrop.pdbx_label_asym_id 
_atom_site_anisotrop.pdbx_label_seq_id 
_atom_site_anisotrop.pdbx_PDB_ins_code 
_atom_site_anisotrop.U[1][1] 
_atom_site_anisotrop.U[2][2] 
_atom_site_anisotrop.U[3][3] 
_atom_site_anisotrop.U[1][2] 
_atom_site_anisotrop.U[1][3] 
_atom_site_anisotrop.U[2][3] 
_atom_site_anisotrop.pdbx_auth_seq_id 
_atom_site_anisotrop.pdbx_auth_comp_id 
_atom_site_anisotrop.pdbx_auth_asym_id 
_atom_site_anisotrop.pdbx_auth_atom_id 
1   O "O5'" . C A 1  ? 1.2841 1.4771 1.3446 0.1104  0.2769  -0.0826 1  C A "O5'" 
2   C "C5'" . C A 1  ? 1.2312 1.4008 1.2651 0.0979  0.2974  -0.0694 1  C A "C5'" 
3   C "C4'" . C A 1  ? 0.8703 1.0260 0.9139 0.0785  0.3051  -0.0560 1  C A "C4'" 
4   O "O4'" . C A 1  ? 0.8378 0.9681 0.9094 0.0862  0.2896  -0.0548 1  C A "O4'" 
5   C "C3'" . C A 1  ? 0.6724 0.7907 0.6818 0.0632  0.3143  -0.0393 1  C A "C3'" 
6   O "O3'" . C A 1  ? 0.6593 0.7987 0.6433 0.0431  0.3332  -0.0360 1  C A "O3'" 
7   C "C2'" . C A 1  ? 0.8460 0.9347 0.8747 0.0542  0.3074  -0.0285 1  C A "C2'" 
8   O "O2'" . C A 1  ? 1.0598 1.1735 1.1024 0.0340  0.3244  -0.0268 1  C A "O2'" 
9   C "C1'" . C A 1  ? 0.8501 0.9401 0.9152 0.0755  0.2942  -0.0398 1  C A "C1'" 
10  N N1    . C A 1  ? 0.8190 0.8706 0.8747 0.0907  0.2740  -0.0385 1  C A N1    
11  C C2    . C A 1  ? 0.8295 0.8399 0.8837 0.0860  0.2615  -0.0264 1  C A C2    
12  O O2    . C A 1  ? 0.9811 0.9853 1.0409 0.0687  0.2686  -0.0161 1  C A O2    
13  N N3    . C A 1  ? 0.7588 0.7401 0.8057 0.1006  0.2428  -0.0276 1  C A N3    
14  C C4    . C A 1  ? 0.6982 0.6884 0.7383 0.1171  0.2376  -0.0402 1  C A C4    
15  N N4    . C A 1  ? 0.8115 0.7765 0.8445 0.1296  0.2201  -0.0431 1  C A N4    
16  C C5    . C A 1  ? 0.6811 0.7086 0.7208 0.1222  0.2506  -0.0520 1  C A C5    
17  C C6    . C A 1  ? 0.8118 0.8697 0.8601 0.1096  0.2680  -0.0506 1  C A C6    
18  P P     . U A 2  ? 1.0221 1.1286 0.9541 0.0320  0.3334  -0.0226 2  U A P     
19  O OP1   . U A 2  ? 0.7959 0.9307 0.7062 0.0087  0.3566  -0.0221 2  U A OP1   
20  O OP2   . U A 2  ? 0.8994 0.9912 0.8172 0.0541  0.3178  -0.0275 2  U A OP2   
21  O "O5'" . U A 2  ? 1.2142 1.2668 1.1397 0.0232  0.3227  -0.0043 2  U A "O5'" 
22  C "C5'" . U A 2  ? 1.1372 1.1853 1.0699 0.0007  0.3343  0.0045  2  U A "C5'" 
23  C "C4'" . U A 2  ? 0.9705 0.9630 0.8965 -0.0012 0.3206  0.0206  2  U A "C4'" 
24  O "O4'" . U A 2  ? 0.9898 0.9734 0.9510 0.0202  0.3009  0.0147  2  U A "O4'" 
25  C "C3'" . U A 2  ? 0.8488 0.7951 0.7266 0.0009  0.3109  0.0345  2  U A "C3'" 
26  O "O3'" . U A 2  ? 0.8512 0.7836 0.6870 -0.0230 0.3279  0.0463  2  U A "O3'" 
27  C "C2'" . U A 2  ? 0.9585 0.8622 0.8497 0.0109  0.2913  0.0430  2  U A "C2'" 
28  O "O2'" . U A 2  ? 1.1809 1.0635 1.0728 -0.0091 0.3005  0.0548  2  U A "O2'" 
29  C "C1'" . U A 2  ? 0.9676 0.9008 0.9107 0.0275  0.2830  0.0267  2  U A "C1'" 
30  N N1    . U A 2  ? 0.9275 0.8594 0.8698 0.0516  0.2656  0.0176  2  U A N1    
31  C C2    . U A 2  ? 0.8611 0.7550 0.8003 0.0644  0.2445  0.0230  2  U A C2    
32  O O2    . U A 2  ? 1.1138 0.9754 1.0516 0.0589  0.2389  0.0351  2  U A O2    
33  N N3    . U A 2  ? 0.7840 0.6806 0.7216 0.0844  0.2303  0.0127  2  U A N3    
34  C C4    . U A 2  ? 0.7760 0.7056 0.7136 0.0926  0.2358  -0.0016 2  U A C4    
35  O O4    . U A 2  ? 0.8502 0.7770 0.7847 0.1093  0.2228  -0.0106 2  U A O4    
36  C C5    . U A 2  ? 0.6253 0.5915 0.5662 0.0805  0.2572  -0.0058 2  U A C5    
37  C C6    . U A 2  ? 0.8526 0.8210 0.7962 0.0605  0.2711  0.0033  2  U A C6    
38  P P     . G A 3  ? 1.0932 0.9910 0.8700 -0.0220 0.3239  0.0578  3  G A P     
39  O OP1   . G A 3  ? 0.8721 0.7615 0.6093 -0.0512 0.3468  0.0675  3  G A OP1   
40  O OP2   . G A 3  ? 0.8718 0.7940 0.6488 -0.0014 0.3147  0.0449  3  G A OP2   
41  O "O5'" . G A 3  ? 1.1276 0.9685 0.8955 -0.0080 0.3008  0.0717  3  G A "O5'" 
42  C "C5'" . G A 3  ? 0.9652 0.7666 0.7286 -0.0203 0.3021  0.0863  3  G A "C5'" 
43  C "C4'" . G A 3  ? 0.9395 0.6901 0.6852 -0.0024 0.2786  0.0983  3  G A "C4'" 
44  O "O4'" . G A 3  ? 0.9636 0.7257 0.7551 0.0204  0.2580  0.0872  3  G A "O4'" 
45  C "C3'" . G A 3  ? 0.9214 0.6521 0.6185 0.0086  0.2693  0.1043  3  G A "C3'" 
46  O "O3'" . G A 3  ? 1.1492 0.8463 0.7908 -0.0101 0.2834  0.1206  3  G A "O3'" 
47  C "C2'" . G A 3  ? 0.9141 0.6165 0.6200 0.0339  0.2414  0.1070  3  G A "C2'" 
48  O "O2'" . G A 3  ? 1.0588 0.7097 0.7439 0.0302  0.2373  0.1249  3  G A "O2'" 
49  C "C1'" . G A 3  ? 0.9034 0.6391 0.6737 0.0416  0.2360  0.0908  3  G A "C1'" 
50  N N9    . G A 3  ? 0.9456 0.7180 0.7366 0.0587  0.2274  0.0727  3  G A N9    
51  C C8    . G A 3  ? 0.8657 0.6845 0.6737 0.0542  0.2416  0.0584  3  G A C8    
52  N N7    . G A 3  ? 0.8597 0.6987 0.6815 0.0727  0.2304  0.0440  3  G A N7    
53  C C5    . G A 3  ? 0.9066 0.7147 0.7215 0.0889  0.2076  0.0479  3  G A C5    
54  C C6    . G A 3  ? 0.9467 0.7592 0.7697 0.1100  0.1886  0.0359  3  G A C6    
55  O O6    . G A 3  ? 0.9331 0.7733 0.7690 0.1195  0.1877  0.0196  3  G A O6    
56  N N1    . G A 3  ? 1.0730 0.8523 0.8865 0.1210  0.1686  0.0435  3  G A N1    
57  C C2    . G A 3  ? 0.9482 0.6910 0.7451 0.1149  0.1665  0.0614  3  G A C2    
58  N N2    . G A 3  ? 1.1234 0.8402 0.9133 0.1306  0.1448  0.0653  3  G A N2    
59  N N3    . G A 3  ? 0.8845 0.6177 0.6710 0.0950  0.1848  0.0735  3  G A N3    
60  C C4    . G A 3  ? 0.9207 0.6888 0.7176 0.0818  0.2049  0.0657  3  G A C4    
61  P P     . G A 4  ? 1.2893 0.9673 0.8714 -0.0048 0.2799  0.1280  4  G A P     
62  O OP1   . G A 4  ? 1.3956 1.0414 0.9260 -0.0311 0.3010  0.1434  4  G A OP1   
63  O OP2   . G A 4  ? 1.4056 1.1336 1.0020 0.0042  0.2798  0.1102  4  G A OP2   
64  O "O5'" . G A 4  ? 1.2447 0.8789 0.8141 0.0210  0.2513  0.1379  4  G A "O5'" 
65  C "C5'" . G A 4  ? 1.1424 0.7700 0.6821 0.0402  0.2348  0.1381  4  G A "C5'" 
66  C "C4'" . G A 4  ? 1.0662 0.6837 0.6297 0.0679  0.2060  0.1351  4  G A "C4'" 
67  O "O4'" . G A 4  ? 1.0621 0.7209 0.6908 0.0742  0.2020  0.1161  4  G A "O4'" 
68  C "C3'" . G A 4  ? 1.0872 0.7063 0.6261 0.0890  0.1874  0.1317  4  G A "C3'" 
69  O "O3'" . G A 4  ? 1.1580 0.7295 0.6360 0.0934  0.1808  0.1507  4  G A "O3'" 
70  C "C2'" . G A 4  ? 1.0738 0.7095 0.6624 0.1110  0.1649  0.1178  4  G A "C2'" 
71  O "O2'" . G A 4  ? 1.1785 0.7755 0.7638 0.1225  0.1484  0.1291  4  G A "O2'" 
72  C "C1'" . G A 4  ? 1.0669 0.7361 0.7112 0.0989  0.1786  0.1052  4  G A "C1'" 
73  N N9    . G A 4  ? 1.1851 0.9032 0.8541 0.1014  0.1837  0.0851  4  G A N9    
74  C C8    . G A 4  ? 1.2366 0.9872 0.9130 0.0851  0.2062  0.0782  4  G A C8    
75  N N7    . G A 4  ? 1.3362 1.1245 1.0333 0.0940  0.2053  0.0600  4  G A N7    
76  C C5    . G A 4  ? 1.1538 0.9339 0.8575 0.1154  0.1818  0.0541  4  G A C5    
77  C C6    . G A 4  ? 1.0960 0.9023 0.8183 0.1312  0.1719  0.0350  4  G A C6    
78  O O6    . G A 4  ? 1.0525 0.8926 0.7883 0.1314  0.1817  0.0200  4  G A O6    
79  N N1    . G A 4  ? 1.0778 0.8668 0.8005 0.1483  0.1484  0.0334  4  G A N1    
80  C C2    . G A 4  ? 1.1119 0.8648 0.8201 0.1524  0.1351  0.0485  4  G A C2    
81  N N2    . G A 4  ? 1.1358 0.8821 0.8487 0.1707  0.1121  0.0425  4  G A N2    
82  N N3    . G A 4  ? 1.2230 0.9482 0.9125 0.1398  0.1440  0.0670  4  G A N3    
83  C C4    . G A 4  ? 1.1753 0.9150 0.8631 0.1204  0.1679  0.0689  4  G A C4    
84  P P     . G A 5  ? 1.3874 0.9611 0.8139 0.0979  0.1791  0.1520  5  G A P     
85  O OP1   . G A 5  ? 1.2863 0.8040 0.6439 0.0975  0.1776  0.1749  5  G A OP1   
86  O OP2   . G A 5  ? 1.3879 1.0054 0.8253 0.0800  0.2012  0.1392  5  G A OP2   
87  O "O5'" . G A 5  ? 1.3147 0.9105 0.7654 0.1264  0.1518  0.1375  5  G A "O5'" 
88  C "C5'" . G A 5  ? 1.2972 0.8666 0.7488 0.1482  0.1269  0.1430  5  G A "C5'" 
89  C "C4'" . G A 5  ? 1.2073 0.8081 0.6847 0.1703  0.1050  0.1246  5  G A "C4'" 
90  O "O4'" . G A 5  ? 1.1893 0.8322 0.7289 0.1669  0.1097  0.1038  5  G A "O4'" 
91  C "C3'" . G A 5  ? 1.2877 0.9060 0.7311 0.1748  0.1032  0.1189  5  G A "C3'" 
92  O "O3'" . G A 5  ? 1.2781 0.8631 0.6665 0.1883  0.0884  0.1335  5  G A "O3'" 
93  C "C2'" . G A 5  ? 1.2694 0.9317 0.7607 0.1871  0.0916  0.0937  5  G A "C2'" 
94  O "O2'" . G A 5  ? 1.2381 0.8938 0.7334 0.2098  0.0647  0.0905  5  G A "O2'" 
95  C "C1'" . G A 5  ? 1.2373 0.9153 0.7859 0.1768  0.1025  0.0853  5  G A "C1'" 
96  N N9    . G A 5  ? 1.2887 1.0007 0.8542 0.1611  0.1247  0.0741  5  G A N9    
97  C C8    . G A 5  ? 1.3008 1.0117 0.8546 0.1395  0.1491  0.0826  5  G A C8    
98  N N7    . G A 5  ? 1.3185 1.0682 0.8948 0.1320  0.1637  0.0674  5  G A N7    
99  C C5    . G A 5  ? 1.2460 1.0194 0.8479 0.1492  0.1491  0.0487  5  G A C5    
100 C C6    . G A 5  ? 1.1143 0.9274 0.7435 0.1521  0.1551  0.0273  5  G A C6    
101 O O6    . G A 5  ? 1.0732 0.9127 0.7115 0.1417  0.1745  0.0201  5  G A O6    
102 N N1    . G A 5  ? 1.0291 0.8502 0.6748 0.1697  0.1365  0.0125  5  G A N1    
103 C C2    . G A 5  ? 1.0704 0.8700 0.7092 0.1831  0.1138  0.0167  5  G A C2    
104 N N2    . G A 5  ? 1.1113 0.9259 0.7678 0.1971  0.0989  -0.0013 5  G A N2    
105 N N3    . G A 5  ? 1.1215 0.8871 0.7362 0.1831  0.1067  0.0363  5  G A N3    
106 C C4    . G A 5  ? 1.2308 0.9825 0.8270 0.1659  0.1253  0.0520  5  G A C4    
107 P P     . U A 6  ? 1.5138 1.1070 0.8525 0.1901  0.0887  0.1331  6  U A P     
108 O OP1   . U A 6  ? 1.3708 0.9134 0.6396 0.1885  0.0902  0.1581  6  U A OP1   
109 O OP2   . U A 6  ? 1.4419 1.0778 0.8027 0.1738  0.1088  0.1170  6  U A OP2   
110 O "O5'" . U A 6  ? 1.5040 1.1173 0.8552 0.2166  0.0602  0.1190  6  U A "O5'" 
111 C "C5'" . U A 6  ? 1.3551 0.9388 0.6765 0.2380  0.0368  0.1305  6  U A "C5'" 
112 C "C4'" . U A 6  ? 1.3291 0.9458 0.6759 0.2594  0.0126  0.1106  6  U A "C4'" 
113 O "O4'" . U A 6  ? 1.3194 0.9709 0.7338 0.2552  0.0151  0.0895  6  U A "O4'" 
114 C "C3'" . U A 6  ? 1.3065 0.9514 0.6301 0.2621  0.0102  0.0991  6  U A "C3'" 
115 O "O3'" . U A 6  ? 1.3772 0.9967 0.6375 0.2735  -0.0007 0.1143  6  U A "O3'" 
116 C "C2'" . U A 6  ? 1.2598 0.9456 0.6337 0.2746  -0.0059 0.0727  6  U A "C2'" 
117 O "O2'" . U A 6  ? 1.3079 0.9869 0.6757 0.2982  -0.0333 0.0735  6  U A "O2'" 
118 C "C1'" . U A 6  ? 1.2245 0.9156 0.6562 0.2642  0.0045  0.0665  6  U A "C1'" 
119 N N1    . U A 6  ? 1.1857 0.9077 0.6474 0.2476  0.0250  0.0510  6  U A N1    
120 C C2    . U A 6  ? 1.3007 1.0600 0.7911 0.2531  0.0189  0.0258  6  U A C2    
121 O O2    . U A 6  ? 1.3754 1.1458 0.8679 0.2690  -0.0020 0.0150  6  U A O2    
122 N N3    . U A 6  ? 1.2074 0.9909 0.7225 0.2394  0.0387  0.0128  6  U A N3    
123 C C4    . U A 6  ? 1.1422 0.9214 0.6584 0.2217  0.0625  0.0214  6  U A C4    
124 O O4    . U A 6  ? 1.1105 0.9156 0.6503 0.2134  0.0776  0.0072  6  U A O4    
125 C C5    . U A 6  ? 1.2473 0.9905 0.7342 0.2148  0.0677  0.0465  6  U A C5    
126 C C6    . U A 6  ? 1.1461 0.8596 0.6062 0.2276  0.0495  0.0607  6  U A C6    
127 P P     . C A 7  ? 1.5221 1.1413 0.7304 0.2598  0.0155  0.1199  7  C A P     
128 O OP1   . C A 7  ? 1.4952 1.0893 0.6386 0.2753  -0.0001 0.1343  7  C A OP1   
129 O OP2   . C A 7  ? 1.4387 1.0406 0.6468 0.2343  0.0437  0.1309  7  C A OP2   
130 O "O5'" . C A 7  ? 1.4329 1.1076 0.6760 0.2579  0.0169  0.0914  7  C A "O5'" 
131 C "C5'" . C A 7  ? 1.3618 1.0642 0.6180 0.2774  -0.0064 0.0738  7  C A "C5'" 
132 C "C4'" . C A 7  ? 1.3487 1.0981 0.6494 0.2712  0.0002  0.0457  7  C A "C4'" 
133 O "O4'" . C A 7  ? 1.4568 1.2136 0.8123 0.2602  0.0134  0.0386  7  C A "O4'" 
134 C "C3'" . C A 7  ? 1.3183 1.0856 0.5959 0.2570  0.0189  0.0397  7  C A "C3'" 
135 O "O3'" . C A 7  ? 1.3572 1.1353 0.5963 0.2669  0.0064  0.0351  7  C A "O3'" 
136 C "C2'" . C A 7  ? 1.2704 1.0721 0.6049 0.2488  0.0307  0.0160  7  C A "C2'" 
137 O "O2'" . C A 7  ? 1.3507 1.1811 0.7080 0.2612  0.0146  -0.0071 7  C A "O2'" 
138 C "C1'" . C A 7  ? 1.3118 1.0978 0.6861 0.2465  0.0326  0.0226  7  C A "C1'" 
139 N N1    . C A 7  ? 1.3429 1.1154 0.7128 0.2271  0.0575  0.0359  7  C A N1    
140 C C2    . C A 7  ? 1.3365 1.1368 0.7340 0.2143  0.0776  0.0216  7  C A C2    
141 O O2    . C A 7  ? 1.3941 1.2241 0.8169 0.2199  0.0744  -0.0008 7  C A O2    
142 N N3    . C A 7  ? 1.3667 1.1602 0.7613 0.1965  0.1003  0.0319  7  C A N3    
143 C C4    . C A 7  ? 1.3954 1.1536 0.7594 0.1891  0.1043  0.0552  7  C A C4    
144 N N4    . C A 7  ? 1.4599 1.2154 0.8224 0.1693  0.1280  0.0628  7  C A N4    
145 C C5    . C A 7  ? 1.5043 1.2281 0.8367 0.2022  0.0846  0.0712  7  C A C5    
146 C C6    . C A 7  ? 1.5185 1.2525 0.8561 0.2220  0.0611  0.0607  7  C A C6    
147 P P     . G A 8  ? 1.4981 1.2525 0.6661 0.2608  0.0141  0.0548  8  G A P     
148 O OP1   . G A 8  ? 1.4631 1.2301 0.6004 0.2778  -0.0073 0.0485  8  G A OP1   
149 O OP2   . G A 8  ? 1.4648 1.1724 0.6049 0.2550  0.0210  0.0823  8  G A OP2   
150 O "O5'" . G A 8  ? 1.5501 1.3277 0.7236 0.2394  0.0417  0.0444  8  G A "O5'" 
151 C "C5'" . G A 8  ? 1.4497 1.2692 0.6606 0.2387  0.0449  0.0170  8  G A "C5'" 
152 C "C4'" . G A 8  ? 1.3819 1.2173 0.6091 0.2194  0.0729  0.0102  8  G A "C4'" 
153 O "O4'" . G A 8  ? 1.4334 1.2616 0.7024 0.2122  0.0831  0.0141  8  G A "O4'" 
154 C "C3'" . G A 8  ? 1.4865 1.3091 0.6642 0.2034  0.0919  0.0250  8  G A "C3'" 
155 O "O3'" . G A 8  ? 1.5266 1.3627 0.6653 0.2045  0.0905  0.0187  8  G A "O3'" 
156 C "C2'" . G A 8  ? 1.4559 1.2958 0.6697 0.1869  0.1173  0.0176  8  G A "C2'" 
157 O "O2'" . G A 8  ? 1.3452 1.2232 0.5836 0.1873  0.1242  -0.0072 8  G A "O2'" 
158 C "C1'" . G A 8  ? 1.4952 1.3268 0.7583 0.1928  0.1097  0.0184  8  G A "C1'" 
159 N N9    . G A 8  ? 1.5698 1.3663 0.8164 0.1831  0.1168  0.0422  8  G A N9    
160 C C8    . G A 8  ? 1.6130 1.3697 0.8235 0.1900  0.1030  0.0636  8  G A C8    
161 N N7    . G A 8  ? 1.6711 1.4000 0.8705 0.1761  0.1168  0.0814  8  G A N7    
162 C C5    . G A 8  ? 1.5933 1.3496 0.8246 0.1591  0.1403  0.0705  8  G A C5    
163 C C6    . G A 8  ? 1.5716 1.3206 0.8086 0.1383  0.1632  0.0792  8  G A C6    
164 O O6    . G A 8  ? 1.6984 1.4104 0.9110 0.1290  0.1685  0.0992  8  G A O6    
165 N N1    . G A 8  ? 1.4755 1.2658 0.7496 0.1283  0.1815  0.0613  8  G A N1    
166 C C2    . G A 8  ? 1.4450 1.2734 0.7446 0.1375  0.1788  0.0387  8  G A C2    
167 N N2    . G A 8  ? 1.4196 1.2826 0.7511 0.1281  0.1983  0.0244  8  G A N2    
168 N N3    . G A 8  ? 1.5019 1.3342 0.7950 0.1549  0.1589  0.0304  8  G A N3    
169 C C4    . G A 8  ? 1.5643 1.3618 0.8241 0.1644  0.1403  0.0467  8  G A C4    
170 P P     . C A 9  ? 1.6315 1.4364 0.6959 0.2004  0.0905  0.0415  9  C A P     
171 O OP1   . C A 9  ? 1.5318 1.3583 0.5661 0.2043  0.0857  0.0296  9  C A OP1   
172 O OP2   . C A 9  ? 1.6555 1.4202 0.7018 0.2122  0.0729  0.0628  9  C A OP2   
173 O "O5'" . C A 9  ? 1.6509 1.4482 0.7028 0.1755  0.1210  0.0511  9  C A "O5'" 
174 C "C5'" . C A 9  ? 1.6815 1.4442 0.6704 0.1643  0.1294  0.0735  9  C A "C5'" 
175 C "C4'" . C A 9  ? 1.6744 1.4495 0.6542 0.1390  0.1599  0.0717  9  C A "C4'" 
176 O "O4'" . C A 9  ? 1.7463 1.5623 0.7299 0.1374  0.1667  0.0503  9  C A "O4'" 
177 C "C3'" . C A 9  ? 1.6090 1.3988 0.6406 0.1264  0.1783  0.0658  9  C A "C3'" 
178 O "O3'" . C A 9  ? 1.6442 1.3958 0.6661 0.1181  0.1827  0.0866  9  C A "O3'" 
179 C "C2'" . C A 9  ? 1.7012 1.5223 0.7262 0.1075  0.2042  0.0542  9  C A "C2'" 
180 O "O2'" . C A 9  ? 1.8038 1.5981 0.7727 0.0873  0.2208  0.0720  9  C A "O2'" 
181 C "C1'" . C A 9  ? 1.6865 1.5300 0.6973 0.1197  0.1931  0.0393  9  C A "C1'" 
182 N N1    . C A 9  ? 1.5363 1.4210 0.6051 0.1299  0.1909  0.0132  9  C A N1    
183 C C2    . C A 9  ? 1.5088 1.4282 0.6068 0.1187  0.2138  -0.0028 9  C A C2    
184 O O2    . C A 9  ? 1.5474 1.4675 0.6250 0.0992  0.2355  0.0040  9  C A O2    
185 N N3    . C A 9  ? 1.4844 1.4357 0.6309 0.1297  0.2120  -0.0258 9  C A N3    
186 C C4    . C A 9  ? 1.4205 1.3702 0.5867 0.1481  0.1897  -0.0339 9  C A C4    
187 N N4    . C A 9  ? 1.3274 1.3043 0.5373 0.1569  0.1902  -0.0568 9  C A N4    
188 C C5    . C A 9  ? 1.4257 1.3459 0.5659 0.1586  0.1663  -0.0196 9  C A C5    
189 C C6    . C A 9  ? 1.5231 1.4114 0.6151 0.1504  0.1673  0.0041  9  C A C6    
190 P P     . A A 10 ? 1.6655 1.4162 0.7477 0.1255  0.1759  0.0847  10 A A P     
191 O OP1   . A A 10 ? 1.8827 1.5840 0.9377 0.1186  0.1775  0.1095  10 A A OP1   
192 O OP2   . A A 10 ? 1.4892 1.2594 0.6059 0.1493  0.1516  0.0693  10 A A OP2   
193 O "O5'" . A A 10 ? 1.7017 1.4916 0.8312 0.1094  0.2005  0.0687  10 A A "O5'" 
194 C "C5'" . A A 10 ? 1.7403 1.5327 0.8469 0.0842  0.2277  0.0737  10 A A "C5'" 
195 C "C4'" . A A 10 ? 1.5931 1.4383 0.7377 0.0771  0.2457  0.0508  10 A A "C4'" 
196 O "O4'" . A A 10 ? 1.5300 1.4008 0.6733 0.0907  0.2367  0.0340  10 A A "O4'" 
197 C "C3'" . A A 10 ? 1.5227 1.3932 0.7363 0.0825  0.2470  0.0375  10 A A "C3'" 
198 O "O3'" . A A 10 ? 1.5910 1.4565 0.8161 0.0643  0.2645  0.0459  10 A A "O3'" 
199 C "C2'" . A A 10 ? 1.4728 1.3922 0.7110 0.0860  0.2562  0.0127  10 A A "C2'" 
200 O "O2'" . A A 10 ? 1.4819 1.4244 0.7083 0.0653  0.2829  0.0095  10 A A "O2'" 
201 C "C1'" . A A 10 ? 1.4937 1.4073 0.6920 0.0963  0.2427  0.0110  10 A A "C1'" 
202 N N9    . A A 10 ? 1.4415 1.3596 0.6662 0.1193  0.2196  -0.0009 10 A A N9    
203 C C8    . A A 10 ? 1.5070 1.3976 0.7170 0.1337  0.1949  0.0080  10 A A C8    
204 N N7    . A A 10 ? 1.5034 1.4099 0.7426 0.1508  0.1795  -0.0089 10 A A N7    
205 C C5    . A A 10 ? 1.4195 1.3618 0.6922 0.1482  0.1951  -0.0293 10 A A C5    
206 C C6    . A A 10 ? 1.3521 1.3204 0.6613 0.1602  0.1913  -0.0531 10 A A C6    
207 N N6    . A A 10 ? 1.3520 1.3166 0.6725 0.1756  0.1703  -0.0618 10 A A N6    
208 N N1    . A A 10 ? 1.4097 1.4078 0.7429 0.1562  0.2105  -0.0687 10 A A N1    
209 C C2    . A A 10 ? 1.5732 1.5799 0.8962 0.1403  0.2316  -0.0618 10 A A C2    
210 N N3    . A A 10 ? 1.6567 1.6437 0.9472 0.1252  0.2383  -0.0412 10 A A N3    
211 C C4    . A A 10 ? 1.5051 1.4569 0.7698 0.1301  0.2192  -0.0248 10 A A C4    
212 P P     . G A 11 ? 1.2924 1.4053 0.8874 0.3993  0.1683  -0.2011 11 G A P     
213 O OP1   . G A 11 ? 1.3057 1.5282 1.0324 0.3893  0.1509  -0.2114 11 G A OP1   
214 O OP2   . G A 11 ? 1.1692 1.2187 0.6934 0.3583  0.1807  -0.2046 11 G A OP2   
215 O "O5'" . G A 11 ? 1.2565 1.3344 0.7811 0.4301  0.1185  -0.1905 11 G A "O5'" 
216 C "C5'" . G A 11 ? 1.3329 1.4689 0.9125 0.4666  0.0915  -0.1880 11 G A "C5'" 
217 C "C4'" . G A 11 ? 1.2752 1.4366 0.8454 0.4589  0.0302  -0.1956 11 G A "C4'" 
218 O "O4'" . G A 11 ? 1.2531 1.3298 0.7050 0.4599  0.0127  -0.1818 11 G A "O4'" 
219 C "C3'" . G A 11 ? 1.2387 1.4442 0.8542 0.4162  0.0102  -0.2166 11 G A "C3'" 
220 O "O3'" . G A 11 ? 1.2772 1.5191 0.9100 0.4282  -0.0525 -0.2256 11 G A "O3'" 
221 C "C2'" . G A 11 ? 1.2983 1.4240 0.8040 0.3902  0.0195  -0.2126 11 G A "C2'" 
222 O "O2'" . G A 11 ? 1.3933 1.5221 0.8790 0.3635  -0.0089 -0.2282 11 G A "O2'" 
223 C "C1'" . G A 11 ? 1.3536 1.4177 0.7709 0.4238  0.0024  -0.1887 11 G A "C1'" 
224 N N9    . G A 11 ? 1.3909 1.3693 0.7266 0.4109  0.0262  -0.1667 11 G A N9    
225 C C8    . G A 11 ? 1.4046 1.3576 0.7268 0.3728  0.0576  -0.1686 11 G A C8    
226 N N7    . G A 11 ? 1.4429 1.3197 0.7150 0.3632  0.0673  -0.1384 11 G A N7    
227 C C5    . G A 11 ? 1.4229 1.2664 0.6534 0.4042  0.0410  -0.1197 11 G A C5    
228 C C6    . G A 11 ? 1.4583 1.2191 0.6446 0.4108  0.0288  -0.0807 11 G A C6    
229 O O6    . G A 11 ? 1.4842 1.1854 0.6615 0.3836  0.0388  -0.0545 11 G A O6    
230 N N1    . G A 11 ? 1.4656 1.2149 0.6296 0.4530  -0.0041 -0.0700 11 G A N1    
231 C C2    . G A 11 ? 1.4759 1.2912 0.6711 0.4812  -0.0209 -0.0916 11 G A C2    
232 N N2    . G A 11 ? 1.3632 1.1538 0.5345 0.5188  -0.0525 -0.0747 11 G A N2    
233 N N3    . G A 11 ? 1.5498 1.4472 0.8037 0.4718  -0.0124 -0.1241 11 G A N3    
234 C C4    . G A 11 ? 1.4388 1.3453 0.7087 0.4323  0.0172  -0.1367 11 G A C4    
235 P P     . U A 12 ? 1.4642 1.8082 1.2497 0.4317  -0.0827 -0.2347 12 U A P     
236 O OP1   . U A 12 ? 1.1903 1.5689 1.0382 0.4725  -0.0493 -0.2136 12 U A OP1   
237 O OP2   . U A 12 ? 1.1676 1.5400 1.0200 0.3850  -0.0769 -0.2505 12 U A OP2   
238 O "O5'" . U A 12 ? 1.5271 1.8686 1.2761 0.4465  -0.1640 -0.2465 12 U A "O5'" 
239 P P     . A A 13 ? 2.4273 2.7771 2.1346 0.5118  -0.3818 -0.2753 13 A A P     
240 O OP1   . A A 13 ? 2.5241 2.8753 2.2512 0.5101  -0.4760 -0.3005 13 A A OP1   
241 O OP2   . A A 13 ? 2.2660 2.5246 1.8093 0.5160  -0.3427 -0.2657 13 A A OP2   
242 O "O5'" . A A 13 ? 2.3271 2.7276 2.0998 0.5510  -0.3666 -0.2525 13 A A "O5'" 
243 C "C5'" . A A 13 ? 2.1868 2.6469 2.0717 0.5521  -0.3033 -0.2332 13 A A "C5'" 
244 C "C4'" . A A 13 ? 2.3204 2.7795 2.1858 0.6008  -0.2807 -0.2107 13 A A "C4'" 
245 O "O4'" . A A 13 ? 2.4396 2.9023 2.3333 0.6088  -0.2005 -0.1915 13 A A "O4'" 
246 C "C3'" . A A 13 ? 2.3816 2.7520 2.0827 0.6252  -0.2890 -0.2052 13 A A "C3'" 
247 O "O3'" . A A 13 ? 2.3347 2.6957 1.9932 0.6436  -0.3610 -0.2151 13 A A "O3'" 
248 C "C2'" . A A 13 ? 2.4324 2.7934 2.1289 0.6634  -0.2426 -0.1813 13 A A "C2'" 
249 O "O2'" . A A 13 ? 2.4781 2.8892 2.2353 0.7039  -0.2718 -0.1735 13 A A "O2'" 
250 C "C1'" . A A 13 ? 2.4083 2.8069 2.1965 0.6481  -0.1795 -0.1760 13 A A "C1'" 
251 N N9    . A A 13 ? 2.3392 2.6581 2.0350 0.6342  -0.1256 -0.1708 13 A A N9    
252 C C8    . A A 13 ? 2.2188 2.5294 1.9216 0.5902  -0.0954 -0.1803 13 A A C8    
253 N N7    . A A 13 ? 2.1701 2.4021 1.7868 0.5858  -0.0542 -0.1722 13 A A N7    
254 C C5    . A A 13 ? 2.0725 2.2509 1.6187 0.6294  -0.0609 -0.1560 13 A A C5    
255 C C6    . A A 13 ? 1.7923 1.8683 1.2355 0.6451  -0.0424 -0.1410 13 A A C6    
256 N N6    . A A 13 ? 1.7703 1.7833 1.1665 0.6187  -0.0112 -0.1396 13 A A N6    
257 N N1    . A A 13 ? 1.9374 1.9716 1.3285 0.6895  -0.0647 -0.1270 13 A A N1    
258 C C2    . A A 13 ? 2.2001 2.2994 1.6410 0.7165  -0.0962 -0.1284 13 A A C2    
259 N N3    . A A 13 ? 2.2303 2.4292 1.7711 0.7059  -0.1172 -0.1412 13 A A N3    
260 C C4    . A A 13 ? 2.2134 2.4461 1.8049 0.6604  -0.1006 -0.1550 13 A A C4    
261 P P     . A A 14 ? 2.2106 2.4803 1.7065 0.6442  -0.3884 -0.2203 14 A A P     
262 O OP1   . A A 14 ? 2.0636 2.3392 1.5539 0.6595  -0.4706 -0.2402 14 A A OP1   
263 O OP2   . A A 14 ? 2.2544 2.4819 1.7018 0.6064  -0.3471 -0.2225 14 A A OP2   
264 O "O5'" . A A 14 ? 2.1633 2.3780 1.5638 0.6810  -0.3670 -0.1912 14 A A "O5'" 
265 C "C5'" . A A 14 ? 2.0021 2.2489 1.4490 0.7165  -0.3690 -0.1791 14 A A "C5'" 
266 C "C4'" . A A 14 ? 1.7753 1.9630 1.1589 0.7305  -0.3234 -0.1520 14 A A "C4'" 
267 O "O4'" . A A 14 ? 1.6219 1.8212 1.0604 0.7134  -0.2684 -0.1510 14 A A "O4'" 
268 C "C3'" . A A 14 ? 1.7746 1.8765 1.0428 0.7192  -0.3106 -0.1326 14 A A "C3'" 
269 O "O3'" . A A 14 ? 1.9111 1.9756 1.1075 0.7456  -0.3427 -0.1180 14 A A "O3'" 
270 C "C2'" . A A 14 ? 1.6371 1.6910 0.8911 0.7169  -0.2660 -0.1117 14 A A "C2'" 
271 O "O2'" . A A 14 ? 1.6336 1.6565 0.8570 0.7576  -0.2814 -0.0921 14 A A "O2'" 
272 C "C1'" . A A 14 ? 1.5395 1.6538 0.8922 0.7062  -0.2357 -0.1315 14 A A "C1'" 
273 N N9    . A A 14 ? 1.5254 1.6335 0.8905 0.6617  -0.1986 -0.1402 14 A A N9    
274 C C8    . A A 14 ? 1.5979 1.7651 1.0328 0.6300  -0.1974 -0.1633 14 A A C8    
275 N N7    . A A 14 ? 1.5265 1.6718 0.9554 0.5938  -0.1593 -0.1663 14 A A N7    
276 C C5    . A A 14 ? 1.5182 1.5826 0.8687 0.6021  -0.1367 -0.1427 14 A A C5    
277 C C6    . A A 14 ? 1.5748 1.5781 0.8853 0.5758  -0.0998 -0.1327 14 A A C6    
278 N N6    . A A 14 ? 1.5671 1.5881 0.9071 0.5365  -0.0715 -0.1473 14 A A N6    
279 N N1    . A A 14 ? 1.6457 1.5650 0.8890 0.5908  -0.0996 -0.1061 14 A A N1    
280 C C2    . A A 14 ? 1.6779 1.5783 0.8937 0.6299  -0.1311 -0.0915 14 A A C2    
281 N N3    . A A 14 ? 1.6840 1.6399 0.9270 0.6591  -0.1610 -0.0998 14 A A N3    
282 C C4    . A A 14 ? 1.6008 1.6391 0.9133 0.6429  -0.1627 -0.1260 14 A A C4    
283 P P     . C A 15 ? 1.8412 1.8510 0.9756 0.7212  -0.3338 -0.1117 15 C A P     
284 O OP1   . C A 15 ? 1.6655 1.6373 0.7657 0.7382  -0.3442 -0.0971 15 C A OP1   
285 O OP2   . C A 15 ? 1.8150 1.8667 0.9625 0.7090  -0.3614 -0.1463 15 C A OP2   
286 O "O5'" . C A 15 ? 1.7574 1.7080 0.8672 0.6938  -0.2793 -0.0783 15 C A "O5'" 
287 C "C5'" . C A 15 ? 1.5638 1.4665 0.6722 0.6952  -0.2605 -0.0445 15 C A "C5'" 
288 C "C4'" . C A 15 ? 1.5220 1.3806 0.6311 0.6671  -0.2253 -0.0216 15 C A "C4'" 
289 O "O4'" . C A 15 ? 1.5034 1.3938 0.6274 0.6656  -0.2212 -0.0469 15 C A "O4'" 
290 C "C3'" . C A 15 ? 1.6037 1.4293 0.6903 0.6389  -0.1960 0.0012  15 C A "C3'" 
291 O "O3'" . C A 15 ? 1.7498 1.5350 0.8261 0.6382  -0.1847 0.0412  15 C A "O3'" 
292 C "C2'" . C A 15 ? 1.5461 1.3487 0.6453 0.6122  -0.1722 0.0066  15 C A "C2'" 
293 O "O2'" . C A 15 ? 1.4902 1.2355 0.6046 0.6018  -0.1679 0.0397  15 C A "O2'" 
294 C "C1'" . C A 15 ? 1.4776 1.3299 0.5903 0.6315  -0.1881 -0.0333 15 C A "C1'" 
295 N N1    . C A 15 ? 1.5333 1.4349 0.6565 0.6123  -0.1782 -0.0671 15 C A N1    
296 C C2    . C A 15 ? 1.5732 1.4511 0.7060 0.5750  -0.1398 -0.0657 15 C A C2    
297 O O2    . C A 15 ? 1.5755 1.3879 0.6856 0.5700  -0.1277 -0.0346 15 C A O2    
298 N N3    . C A 15 ? 1.5473 1.4694 0.7168 0.5454  -0.1234 -0.0973 15 C A N3    
299 C C4    . C A 15 ? 1.4877 1.4711 0.6893 0.5508  -0.1511 -0.1279 15 C A C4    
300 N N4    . C A 15 ? 1.3996 1.4200 0.6450 0.5187  -0.1408 -0.1559 15 C A N4    
301 C C5    . C A 15 ? 1.5016 1.5062 0.6948 0.5887  -0.1967 -0.1301 15 C A C5    
302 C C6    . C A 15 ? 1.5579 1.5222 0.7086 0.6192  -0.2049 -0.0997 15 C A C6    
303 P P     . C A 16 ? 1.2668 1.0583 1.0589 0.1166  -0.0004 -0.1149 16 C A P     
304 O OP1   . C A 16 ? 1.0466 0.8316 0.8825 0.1038  -0.0060 -0.1159 16 C A OP1   
305 O OP2   . C A 16 ? 0.9763 0.7725 0.7505 0.1197  0.0210  -0.0981 16 C A OP2   
306 O "O5'" . C A 16 ? 1.3463 1.1514 1.1258 0.1203  -0.0147 -0.1163 16 C A "O5'" 
307 C "C5'" . C A 16 ? 1.2653 1.0749 1.0539 0.1198  -0.0365 -0.1364 16 C A "C5'" 
308 C "C4'" . C A 16 ? 1.1952 1.0237 0.9656 0.1284  -0.0479 -0.1358 16 C A "C4'" 
309 O "O4'" . C A 16 ? 1.2581 1.0847 0.9786 0.1458  -0.0416 -0.1340 16 C A "O4'" 
310 C "C3'" . C A 16 ? 0.9846 0.8257 0.7678 0.1246  -0.0430 -0.1143 16 C A "C3'" 
311 O "O3'" . C A 16 ? 1.1182 0.9710 0.9461 0.1106  -0.0537 -0.1167 16 C A "O3'" 
312 C "C2'" . C A 16 ? 1.0949 0.9468 0.8388 0.1421  -0.0493 -0.1135 16 C A "C2'" 
313 O "O2'" . C A 16 ? 1.1951 1.0667 0.9479 0.1450  -0.0728 -0.1333 16 C A "O2'" 
314 C "C1'" . C A 16 ? 1.1166 0.9541 0.8188 0.1540  -0.0410 -0.1196 16 C A "C1'" 
315 N N1    . C A 16 ? 1.1295 0.9544 0.8051 0.1572  -0.0173 -0.0985 16 C A N1    
316 C C2    . C A 16 ? 1.2346 1.0589 0.8755 0.1694  -0.0113 -0.0839 16 C A C2    
317 O O2    . C A 16 ? 1.3147 1.1521 0.9470 0.1803  -0.0269 -0.0880 16 C A O2    
318 N N3    . C A 16 ? 1.2638 1.0735 0.8814 0.1692  0.0121  -0.0665 16 C A N3    
319 C C4    . C A 16 ? 1.1703 0.9734 0.7997 0.1581  0.0276  -0.0651 16 C A C4    
320 N N4    . C A 16 ? 1.1107 0.9035 0.7197 0.1556  0.0507  -0.0506 16 C A N4    
321 C C5    . C A 16 ? 1.1698 0.9762 0.8319 0.1493  0.0207  -0.0794 16 C A C5    
322 C C6    . C A 16 ? 1.1724 0.9862 0.8557 0.1490  -0.0010 -0.0950 16 C A C6    
323 P P     . C A 17 ? 1.2522 1.1107 1.1100 0.1003  -0.0419 -0.0932 17 C A P     
324 O OP1   . C A 17 ? 1.0984 0.9685 1.0045 0.0844  -0.0527 -0.0988 17 C A OP1   
325 O OP2   . C A 17 ? 0.8652 0.7060 0.7114 0.1009  -0.0205 -0.0810 17 C A OP2   
326 O "O5'" . C A 17 ? 1.2066 1.0816 1.0429 0.1122  -0.0442 -0.0811 17 C A "O5'" 
327 C "C5'" . C A 17 ? 1.0913 0.9892 0.9269 0.1187  -0.0643 -0.0929 17 C A "C5'" 
328 C "C4'" . C A 17 ? 1.1099 1.0168 0.9154 0.1353  -0.0628 -0.0786 17 C A "C4'" 
329 O "O4'" . C A 17 ? 1.0695 0.9574 0.8226 0.1514  -0.0535 -0.0756 17 C A "O4'" 
330 C "C3'" . C A 17 ? 1.0504 0.9549 0.8664 0.1317  -0.0478 -0.0546 17 C A "C3'" 
331 O "O3'" . C A 17 ? 0.9591 0.8888 0.8160 0.1230  -0.0568 -0.0523 17 C A "O3'" 
332 C "C2'" . C A 17 ? 1.0012 0.8972 0.7682 0.1519  -0.0418 -0.0430 17 C A "C2'" 
333 O "O2'" . C A 17 ? 1.0915 1.0129 0.8533 0.1654  -0.0599 -0.0484 17 C A "O2'" 
334 C "C1'" . C A 17 ? 0.9683 0.8466 0.6982 0.1596  -0.0387 -0.0534 17 C A "C1'" 
335 N N1    . C A 17 ? 0.9728 0.8254 0.6898 0.1533  -0.0158 -0.0435 17 C A N1    
336 C C2    . C A 17 ? 1.0279 0.8624 0.7110 0.1606  0.0023  -0.0256 17 C A C2    
337 O O2    . C A 17 ? 1.1822 1.0181 0.8449 0.1740  -0.0007 -0.0165 17 C A O2    
338 N N3    . C A 17 ? 1.0768 0.8933 0.7501 0.1531  0.0232  -0.0194 17 C A N3    
339 C C4    . C A 17 ? 1.0102 0.8278 0.7041 0.1422  0.0254  -0.0297 17 C A C4    
340 N N4    . C A 17 ? 0.9004 0.7066 0.5848 0.1362  0.0457  -0.0245 17 C A N4    
341 C C5    . C A 17 ? 1.0491 0.8793 0.7741 0.1370  0.0077  -0.0464 17 C A C5    
342 C C6    . C A 17 ? 1.0851 0.9315 0.8212 0.1412  -0.0121 -0.0531 17 C A C6    
343 P P     . C A 18 ? 0.9813 0.9096 0.8695 0.1108  -0.0419 -0.0333 18 C A P     
344 O OP1   . C A 18 ? 1.0846 1.0441 1.0161 0.1016  -0.0552 -0.0362 18 C A OP1   
345 O OP2   . C A 18 ? 0.7992 0.7051 0.6941 0.1004  -0.0271 -0.0318 18 C A OP2   
346 O "O5'" . C A 18 ? 1.0997 1.0200 0.9535 0.1258  -0.0304 -0.0149 18 C A "O5'" 
347 C "C5'" . C A 18 ? 1.0287 0.9670 0.8695 0.1408  -0.0412 -0.0118 18 C A "C5'" 
348 C "C4'" . C A 18 ? 0.9394 0.8569 0.7396 0.1559  -0.0272 0.0052  18 C A "C4'" 
349 O "O4'" . C A 18 ? 1.0892 0.9777 0.8446 0.1633  -0.0177 0.0033  18 C A "O4'" 
350 C "C3'" . C A 18 ? 0.8483 0.7538 0.6609 0.1471  -0.0083 0.0213  18 C A "C3'" 
351 O "O3'" . C A 18 ? 0.8653 0.7949 0.7082 0.1464  -0.0129 0.0293  18 C A "O3'" 
352 C "C2'" . C A 18 ? 1.0140 0.8872 0.7755 0.1597  0.0071  0.0314  18 C A "C2'" 
353 O "O2'" . C A 18 ? 1.0815 0.9565 0.8180 0.1794  0.0012  0.0390  18 C A "O2'" 
354 C "C1'" . C A 18 ? 1.0478 0.9090 0.7803 0.1639  0.0041  0.0194  18 C A "C1'" 
355 N N1    . C A 18 ? 0.8567 0.7020 0.5931 0.1495  0.0190  0.0165  18 C A N1    
356 C C2    . C A 18 ? 0.9038 0.7233 0.6143 0.1480  0.0414  0.0274  18 C A C2    
357 O O2    . C A 18 ? 1.1965 1.0007 0.8806 0.1577  0.0491  0.0395  18 C A O2    
358 N N3    . C A 18 ? 1.1410 0.9524 0.8554 0.1359  0.0551  0.0238  18 C A N3    
359 C C4    . C A 18 ? 1.0757 0.8994 0.8155 0.1281  0.0470  0.0110  18 C A C4    
360 N N4    . C A 18 ? 0.8775 0.6946 0.6179 0.1193  0.0612  0.0079  18 C A N4    
361 C C5    . C A 18 ? 1.0267 0.8700 0.7921 0.1285  0.0251  0.0003  18 C A C5    
362 C C6    . C A 18 ? 0.9234 0.7793 0.6880 0.1381  0.0115  0.0028  18 C A C6    
363 P P     . A A 19 ? 0.8894 0.8267 0.7748 0.1295  -0.0019 0.0374  19 A A P     
364 O OP1   . A A 19 ? 0.9624 0.9335 0.8803 0.1306  -0.0124 0.0420  19 A A OP1   
365 O OP2   . A A 19 ? 0.8358 0.7662 0.7390 0.1145  0.0017  0.0286  19 A A OP2   
366 O "O5'" . A A 19 ? 0.8796 0.7899 0.7386 0.1327  0.0193  0.0497  19 A A "O5'" 
367 C "C5'" . A A 19 ? 0.7972 0.6998 0.6309 0.1473  0.0225  0.0599  19 A A "C5'" 
368 C "C4'" . A A 19 ? 0.8655 0.7316 0.6633 0.1481  0.0434  0.0661  19 A A "C4'" 
369 O "O4'" . A A 19 ? 0.9663 0.8117 0.7364 0.1462  0.0477  0.0587  19 A A "O4'" 
370 C "C3'" . A A 19 ? 0.7478 0.6128 0.5674 0.1337  0.0602  0.0697  19 A A "C3'" 
371 O "O3'" . A A 19 ? 0.7327 0.6076 0.5657 0.1375  0.0628  0.0785  19 A A "O3'" 
372 C "C2'" . A A 19 ? 0.8464 0.6771 0.6285 0.1307  0.0786  0.0692  19 A A "C2'" 
373 O "O2'" . A A 19 ? 0.8041 0.6076 0.5507 0.1410  0.0882  0.0781  19 A A "O2'" 
374 C "C1'" . A A 19 ? 1.0182 0.8420 0.7776 0.1359  0.0692  0.0612  19 A A "C1'" 
375 N N9    . A A 19 ? 1.0824 0.9133 0.8598 0.1229  0.0710  0.0509  19 A A N9    
376 C C8    . A A 19 ? 1.0102 0.8597 0.8122 0.1197  0.0557  0.0411  19 A A C8    
377 N N7    . A A 19 ? 1.1019 0.9494 0.9115 0.1102  0.0624  0.0336  19 A A N7    
378 C C5    . A A 19 ? 0.9926 0.8248 0.7835 0.1063  0.0830  0.0382  19 A A C5    
379 C C6    . A A 19 ? 1.0350 0.8638 0.8236 0.0975  0.0982  0.0332  19 A A C6    
380 N N6    . A A 19 ? 1.0343 0.8715 0.8377 0.0939  0.0943  0.0234  19 A A N6    
381 N N1    . A A 19 ? 0.9702 0.7871 0.7412 0.0927  0.1179  0.0376  19 A A N1    
382 C C2    . A A 19 ? 0.9813 0.7840 0.7359 0.0970  0.1222  0.0471  19 A A C2    
383 N N3    . A A 19 ? 1.0689 0.8704 0.8205 0.1081  0.1090  0.0536  19 A A N3    
384 C C4    . A A 19 ? 0.9956 0.8156 0.7671 0.1124  0.0890  0.0485  19 A A C4    
385 P P     . G A 20 ? 0.8747 0.7672 0.7449 0.1250  0.0737  0.0805  20 G A P     
386 O OP1   . G A 20 ? 0.7781 0.6821 0.6570 0.1335  0.0732  0.0888  20 G A OP1   
387 O OP2   . G A 20 ? 0.7247 0.6414 0.6321 0.1146  0.0663  0.0755  20 G A OP2   
388 O "O5'" . G A 20 ? 0.7209 0.5855 0.5671 0.1164  0.0950  0.0777  20 G A "O5'" 
389 C "C5'" . G A 20 ? 0.7370 0.5695 0.5464 0.1212  0.1077  0.0818  20 G A "C5'" 
390 C "C4'" . G A 20 ? 0.8357 0.6569 0.6418 0.1068  0.1290  0.0770  20 G A "C4'" 
391 O "O4'" . G A 20 ? 0.9347 0.7555 0.7376 0.0980  0.1322  0.0694  20 G A "O4'" 
392 C "C3'" . G A 20 ? 0.7506 0.6025 0.5966 0.0990  0.1335  0.0748  20 G A "C3'" 
393 O "O3'" . G A 20 ? 0.9114 0.7503 0.7473 0.0883  0.1539  0.0695  20 G A "O3'" 
394 C "C2'" . G A 20 ? 0.7586 0.6349 0.6310 0.0923  0.1281  0.0694  20 G A "C2'" 
395 O "O2'" . G A 20 ? 0.7950 0.6985 0.6982 0.0850  0.1362  0.0659  20 G A "O2'" 
396 C "C1'" . G A 20 ? 0.8824 0.7327 0.7221 0.0879  0.1350  0.0636  20 G A "C1'" 
397 N N9    . G A 20 ? 1.0733 0.9327 0.9212 0.0872  0.1251  0.0582  20 G A N9    
398 C C8    . G A 20 ? 1.0559 0.9186 0.9069 0.0945  0.1064  0.0585  20 G A C8    
399 N N7    . G A 20 ? 0.9187 0.7854 0.7759 0.0909  0.1019  0.0507  20 G A N7    
400 C C5    . G A 20 ? 0.9005 0.7684 0.7574 0.0827  0.1185  0.0460  20 G A C5    
401 C C6    . G A 20 ? 1.0451 0.9176 0.9055 0.0786  0.1222  0.0371  20 G A C6    
402 O O6    . G A 20 ? 1.1023 0.9743 0.9663 0.0807  0.1116  0.0310  20 G A O6    
403 N N1    . G A 20 ? 1.0125 0.8917 0.8719 0.0716  0.1405  0.0336  20 G A N1    
404 C C2    . G A 20 ? 0.9089 0.7887 0.7657 0.0668  0.1537  0.0367  20 G A C2    
405 N N2    . G A 20 ? 0.8821 0.7742 0.7410 0.0584  0.1704  0.0292  20 G A N2    
406 N N3    . G A 20 ? 0.9563 0.8266 0.8089 0.0702  0.1507  0.0448  20 G A N3    
407 C C4    . G A 20 ? 0.9789 0.8442 0.8310 0.0793  0.1328  0.0498  20 G A C4    
408 P P     . U A 21 ? 0.9843 0.8070 0.8100 0.0900  0.1644  0.0714  21 U A P     
409 O OP1   . U A 21 ? 0.9643 0.7671 0.7682 0.1075  0.1536  0.0816  21 U A OP1   
410 O OP2   . U A 21 ? 0.7704 0.6293 0.6337 0.0844  0.1681  0.0658  21 U A OP2   
411 O "O5'" . U A 21 ? 0.7559 0.5405 0.5469 0.0774  0.1861  0.0662  21 U A "O5'" 
412 C "C5'" . U A 21 ? 0.9724 0.7141 0.7184 0.0835  0.1889  0.0729  21 U A "C5'" 
413 C "C4'" . U A 21 ? 1.0672 0.7792 0.7880 0.0673  0.2130  0.0677  21 U A "C4'" 
414 O "O4'" . U A 21 ? 1.2880 1.0223 1.0201 0.0564  0.2153  0.0596  21 U A "O4'" 
415 C "C3'" . U A 21 ? 1.0616 0.7754 0.7967 0.0525  0.2298  0.0587  21 U A "C3'" 
416 O "O3'" . U A 21 ? 1.2162 0.8830 0.9145 0.0414  0.2525  0.0585  21 U A "O3'" 
417 C "C2'" . U A 21 ? 1.0880 0.8491 0.8601 0.0387  0.2322  0.0458  21 U A "C2'" 
418 O "O2'" . U A 21 ? 1.1468 0.9144 0.9285 0.0197  0.2520  0.0323  21 U A "O2'" 
419 C "C1'" . U A 21 ? 1.2872 1.0418 1.0411 0.0380  0.2313  0.0472  21 U A "C1'" 
420 N N1    . U A 21 ? 1.1938 0.9920 0.9786 0.0356  0.2235  0.0396  21 U A N1    
421 C C2    . U A 21 ? 1.1936 1.0009 0.9761 0.0213  0.2388  0.0292  21 U A C2    
422 O O2    . U A 21 ? 1.2065 0.9886 0.9650 0.0084  0.2583  0.0263  21 U A O2    
423 N N3    . U A 21 ? 1.1410 0.9866 0.9494 0.0228  0.2311  0.0227  21 U A N3    
424 C C4    . U A 21 ? 1.1390 1.0089 0.9743 0.0354  0.2116  0.0267  21 U A C4    
425 O O4    . U A 21 ? 1.2505 1.1484 1.1046 0.0365  0.2082  0.0209  21 U A O4    
426 C C5    . U A 21 ? 1.1216 0.9813 0.9596 0.0468  0.1979  0.0377  21 U A C5    
427 C C6    . U A 21 ? 1.1565 0.9835 0.9698 0.0475  0.2035  0.0433  21 U A C6    
428 P P     . U A 22 ? 1.2765 0.8989 0.9522 0.0436  0.2639  0.0619  22 U A P     
429 O OP1   . U A 22 ? 0.8850 0.5431 0.6000 0.0449  0.2564  0.0539  22 U A OP1   
430 O OP2   . U A 22 ? 1.1707 0.7506 0.8158 0.0238  0.2917  0.0588  22 U A OP2   
431 O "O5'" . U A 22 ? 1.1515 0.7446 0.7947 0.0720  0.2482  0.0796  22 U A "O5'" 
432 C "C5'" . U A 22 ? 1.1119 0.6612 0.7064 0.0808  0.2537  0.0912  22 U A "C5'" 
433 C "C4'" . U A 22 ? 1.0422 0.5845 0.6166 0.1112  0.2330  0.1046  22 U A "C4'" 
434 O "O4'" . U A 22 ? 1.1538 0.6782 0.7229 0.1239  0.2318  0.1085  22 U A "O4'" 
435 C "C3'" . U A 22 ? 1.0240 0.6217 0.6338 0.1212  0.2058  0.1027  22 U A "C3'" 
436 O "O3'" . U A 22 ? 1.0227 0.6090 0.6015 0.1446  0.1918  0.1129  22 U A "O3'" 
437 C "C2'" . U A 22 ? 0.9321 0.5571 0.5754 0.1271  0.1954  0.1007  22 U A "C2'" 
438 O "O2'" . U A 22 ? 0.9739 0.6381 0.6401 0.1433  0.1703  0.1039  22 U A "O2'" 
439 C "C1'" . U A 22 ? 1.0195 0.5920 0.6237 0.1383  0.2071  0.1081  22 U A "C1'" 
440 N N1    . U A 22 ? 1.2076 0.7867 0.8339 0.1347  0.2113  0.1019  22 U A N1    
441 C C2    . U A 22 ? 1.2436 0.8201 0.8639 0.1581  0.1998  0.1085  22 U A C2    
442 O O2    . U A 22 ? 1.3046 0.8772 0.9035 0.1818  0.1856  0.1190  22 U A O2    
443 N N3    . U A 22 ? 1.1609 0.7433 0.8009 0.1540  0.2051  0.1008  22 U A N3    
444 C C4    . U A 22 ? 1.1244 0.7169 0.7898 0.1291  0.2200  0.0863  22 U A C4    
445 O O4    . U A 22 ? 1.0486 0.6489 0.7301 0.1290  0.2225  0.0785  22 U A O4    
446 C C5    . U A 22 ? 1.1888 0.7858 0.8594 0.1060  0.2313  0.0801  22 U A C5    
447 C C6    . U A 22 ? 1.2064 0.7959 0.8577 0.1096  0.2268  0.0884  22 U A C6    
448 P P     . A A 23 ? 1.1050 0.6814 0.6561 0.1448  0.1934  0.1142  23 A A P     
449 O OP1   . A A 23 ? 1.1640 0.7252 0.6772 0.1738  0.1798  0.1248  23 A A OP1   
450 O OP2   . A A 23 ? 1.0675 0.6110 0.5975 0.1244  0.2211  0.1123  23 A A OP2   
451 O "O5'" . A A 23 ? 1.0481 0.6809 0.6471 0.1353  0.1764  0.1028  23 A A "O5'" 
452 C "C5'" . A A 23 ? 1.0467 0.7207 0.6813 0.1449  0.1526  0.1012  23 A A "C5'" 
453 C "C4'" . A A 23 ? 0.9865 0.6986 0.6529 0.1367  0.1401  0.0919  23 A A "C4'" 
454 O "O4'" . A A 23 ? 0.9057 0.6342 0.6026 0.1154  0.1521  0.0836  23 A A "O4'" 
455 C "C3'" . A A 23 ? 0.9389 0.6381 0.5749 0.1407  0.1388  0.0899  23 A A "C3'" 
456 O "O3'" . A A 23 ? 0.9242 0.6357 0.5529 0.1600  0.1170  0.0911  23 A A "O3'" 
457 C "C2'" . A A 23 ? 0.9864 0.7120 0.6537 0.1234  0.1394  0.0785  23 A A "C2'" 
458 O "O2'" . A A 23 ? 1.0116 0.7718 0.7121 0.1274  0.1172  0.0733  23 A A "O2'" 
459 C "C1'" . A A 23 ? 1.0240 0.7591 0.7201 0.1073  0.1534  0.0762  23 A A "C1'" 
460 N N9    . A A 23 ? 1.1559 0.8687 0.8327 0.0926  0.1782  0.0735  23 A A N9    
461 C C8    . A A 23 ? 1.1940 0.8634 0.8273 0.0929  0.1959  0.0801  23 A A C8    
462 N N7    . A A 23 ? 1.2215 0.8833 0.8507 0.0743  0.2178  0.0744  23 A A N7    
463 C C5    . A A 23 ? 1.1954 0.9008 0.8674 0.0638  0.2128  0.0629  23 A A C5    
464 C C6    . A A 23 ? 1.2683 0.9943 0.9582 0.0454  0.2276  0.0515  23 A A C6    
465 N N6    . A A 23 ? 1.3729 1.0792 1.0422 0.0301  0.2518  0.0485  23 A A N6    
466 N N1    . A A 23 ? 1.1028 0.8714 0.8321 0.0436  0.2175  0.0430  23 A A N1    
467 C C2    . A A 23 ? 0.9784 0.7640 0.7289 0.0564  0.1955  0.0466  23 A A C2    
468 N N3    . A A 23 ? 0.9482 0.7205 0.6889 0.0710  0.1801  0.0559  23 A A N3    
469 C C4    . A A 23 ? 1.0996 0.8331 0.7999 0.0752  0.1892  0.0634  23 A A C4    
470 P P     . A A 24 ? 1.1858 0.8781 0.7672 0.1762  0.1131  0.0925  24 A A P     
471 O OP1   . A A 24 ? 1.2107 0.8557 0.7451 0.1750  0.1382  0.1011  24 A A OP1   
472 O OP2   . A A 24 ? 1.0844 0.8075 0.6893 0.1707  0.0981  0.0793  24 A A OP2   
473 O "O5'" . A A 24 ? 1.2248 0.9219 0.7906 0.2028  0.0957  0.0991  24 A A "O5'" 
474 C "C5'" . A A 24 ? 1.2032 0.8862 0.7632 0.2115  0.1004  0.1092  24 A A "C5'" 
475 C "C4'" . A A 24 ? 1.1035 0.8102 0.6634 0.2361  0.0784  0.1116  24 A A "C4'" 
476 O "O4'" . A A 24 ? 0.9423 0.6987 0.5597 0.2266  0.0620  0.1039  24 A A "O4'" 
477 C "C3'" . A A 24 ? 1.0504 0.7683 0.5834 0.2574  0.0617  0.1082  24 A A "C3'" 
478 O "O3'" . A A 24 ? 1.1893 0.8630 0.6591 0.2787  0.0731  0.1197  24 A A "O3'" 
479 C "C2'" . A A 24 ? 1.0267 0.7906 0.5888 0.2704  0.0378  0.1045  24 A A "C2'" 
480 O "O2'" . A A 24 ? 1.0501 0.7966 0.5823 0.2947  0.0397  0.1167  24 A A "O2'" 
481 C "C1'" . A A 24 ? 0.9674 0.7578 0.5894 0.2447  0.0385  0.0999  24 A A "C1'" 
482 N N9    . A A 24 ? 1.0381 0.8677 0.7035 0.2285  0.0240  0.0860  24 A A N9    
483 C C8    . A A 24 ? 1.0707 0.8972 0.7553 0.2059  0.0318  0.0789  24 A A C8    
484 N N7    . A A 24 ? 1.1842 1.0448 0.9056 0.1962  0.0162  0.0669  24 A A N7    
485 C C5    . A A 24 ? 1.1126 1.0050 0.8429 0.2109  -0.0031 0.0649  24 A A C5    
486 C C6    . A A 24 ? 1.1177 1.0544 0.8849 0.2071  -0.0243 0.0525  24 A A C6    
487 N N6    . A A 24 ? 1.1461 1.0970 0.9476 0.1873  -0.0297 0.0402  24 A A N6    
488 N N1    . A A 24 ? 1.0298 0.9961 0.7971 0.2248  -0.0397 0.0524  24 A A N1    
489 C C2    . A A 24 ? 1.1703 1.1189 0.9002 0.2476  -0.0343 0.0651  24 A A C2    
490 N N3    . A A 24 ? 1.2662 1.1671 0.9574 0.2535  -0.0142 0.0781  24 A A N3    
491 C C4    . A A 24 ? 1.1265 1.0022 0.8217 0.2325  0.0011  0.0768  24 A A C4    
492 P P     . C A 25 ? 1.3006 0.9700 0.7324 0.2915  0.0688  0.1160  25 C A P     
493 O OP1   . C A 25 ? 1.2488 0.8648 0.6117 0.3128  0.0866  0.1321  25 C A OP1   
494 O OP2   . C A 25 ? 1.4384 1.1216 0.8998 0.2648  0.0713  0.1035  25 C A OP2   
495 O "O5'" . C A 25 ? 1.2701 0.9900 0.7150 0.3130  0.0378  0.1064  25 C A "O5'" 
496 C "C5'" . C A 25 ? 1.1554 0.8736 0.5684 0.3454  0.0302  0.1155  25 C A "C5'" 
497 C "C4'" . C A 25 ? 1.1292 0.9105 0.5763 0.3558  0.0003  0.1020  25 C A "C4'" 
498 O "O4'" . C A 25 ? 1.1965 1.0134 0.7117 0.3261  -0.0066 0.0918  25 C A "O4'" 
499 C "C3'" . C A 25 ? 1.1419 0.9563 0.5834 0.3652  -0.0188 0.0862  25 C A "C3'" 
500 O "O3'" . C A 25 ? 1.3224 1.1237 0.7026 0.4019  -0.0212 0.0928  25 C A "O3'" 
501 C "C2'" . C A 25 ? 1.0936 0.9728 0.5944 0.3572  -0.0441 0.0699  25 C A "C2'" 
502 O "O2'" . C A 25 ? 1.2026 1.1066 0.6904 0.3869  -0.0573 0.0735  25 C A "O2'" 
503 C "C1'" . C A 25 ? 1.1759 1.0497 0.7250 0.3260  -0.0323 0.0742  25 C A "C1'" 
504 N N1    . C A 25 ? 1.2205 1.1067 0.8128 0.2939  -0.0330 0.0608  25 C A N1    
505 C C2    . C A 25 ? 1.2558 1.1944 0.8938 0.2847  -0.0554 0.0426  25 C A C2    
506 O O2    . C A 25 ? 1.1284 1.1055 0.7707 0.3024  -0.0736 0.0375  25 C A O2    
507 N N3    . C A 25 ? 1.2065 1.1523 0.8819 0.2573  -0.0560 0.0303  25 C A N3    
508 C C4    . C A 25 ? 1.1157 1.0243 0.7844 0.2415  -0.0365 0.0357  25 C A C4    
509 N N4    . C A 25 ? 1.1462 1.0631 0.8503 0.2181  -0.0380 0.0235  25 C A N4    
510 C C5    . C A 25 ? 1.1155 0.9773 0.7413 0.2488  -0.0139 0.0527  25 C A C5    
511 C C6    . C A 25 ? 1.1634 1.0126 0.7520 0.2739  -0.0123 0.0650  25 C A C6    
512 P P     . A A 26 ? 1.4962 1.2904 0.8403 0.4096  -0.0215 0.0857  26 A A P     
513 O OP1   . A A 26 ? 1.4802 1.2898 0.7759 0.4529  -0.0353 0.0867  26 A A OP1   
514 O OP2   . A A 26 ? 1.3747 1.1098 0.6945 0.3924  0.0087  0.0990  26 A A OP2   
515 O "O5'" . A A 26 ? 1.3322 1.1786 0.7372 0.3832  -0.0416 0.0592  26 A A "O5'" 
516 C "C5'" . A A 26 ? 1.3110 1.2127 0.7265 0.3977  -0.0698 0.0386  26 A A "C5'" 
517 C "C4'" . A A 26 ? 1.1863 1.1350 0.6746 0.3672  -0.0869 0.0169  26 A A "C4'" 
518 O "O4'" . A A 26 ? 1.2832 1.2079 0.8083 0.3338  -0.0701 0.0240  26 A A "O4'" 
519 C "C3'" . A A 26 ? 1.1328 1.1062 0.6350 0.3578  -0.1014 -0.0079 26 A A "C3'" 
520 O "O3'" . A A 26 ? 1.1515 1.1728 0.6443 0.3820  -0.1263 -0.0256 26 A A "O3'" 
521 C "C2'" . A A 26 ? 1.2312 1.2200 0.8026 0.3187  -0.1038 -0.0191 26 A A "C2'" 
522 O "O2'" . A A 26 ? 1.2283 1.2715 0.8461 0.3144  -0.1252 -0.0331 26 A A "O2'" 
523 C "C1'" . A A 26 ? 1.1802 1.1306 0.7564 0.3058  -0.0800 0.0044  26 A A "C1'" 
524 N N9    . A A 26 ? 1.2186 1.1300 0.7944 0.2839  -0.0598 0.0086  26 A A N9    
525 C C8    . A A 26 ? 1.2198 1.0822 0.7545 0.2870  -0.0351 0.0263  26 A A C8    
526 N N7    . A A 26 ? 1.1277 0.9710 0.6758 0.2640  -0.0213 0.0244  26 A A N7    
527 C C5    . A A 26 ? 1.1213 0.9985 0.7200 0.2464  -0.0378 0.0055  26 A A C5    
528 C C6    . A A 26 ? 1.1589 1.0347 0.7902 0.2219  -0.0342 -0.0048 26 A A C6    
529 N N6    . A A 26 ? 1.2234 1.0681 0.8414 0.2115  -0.0131 0.0020  26 A A N6    
530 N N1    . A A 26 ? 1.0854 0.9930 0.7627 0.2089  -0.0523 -0.0225 26 A A N1    
531 C C2    . A A 26 ? 0.9586 0.9021 0.6509 0.2177  -0.0728 -0.0309 26 A A C2    
532 N N3    . A A 26 ? 1.0749 1.0302 0.7408 0.2415  -0.0794 -0.0240 26 A A N3    
533 C C4    . A A 26 ? 1.1384 1.0564 0.7559 0.2562  -0.0609 -0.0047 26 A A C4    
534 P P     . A A 27 ? 1.3066 1.3336 0.7634 0.3975  -0.1350 -0.0424 27 A A P     
535 O OP1   . A A 27 ? 1.2406 1.3153 0.6735 0.4330  -0.1580 -0.0551 27 A A OP1   
536 O OP2   . A A 27 ? 1.2625 1.2288 0.6700 0.4007  -0.1085 -0.0229 27 A A OP2   
537 O "O5'" . A A 27 ? 1.3516 1.4023 0.8678 0.3621  -0.1466 -0.0693 27 A A "O5'" 
538 C "C5'" . A A 27 ? 1.3204 1.4173 0.9003 0.3419  -0.1643 -0.0860 27 A A "C5'" 
539 C "C4'" . A A 27 ? 1.2510 1.3463 0.8793 0.3058  -0.1659 -0.1041 27 A A "C4'" 
540 O "O4'" . A A 27 ? 1.2106 1.2637 0.8563 0.2818  -0.1428 -0.0845 27 A A "O4'" 
541 C "C3'" . A A 27 ? 1.1457 1.2288 0.7487 0.3088  -0.1682 -0.1208 27 A A "C3'" 
542 O "O3'" . A A 27 ? 1.1727 1.3043 0.7808 0.3195  -0.1946 -0.1512 27 A A "O3'" 
543 C "C2'" . A A 27 ? 1.2016 1.2582 0.8446 0.2731  -0.1570 -0.1236 27 A A "C2'" 
544 O "O2'" . A A 27 ? 1.2281 1.3186 0.9301 0.2493  -0.1743 -0.1474 27 A A "O2'" 
545 C "C1'" . A A 27 ? 1.1757 1.2051 0.8281 0.2632  -0.1361 -0.0942 27 A A "C1'" 
546 N N9    . A A 27 ? 1.1971 1.1765 0.8054 0.2695  -0.1110 -0.0723 27 A A N9    
547 C C8    . A A 27 ? 1.2385 1.1961 0.7915 0.2957  -0.0994 -0.0524 27 A A C8    
548 N N7    . A A 27 ? 1.2701 1.1835 0.7962 0.2913  -0.0753 -0.0364 27 A A N7    
549 C C5    . A A 27 ? 1.1655 1.0748 0.7312 0.2627  -0.0719 -0.0465 27 A A C5    
550 C C6    . A A 27 ? 1.1666 1.0434 0.7305 0.2463  -0.0507 -0.0395 27 A A C6    
551 N N6    . A A 27 ? 1.1606 1.0024 0.6819 0.2535  -0.0279 -0.0207 27 A A N6    
552 N N1    . A A 27 ? 1.1141 0.9958 0.7211 0.2225  -0.0530 -0.0527 27 A A N1    
553 C C2    . A A 27 ? 1.0666 0.9793 0.7162 0.2134  -0.0740 -0.0710 27 A A C2    
554 N N3    . A A 27 ? 1.1473 1.0943 0.8066 0.2233  -0.0946 -0.0807 27 A A N3    
555 C C4    . A A 27 ? 1.1929 1.1388 0.8081 0.2495  -0.0931 -0.0677 27 A A C4    
556 P P     . A A 28 ? 1.3861 1.5172 0.9464 0.3418  -0.2016 -0.1679 28 A A P     
557 O OP1   . A A 28 ? 1.2034 1.3950 0.7610 0.3638  -0.2296 -0.1939 28 A A OP1   
558 O OP2   . A A 28 ? 1.4595 1.5410 0.9576 0.3618  -0.1774 -0.1390 28 A A OP2   
559 O "O5'" . A A 28 ? 1.4481 1.5650 1.0446 0.3097  -0.2019 -0.1888 28 A A "O5'" 
560 C "C5'" . A A 28 ? 1.4277 1.5673 1.0916 0.2774  -0.2140 -0.2091 28 A A "C5'" 
561 C "C4'" . A A 28 ? 1.4943 1.6102 1.1778 0.2543  -0.2121 -0.2272 28 A A "C4'" 
562 O "O4'" . A A 28 ? 1.3230 1.3891 1.0114 0.2369  -0.1863 -0.2026 28 A A "O4'" 
563 C "C3'" . A A 28 ? 1.5263 1.6377 1.1639 0.2751  -0.2175 -0.2443 28 A A "C3'" 
564 O "O3'" . A A 28 ? 1.5368 1.6548 1.2086 0.2548  -0.2310 -0.2778 28 A A "O3'" 
565 C "C2'" . A A 28 ? 1.3381 1.3961 0.9395 0.2778  -0.1896 -0.2163 28 A A "C2'" 
566 O "O2'" . A A 28 ? 1.4016 1.4423 0.9717 0.2859  -0.1869 -0.2281 28 A A "O2'" 
567 C "C1'" . A A 28 ? 1.1842 1.2194 0.8365 0.2440  -0.1766 -0.2046 28 A A "C1'" 
568 N N9    . A A 28 ? 1.1761 1.1689 0.8069 0.2424  -0.1488 -0.1732 28 A A N9    
569 C C8    . A A 28 ? 1.1854 1.1614 0.7647 0.2649  -0.1338 -0.1487 28 A A C8    
570 N N7    . A A 28 ? 1.1480 1.0870 0.7207 0.2547  -0.1090 -0.1265 28 A A N7    
571 C C5    . A A 28 ? 1.1280 1.0612 0.7485 0.2271  -0.1084 -0.1364 28 A A C5    
572 C C6    . A A 28 ? 1.0986 1.0032 0.7360 0.2079  -0.0883 -0.1241 28 A A C6    
573 N N6    . A A 28 ? 1.1243 1.0032 0.7354 0.2104  -0.0646 -0.1006 28 A A N6    
574 N N1    . A A 28 ? 1.0282 0.9323 0.7111 0.1860  -0.0929 -0.1375 28 A A N1    
575 C C2    . A A 28 ? 1.0552 0.9829 0.7662 0.1804  -0.1152 -0.1623 28 A A C2    
576 N N3    . A A 28 ? 1.1234 1.0824 0.8259 0.1941  -0.1360 -0.1787 28 A A N3    
577 C C4    . A A 28 ? 1.1547 1.1168 0.8102 0.2192  -0.1319 -0.1642 28 A A C4    
578 P P     . A A 29 ? 1.4645 1.5945 1.1032 0.2736  -0.2459 -0.3090 29 A A P     
579 O OP1   . A A 29 ? 1.5022 1.6643 1.1909 0.2530  -0.2695 -0.3486 29 A A OP1   
580 O OP2   . A A 29 ? 1.3233 1.4738 0.9012 0.3144  -0.2500 -0.3021 29 A A OP2   
581 O "O5'" . A A 29 ? 1.3379 1.4142 0.9608 0.2650  -0.2254 -0.3001 29 A A "O5'" 
582 C "C5'" . A A 29 ? 1.2771 1.3383 0.9342 0.2413  -0.2301 -0.3249 29 A A "C5'" 
583 C "C4'" . A A 29 ? 1.2982 1.3134 0.9785 0.2170  -0.2074 -0.3042 29 A A "C4'" 
584 O "O4'" . A A 29 ? 1.3178 1.3208 0.9956 0.2158  -0.1882 -0.2667 29 A A "O4'" 
585 C "C3'" . A A 29 ? 1.3902 1.3687 1.0393 0.2228  -0.1920 -0.3010 29 A A "C3'" 
586 O "O3'" . A A 29 ? 1.4994 1.4755 1.1550 0.2196  -0.2055 -0.3353 29 A A "O3'" 
587 C "C2'" . A A 29 ? 1.2616 1.2065 0.9352 0.2020  -0.1690 -0.2733 29 A A "C2'" 
588 O "O2'" . A A 29 ? 1.2749 1.2109 1.0025 0.1743  -0.1740 -0.2869 29 A A "O2'" 
589 C "C1'" . A A 29 ? 1.2345 1.1956 0.9109 0.2049  -0.1649 -0.2479 29 A A "C1'" 
590 N N9    . A A 29 ? 1.3069 1.2517 0.9348 0.2233  -0.1447 -0.2186 29 A A N9    
591 C C8    . A A 29 ? 1.2729 1.2286 0.8508 0.2512  -0.1442 -0.2084 29 A A C8    
592 N N7    . A A 29 ? 1.1600 1.0890 0.7038 0.2582  -0.1202 -0.1807 29 A A N7    
593 C C5    . A A 29 ? 1.1695 1.0740 0.7441 0.2342  -0.1053 -0.1739 29 A A C5    
594 C C6    . A A 29 ? 1.1820 1.0578 0.7468 0.2270  -0.0788 -0.1507 29 A A C6    
595 N N6    . A A 29 ? 1.2288 1.0905 0.7494 0.2405  -0.0605 -0.1287 29 A A N6    
596 N N1    . A A 29 ? 1.1608 1.0228 0.7628 0.2052  -0.0709 -0.1512 29 A A N1    
597 C C2    . A A 29 ? 1.1661 1.0362 0.8107 0.1911  -0.0870 -0.1717 29 A A C2    
598 N N3    . A A 29 ? 1.1326 1.0254 0.7926 0.1924  -0.1110 -0.1949 29 A A N3    
599 C C4    . A A 29 ? 1.1897 1.1021 0.8135 0.2146  -0.1198 -0.1958 29 A A C4    
600 P P     . C A 30 ? 1.4108 1.3757 1.0126 0.2440  -0.2018 -0.3441 30 C A P     
601 O OP1   . C A 30 ? 1.4415 1.4153 1.0557 0.2417  -0.2234 -0.3868 30 C A OP1   
602 O OP2   . C A 30 ? 1.3391 1.3207 0.8860 0.2744  -0.1973 -0.3268 30 C A OP2   
603 O "O5'" . C A 30 ? 1.3444 1.2658 0.9466 0.2326  -0.1751 -0.3211 30 C A "O5'" 
604 C "C5'" . C A 30 ? 1.2114 1.1080 0.8609 0.2054  -0.1706 -0.3237 30 C A "C5'" 
605 C "C4'" . C A 30 ? 1.2979 1.1632 0.9397 0.2015  -0.1439 -0.2966 30 C A "C4'" 
606 O "O4'" . C A 30 ? 1.4650 1.3342 1.1064 0.1993  -0.1294 -0.2632 30 C A "O4'" 
607 C "C3'" . C A 30 ? 1.3842 1.2414 0.9752 0.2227  -0.1321 -0.2942 30 C A "C3'" 
608 O "O3'" . C A 30 ? 1.3696 1.2126 0.9589 0.2249  -0.1376 -0.3201 30 C A "O3'" 
609 C "C2'" . C A 30 ? 1.4732 1.3141 1.0599 0.2171  -0.1048 -0.2593 30 C A "C2'" 
610 O "O2'" . C A 30 ? 1.4800 1.2975 1.0982 0.2005  -0.0953 -0.2584 30 C A "O2'" 
611 C "C1'" . C A 30 ? 1.4789 1.3326 1.0861 0.2085  -0.1061 -0.2409 30 C A "C1'" 
612 N N1    . C A 30 ? 1.4217 1.2898 0.9860 0.2283  -0.1025 -0.2254 30 C A N1    
613 C C2    . C A 30 ? 1.4022 1.2562 0.9399 0.2319  -0.0772 -0.1966 30 C A C2    
614 O O2    . C A 30 ? 1.2808 1.1172 0.8331 0.2187  -0.0602 -0.1869 30 C A O2    
615 N N3    . C A 30 ? 1.4001 1.2602 0.8964 0.2500  -0.0717 -0.1809 30 C A N3    
616 C C4    . C A 30 ? 1.3258 1.2087 0.8057 0.2674  -0.0912 -0.1924 30 C A C4    
617 N N4    . C A 30 ? 1.2536 1.1386 0.6885 0.2881  -0.0839 -0.1745 30 C A N4    
618 C C5    . C A 30 ? 1.2706 1.1752 0.7788 0.2646  -0.1186 -0.2238 30 C A C5    
619 C C6    . C A 30 ? 1.2766 1.1713 0.8273 0.2433  -0.1227 -0.2394 30 C A C6    
620 P P     . A A 31 ? 1.4387 1.2870 0.9733 0.2520  -0.1362 -0.3312 31 A A P     
621 O OP1   . A A 31 ? 1.5574 1.3887 1.1003 0.2512  -0.1446 -0.3610 31 A A OP1   
622 O OP2   . A A 31 ? 1.3129 1.1920 0.8125 0.2732  -0.1476 -0.3345 31 A A OP2   
623 O "O5'" . A A 31 ? 1.3195 1.1549 0.8314 0.2547  -0.1065 -0.2990 31 A A "O5'" 
624 C "C5'" . A A 31 ? 1.2317 1.0436 0.7645 0.2420  -0.0916 -0.2924 31 A A "C5'" 
625 C "C4'" . A A 31 ? 1.3085 1.1200 0.8159 0.2462  -0.0648 -0.2637 31 A A "C4'" 
626 O "O4'" . A A 31 ? 1.3629 1.1823 0.8706 0.2409  -0.0580 -0.2384 31 A A "O4'" 
627 C "C3'" . A A 31 ? 1.4279 1.2508 0.8821 0.2692  -0.0577 -0.2663 31 A A "C3'" 
628 O "O3'" . A A 31 ? 1.4920 1.3076 0.9391 0.2758  -0.0538 -0.2815 31 A A "O3'" 
629 C "C2'" . A A 31 ? 1.5643 1.3898 0.9992 0.2673  -0.0329 -0.2327 31 A A "C2'" 
630 O "O2'" . A A 31 ? 1.5821 1.3989 1.0287 0.2566  -0.0116 -0.2205 31 A A "O2'" 
631 C "C1'" . A A 31 ? 1.5011 1.3252 0.9659 0.2529  -0.0389 -0.2191 31 A A "C1'" 
632 N N9    . A A 31 ? 1.5470 1.3842 0.9847 0.2662  -0.0461 -0.2123 31 A A N9    
633 C C8    . A A 31 ? 1.5369 1.3891 0.9812 0.2726  -0.0711 -0.2289 31 A A C8    
634 N N7    . A A 31 ? 1.5048 1.3678 0.9181 0.2875  -0.0713 -0.2159 31 A A N7    
635 C C5    . A A 31 ? 1.5394 1.3884 0.9249 0.2885  -0.0434 -0.1880 31 A A C5    
636 C C6    . A A 31 ? 1.5457 1.3907 0.8905 0.3010  -0.0280 -0.1625 31 A A C6    
637 N N6    . A A 31 ? 1.6239 1.4806 0.9454 0.3194  -0.0401 -0.1606 31 A A N6    
638 N N1    . A A 31 ? 1.5148 1.3433 0.8418 0.2948  0.0009  -0.1400 31 A A N1    
639 C C2    . A A 31 ? 1.5426 1.3654 0.8925 0.2788  0.0121  -0.1437 31 A A C2    
640 N N3    . A A 31 ? 1.4827 1.3088 0.8686 0.2693  -0.0005 -0.1652 31 A A N3    
641 C C4    . A A 31 ? 1.5302 1.3665 0.9321 0.2742  -0.0281 -0.1865 31 A A C4    
642 P P     . A A 32 ? 1.5850 1.4134 0.9865 0.3019  -0.0606 -0.3033 32 A A P     
643 O OP1   . A A 32 ? 1.5350 1.3546 0.9566 0.3026  -0.0851 -0.3381 32 A A OP1   
644 O OP2   . A A 32 ? 1.6644 1.5126 1.0241 0.3183  -0.0591 -0.2927 32 A A OP2   
645 O "O5'" . A A 32 ? 1.4216 1.2477 0.8087 0.3061  -0.0375 -0.2957 32 A A "O5'" 
646 C "C5'" . A A 32 ? 1.3500 1.1619 0.7709 0.2894  -0.0245 -0.2851 32 A A "C5'" 
647 C "C4'" . A A 32 ? 1.3787 1.2024 0.7806 0.2909  0.0034  -0.2653 32 A A "C4'" 
648 O "O4'" . A A 32 ? 1.5229 1.3496 0.9316 0.2758  0.0193  -0.2357 32 A A "O4'" 
649 C "C3'" . A A 32 ? 1.4876 1.3311 0.8392 0.3119  0.0111  -0.2686 32 A A "C3'" 
650 O "O3'" . A A 32 ? 1.5255 1.3709 0.8656 0.3279  0.0055  -0.2929 32 A A "O3'" 
651 C "C2'" . A A 32 ? 1.5870 1.4421 0.9278 0.3030  0.0411  -0.2397 32 A A "C2'" 
652 O "O2'" . A A 32 ? 1.6758 1.5373 1.0288 0.2997  0.0561  -0.2402 32 A A "O2'" 
653 C "C1'" . A A 32 ? 1.6602 1.5026 1.0326 0.2819  0.0417  -0.2202 32 A A "C1'" 
654 N N9    . A A 32 ? 1.9412 1.7848 1.2890 0.2848  0.0422  -0.2051 32 A A N9    
655 C C8    . A A 32 ? 2.0013 1.8397 1.3534 0.2877  0.0211  -0.2099 32 A A C8    
656 N N7    . A A 32 ? 2.0387 1.8794 1.3619 0.2934  0.0278  -0.1921 32 A A N7    
657 C C5    . A A 32 ? 2.0491 1.8928 1.3481 0.2916  0.0564  -0.1739 32 A A C5    
658 C C6    . A A 32 ? 2.1119 1.9536 1.3742 0.2945  0.0778  -0.1494 32 A A C6    
659 N N6    . A A 32 ? 2.2032 2.0380 1.4428 0.3040  0.0726  -0.1380 32 A A N6    
660 N N1    . A A 32 ? 2.1330 1.9799 1.3814 0.2878  0.1059  -0.1372 32 A A N1    
661 C C2    . A A 32 ? 2.1589 2.0171 1.4288 0.2812  0.1105  -0.1494 32 A A C2    
662 N N3    . A A 32 ? 2.1820 2.0415 1.4838 0.2815  0.0916  -0.1714 32 A A N3    
663 C C4    . A A 32 ? 2.0674 1.9168 1.3828 0.2856  0.0652  -0.1825 32 A A C4    
664 P P     . G A 33 ? 1.5602 1.4266 0.8492 0.3547  0.0037  -0.3065 33 G A P     
665 O OP1   . G A 33 ? 1.6076 1.4765 0.8903 0.3687  0.0044  -0.3271 33 G A OP1   
666 O OP2   . G A 33 ? 1.4522 1.3172 0.7323 0.3627  -0.0206 -0.3204 33 G A OP2   
667 O "O5'" . G A 33 ? 1.5518 1.4371 0.8122 0.3524  0.0329  -0.2757 33 G A "O5'" 
668 C "C5'" . G A 33 ? 1.5614 1.4686 0.7724 0.3723  0.0429  -0.2746 33 G A "C5'" 
669 C "C4'" . G A 33 ? 1.4679 1.3798 0.6582 0.3640  0.0664  -0.2422 33 G A "C4'" 
670 O "O4'" . G A 33 ? 1.4358 1.3278 0.6573 0.3444  0.0614  -0.2278 33 G A "O4'" 
671 C "C3'" . G A 33 ? 1.6570 1.5796 0.7962 0.3855  0.0659  -0.2380 33 G A "C3'" 
672 O "O3'" . G A 33 ? 1.6391 1.5844 0.7389 0.4011  0.0837  -0.2372 33 G A "O3'" 
673 C "C2'" . G A 33 ? 1.6300 1.5383 0.7670 0.3721  0.0777  -0.2077 33 G A "C2'" 
674 O "O2'" . G A 33 ? 1.5940 1.5048 0.7185 0.3593  0.1119  -0.1809 33 G A "O2'" 
675 C "C1'" . G A 33 ? 1.6101 1.5000 0.8021 0.3500  0.0646  -0.2103 33 G A "C1'" 
676 N N9    . G A 33 ? 1.6544 1.5380 0.8565 0.3574  0.0340  -0.2261 33 G A N9    
677 C C8    . G A 33 ? 1.6946 1.5730 0.9304 0.3554  0.0084  -0.2538 33 G A C8    
678 N N7    . G A 33 ? 1.6582 1.5367 0.8983 0.3608  -0.0153 -0.2652 33 G A N7    
679 C C5    . G A 33 ? 1.6406 1.5246 0.8450 0.3702  -0.0050 -0.2426 33 G A C5    
680 C C6    . G A 33 ? 1.6271 1.5174 0.8176 0.3822  -0.0212 -0.2425 33 G A C6    
681 O O6    . G A 33 ? 1.6842 1.5806 0.8953 0.3842  -0.0487 -0.2650 33 G A O6    
682 N N1    . G A 33 ? 1.5791 1.4685 0.7275 0.3923  -0.0015 -0.2136 33 G A N1    
683 C C2    . G A 33 ? 1.5846 1.4669 0.7100 0.3874  0.0308  -0.1886 33 G A C2    
684 N N2    . G A 33 ? 1.4768 1.3530 0.5608 0.3976  0.0479  -0.1619 33 G A N2    
685 N N3    . G A 33 ? 1.5948 1.4767 0.7363 0.3738  0.0460  -0.1905 33 G A N3    
686 C C4    . G A 33 ? 1.6016 1.4850 0.7814 0.3676  0.0261  -0.2175 33 G A C4    
# 
loop_
_pdbx_poly_seq_scheme.asym_id 
_pdbx_poly_seq_scheme.entity_id 
_pdbx_poly_seq_scheme.seq_id 
_pdbx_poly_seq_scheme.mon_id 
_pdbx_poly_seq_scheme.ndb_seq_num 
_pdbx_poly_seq_scheme.pdb_seq_num 
_pdbx_poly_seq_scheme.auth_seq_num 
_pdbx_poly_seq_scheme.pdb_mon_id 
_pdbx_poly_seq_scheme.auth_mon_id 
_pdbx_poly_seq_scheme.pdb_strand_id 
_pdbx_poly_seq_scheme.pdb_ins_code 
_pdbx_poly_seq_scheme.hetero 
A 1 1  C 1  1  1  C C A . n 
A 1 2  U 2  2  2  U U A . n 
A 1 3  G 3  3  3  G G A . n 
A 1 4  G 4  4  4  G G A . n 
A 1 5  G 5  5  5  G G A . n 
A 1 6  U 6  6  6  U U A . n 
A 1 7  C 7  7  7  C C A . n 
A 1 8  G 8  8  8  G G A . n 
A 1 9  C 9  9  9  C C A . n 
A 1 10 A 10 10 10 A A A . n 
A 1 11 G 11 11 11 G G A . n 
A 1 12 U 12 12 12 U U A . n 
A 1 13 A 13 13 13 A A A . n 
A 1 14 A 14 14 14 A A A . n 
A 1 15 C 15 15 15 C C A . n 
A 1 16 C 16 16 16 C C A . n 
A 1 17 C 17 17 17 C C A . n 
A 1 18 C 18 18 18 C C A . n 
A 1 19 A 19 19 19 A A A . n 
A 1 20 G 20 20 20 G G A . n 
A 1 21 U 21 21 21 U U A . n 
A 1 22 U 22 22 22 U U A . n 
A 1 23 A 23 23 23 A A A . n 
A 1 24 A 24 24 24 A A A . n 
A 1 25 C 25 25 25 C C A . n 
A 1 26 A 26 26 26 A A A . n 
A 1 27 A 27 27 27 A A A . n 
A 1 28 A 28 28 28 A A A . n 
A 1 29 A 29 29 29 A A A . n 
A 1 30 C 30 30 30 C C A . n 
A 1 31 A 31 31 31 A A A . n 
A 1 32 A 32 32 32 A A A . n 
A 1 33 G 33 33 33 G G A . n 
# 
loop_
_pdbx_nonpoly_scheme.asym_id 
_pdbx_nonpoly_scheme.entity_id 
_pdbx_nonpoly_scheme.mon_id 
_pdbx_nonpoly_scheme.ndb_seq_num 
_pdbx_nonpoly_scheme.pdb_seq_num 
_pdbx_nonpoly_scheme.auth_seq_num 
_pdbx_nonpoly_scheme.pdb_mon_id 
_pdbx_nonpoly_scheme.auth_mon_id 
_pdbx_nonpoly_scheme.pdb_strand_id 
_pdbx_nonpoly_scheme.pdb_ins_code 
B 2 J0C 1 101 101 J0C J0C A . 
C 3 SO4 1 102 102 SO4 SO4 A . 
D 4 HOH 1 201 201 HOH HOH A . 
D 4 HOH 2 202 202 HOH HOH A . 
# 
_pdbx_struct_assembly.id                   1 
_pdbx_struct_assembly.details              author_and_software_defined_assembly 
_pdbx_struct_assembly.method_details       PISA 
_pdbx_struct_assembly.oligomeric_details   monomeric 
_pdbx_struct_assembly.oligomeric_count     1 
# 
_pdbx_struct_assembly_gen.assembly_id       1 
_pdbx_struct_assembly_gen.oper_expression   1 
_pdbx_struct_assembly_gen.asym_id_list      A,B,C,D 
# 
loop_
_pdbx_struct_assembly_prop.biol_id 
_pdbx_struct_assembly_prop.type 
_pdbx_struct_assembly_prop.value 
_pdbx_struct_assembly_prop.details 
1 'ABSA (A^2)' 120  ? 
1 MORE         -6   ? 
1 'SSA (A^2)'  5230 ? 
# 
_pdbx_struct_oper_list.id                   1 
_pdbx_struct_oper_list.type                 'identity operation' 
_pdbx_struct_oper_list.name                 1_555 
_pdbx_struct_oper_list.symmetry_operation   x,y,z 
_pdbx_struct_oper_list.matrix[1][1]         1.0000000000 
_pdbx_struct_oper_list.matrix[1][2]         0.0000000000 
_pdbx_struct_oper_list.matrix[1][3]         0.0000000000 
_pdbx_struct_oper_list.vector[1]            0.0000000000 
_pdbx_struct_oper_list.matrix[2][1]         0.0000000000 
_pdbx_struct_oper_list.matrix[2][2]         1.0000000000 
_pdbx_struct_oper_list.matrix[2][3]         0.0000000000 
_pdbx_struct_oper_list.vector[2]            0.0000000000 
_pdbx_struct_oper_list.matrix[3][1]         0.0000000000 
_pdbx_struct_oper_list.matrix[3][2]         0.0000000000 
_pdbx_struct_oper_list.matrix[3][3]         1.0000000000 
_pdbx_struct_oper_list.vector[3]            0.0000000000 
# 
_pdbx_struct_special_symmetry.id              1 
_pdbx_struct_special_symmetry.PDB_model_num   1 
_pdbx_struct_special_symmetry.auth_asym_id    A 
_pdbx_struct_special_symmetry.auth_comp_id    SO4 
_pdbx_struct_special_symmetry.auth_seq_id     102 
_pdbx_struct_special_symmetry.PDB_ins_code    ? 
_pdbx_struct_special_symmetry.label_asym_id   C 
_pdbx_struct_special_symmetry.label_comp_id   SO4 
_pdbx_struct_special_symmetry.label_seq_id    . 
# 
loop_
_pdbx_audit_revision_history.ordinal 
_pdbx_audit_revision_history.data_content_type 
_pdbx_audit_revision_history.major_revision 
_pdbx_audit_revision_history.minor_revision 
_pdbx_audit_revision_history.revision_date 
1 'Structure model' 1 0 2021-11-17 
2 'Structure model' 1 1 2023-11-29 
# 
_pdbx_audit_revision_details.ordinal             1 
_pdbx_audit_revision_details.revision_ordinal    1 
_pdbx_audit_revision_details.data_content_type   'Structure model' 
_pdbx_audit_revision_details.provider            repository 
_pdbx_audit_revision_details.type                'Initial release' 
_pdbx_audit_revision_details.description         ? 
_pdbx_audit_revision_details.details             ? 
# 
loop_
_pdbx_audit_revision_group.ordinal 
_pdbx_audit_revision_group.revision_ordinal 
_pdbx_audit_revision_group.data_content_type 
_pdbx_audit_revision_group.group 
1 2 'Structure model' 'Data collection'        
2 2 'Structure model' 'Refinement description' 
# 
loop_
_pdbx_audit_revision_category.ordinal 
_pdbx_audit_revision_category.revision_ordinal 
_pdbx_audit_revision_category.data_content_type 
_pdbx_audit_revision_category.category 
1 2 'Structure model' chem_comp_atom                
2 2 'Structure model' chem_comp_bond                
3 2 'Structure model' pdbx_initial_refinement_model 
# 
loop_
_space_group_symop.id 
_space_group_symop.operation_xyz 
1  x,y,z         
2  x-y,x,z+1/2   
3  y,-x+y,z+1/2  
4  -y,x-y,z      
5  -x+y,-x,z     
6  x-y,-y,-z     
7  -x,-x+y,-z    
8  -x,-y,z+1/2   
9  y,x,-z        
10 -y,-x,-z+1/2  
11 -x+y,y,-z+1/2 
12 x,x-y,-z+1/2  
# 
loop_
_pdbx_refine_tls.pdbx_refine_id 
_pdbx_refine_tls.id 
_pdbx_refine_tls.details 
_pdbx_refine_tls.method 
_pdbx_refine_tls.origin_x 
_pdbx_refine_tls.origin_y 
_pdbx_refine_tls.origin_z 
_pdbx_refine_tls.T[1][1] 
_pdbx_refine_tls.T[2][2] 
_pdbx_refine_tls.T[3][3] 
_pdbx_refine_tls.T[1][2] 
_pdbx_refine_tls.T[1][3] 
_pdbx_refine_tls.T[2][3] 
_pdbx_refine_tls.L[1][1] 
_pdbx_refine_tls.L[2][2] 
_pdbx_refine_tls.L[3][3] 
_pdbx_refine_tls.L[1][2] 
_pdbx_refine_tls.L[1][3] 
_pdbx_refine_tls.L[2][3] 
_pdbx_refine_tls.S[1][1] 
_pdbx_refine_tls.S[1][2] 
_pdbx_refine_tls.S[1][3] 
_pdbx_refine_tls.S[2][1] 
_pdbx_refine_tls.S[2][2] 
_pdbx_refine_tls.S[2][3] 
_pdbx_refine_tls.S[3][1] 
_pdbx_refine_tls.S[3][2] 
_pdbx_refine_tls.S[3][3] 
'X-RAY DIFFRACTION' 1 ? refined -1.1000 -2.0992 2.3561  1.0717 0.8499 0.5802 0.1327 0.1716  0.0583  0.6493 0.6789  2.7060 0.1626  -0.6188 1.0188  -0.0061 -0.9626 -0.2102 0.9898  0.0764  -0.0367 0.7757  -0.3478 0.0508 
'X-RAY DIFFRACTION' 2 ? refined -7.0482 4.9511  2.6165  1.3356 1.4517 0.7279 0.5674 -0.1484 -0.1670 2.2779 11.5308 3.0597 -5.1336 2.2085  -4.9611 -0.2465 0.9942  -0.1288 -0.5417 -0.5220 1.8788  -0.5315 -1.7420 0.3610 
'X-RAY DIFFRACTION' 3 ? refined 2.7157  -0.1511 -2.0627 0.9607 0.7731 0.5881 0.1754 0.0166  -0.0153 2.4724 0.9080  3.5182 -1.2795 -0.7265 0.8011  -0.4043 -0.7527 0.3275  0.8201  0.2698  -0.2514 0.3411  0.3957  0.1440 
# 
loop_
_pdbx_refine_tls_group.pdbx_refine_id 
_pdbx_refine_tls_group.id 
_pdbx_refine_tls_group.refine_tls_id 
_pdbx_refine_tls_group.beg_auth_asym_id 
_pdbx_refine_tls_group.beg_auth_seq_id 
_pdbx_refine_tls_group.beg_label_asym_id 
_pdbx_refine_tls_group.beg_label_seq_id 
_pdbx_refine_tls_group.end_auth_asym_id 
_pdbx_refine_tls_group.end_auth_seq_id 
_pdbx_refine_tls_group.end_label_asym_id 
_pdbx_refine_tls_group.end_label_seq_id 
_pdbx_refine_tls_group.selection 
_pdbx_refine_tls_group.selection_details 
'X-RAY DIFFRACTION' 1 1 ? ? ? ? ? ? ? ? ? 
;chain 'A' and (resid 1 through 10 )
;
'X-RAY DIFFRACTION' 2 2 ? ? ? ? ? ? ? ? ? 
;chain 'A' and (resid 11 through 15 )
;
'X-RAY DIFFRACTION' 3 3 ? ? ? ? ? ? ? ? ? 
;chain 'A' and (resid 16 through 33 )
;
# 
loop_
_software.citation_id 
_software.classification 
_software.compiler_name 
_software.compiler_version 
_software.contact_author 
_software.contact_author_email 
_software.date 
_software.description 
_software.dependencies 
_software.hardware 
_software.language 
_software.location 
_software.mods 
_software.name 
_software.os 
_software.os_version 
_software.type 
_software.version 
_software.pdbx_ordinal 
? refinement       ? ? ? ? ? ? ? ? ? ? ? PHENIX ? ? ? 1.17.1-3660 1 
? 'data reduction' ? ? ? ? ? ? ? ? ? ? ? XDS    ? ? ? .           2 
? 'data scaling'   ? ? ? ? ? ? ? ? ? ? ? XSCALE ? ? ? .           3 
? phasing          ? ? ? ? ? ? ? ? ? ? ? PHASER ? ? ? .           4 
# 
_pdbx_entry_details.entry_id                 7E9I 
_pdbx_entry_details.nonpolymer_details       ? 
_pdbx_entry_details.sequence_details         ? 
_pdbx_entry_details.compound_details         ? 
_pdbx_entry_details.source_details           ? 
_pdbx_entry_details.has_ligand_of_interest   Y 
# 
_pdbx_validate_rmsd_angle.id                         1 
_pdbx_validate_rmsd_angle.PDB_model_num              1 
_pdbx_validate_rmsd_angle.auth_atom_id_1             N1 
_pdbx_validate_rmsd_angle.auth_asym_id_1             A 
_pdbx_validate_rmsd_angle.auth_comp_id_1             G 
_pdbx_validate_rmsd_angle.auth_seq_id_1              3 
_pdbx_validate_rmsd_angle.PDB_ins_code_1             ? 
_pdbx_validate_rmsd_angle.label_alt_id_1             ? 
_pdbx_validate_rmsd_angle.auth_atom_id_2             C6 
_pdbx_validate_rmsd_angle.auth_asym_id_2             A 
_pdbx_validate_rmsd_angle.auth_comp_id_2             G 
_pdbx_validate_rmsd_angle.auth_seq_id_2              3 
_pdbx_validate_rmsd_angle.PDB_ins_code_2             ? 
_pdbx_validate_rmsd_angle.label_alt_id_2             ? 
_pdbx_validate_rmsd_angle.auth_atom_id_3             O6 
_pdbx_validate_rmsd_angle.auth_asym_id_3             A 
_pdbx_validate_rmsd_angle.auth_comp_id_3             G 
_pdbx_validate_rmsd_angle.auth_seq_id_3              3 
_pdbx_validate_rmsd_angle.PDB_ins_code_3             ? 
_pdbx_validate_rmsd_angle.label_alt_id_3             ? 
_pdbx_validate_rmsd_angle.angle_value                115.89 
_pdbx_validate_rmsd_angle.angle_target_value         119.90 
_pdbx_validate_rmsd_angle.angle_deviation            -4.01 
_pdbx_validate_rmsd_angle.angle_standard_deviation   0.60 
_pdbx_validate_rmsd_angle.linker_flag                N 
# 
loop_
_pdbx_unobs_or_zero_occ_atoms.id 
_pdbx_unobs_or_zero_occ_atoms.PDB_model_num 
_pdbx_unobs_or_zero_occ_atoms.polymer_flag 
_pdbx_unobs_or_zero_occ_atoms.occupancy_flag 
_pdbx_unobs_or_zero_occ_atoms.auth_asym_id 
_pdbx_unobs_or_zero_occ_atoms.auth_comp_id 
_pdbx_unobs_or_zero_occ_atoms.auth_seq_id 
_pdbx_unobs_or_zero_occ_atoms.PDB_ins_code 
_pdbx_unobs_or_zero_occ_atoms.auth_atom_id 
_pdbx_unobs_or_zero_occ_atoms.label_alt_id 
_pdbx_unobs_or_zero_occ_atoms.label_asym_id 
_pdbx_unobs_or_zero_occ_atoms.label_comp_id 
_pdbx_unobs_or_zero_occ_atoms.label_seq_id 
_pdbx_unobs_or_zero_occ_atoms.label_atom_id 
1  1 Y 1 A U 12 ? "C5'" ? A U 12 "C5'" 
2  1 Y 1 A U 12 ? "C4'" ? A U 12 "C4'" 
3  1 Y 1 A U 12 ? "O4'" ? A U 12 "O4'" 
4  1 Y 1 A U 12 ? "C3'" ? A U 12 "C3'" 
5  1 Y 1 A U 12 ? "O3'" ? A U 12 "O3'" 
6  1 Y 1 A U 12 ? "C2'" ? A U 12 "C2'" 
7  1 Y 1 A U 12 ? "O2'" ? A U 12 "O2'" 
8  1 Y 1 A U 12 ? "C1'" ? A U 12 "C1'" 
9  1 Y 1 A U 12 ? N1    ? A U 12 N1    
10 1 Y 1 A U 12 ? C2    ? A U 12 C2    
11 1 Y 1 A U 12 ? O2    ? A U 12 O2    
12 1 Y 1 A U 12 ? N3    ? A U 12 N3    
13 1 Y 1 A U 12 ? C4    ? A U 12 C4    
14 1 Y 1 A U 12 ? O4    ? A U 12 O4    
15 1 Y 1 A U 12 ? C5    ? A U 12 C5    
16 1 Y 1 A U 12 ? C6    ? A U 12 C6    
# 
loop_
_chem_comp_atom.comp_id 
_chem_comp_atom.atom_id 
_chem_comp_atom.type_symbol 
_chem_comp_atom.pdbx_aromatic_flag 
_chem_comp_atom.pdbx_stereo_config 
_chem_comp_atom.pdbx_ordinal 
A   OP3    O N N 1   
A   P      P N N 2   
A   OP1    O N N 3   
A   OP2    O N N 4   
A   "O5'"  O N N 5   
A   "C5'"  C N N 6   
A   "C4'"  C N R 7   
A   "O4'"  O N N 8   
A   "C3'"  C N S 9   
A   "O3'"  O N N 10  
A   "C2'"  C N R 11  
A   "O2'"  O N N 12  
A   "C1'"  C N R 13  
A   N9     N Y N 14  
A   C8     C Y N 15  
A   N7     N Y N 16  
A   C5     C Y N 17  
A   C6     C Y N 18  
A   N6     N N N 19  
A   N1     N Y N 20  
A   C2     C Y N 21  
A   N3     N Y N 22  
A   C4     C Y N 23  
A   HOP3   H N N 24  
A   HOP2   H N N 25  
A   "H5'"  H N N 26  
A   "H5''" H N N 27  
A   "H4'"  H N N 28  
A   "H3'"  H N N 29  
A   "HO3'" H N N 30  
A   "H2'"  H N N 31  
A   "HO2'" H N N 32  
A   "H1'"  H N N 33  
A   H8     H N N 34  
A   H61    H N N 35  
A   H62    H N N 36  
A   H2     H N N 37  
C   OP3    O N N 38  
C   P      P N N 39  
C   OP1    O N N 40  
C   OP2    O N N 41  
C   "O5'"  O N N 42  
C   "C5'"  C N N 43  
C   "C4'"  C N R 44  
C   "O4'"  O N N 45  
C   "C3'"  C N S 46  
C   "O3'"  O N N 47  
C   "C2'"  C N R 48  
C   "O2'"  O N N 49  
C   "C1'"  C N R 50  
C   N1     N N N 51  
C   C2     C N N 52  
C   O2     O N N 53  
C   N3     N N N 54  
C   C4     C N N 55  
C   N4     N N N 56  
C   C5     C N N 57  
C   C6     C N N 58  
C   HOP3   H N N 59  
C   HOP2   H N N 60  
C   "H5'"  H N N 61  
C   "H5''" H N N 62  
C   "H4'"  H N N 63  
C   "H3'"  H N N 64  
C   "HO3'" H N N 65  
C   "H2'"  H N N 66  
C   "HO2'" H N N 67  
C   "H1'"  H N N 68  
C   H41    H N N 69  
C   H42    H N N 70  
C   H5     H N N 71  
C   H6     H N N 72  
G   OP3    O N N 73  
G   P      P N N 74  
G   OP1    O N N 75  
G   OP2    O N N 76  
G   "O5'"  O N N 77  
G   "C5'"  C N N 78  
G   "C4'"  C N R 79  
G   "O4'"  O N N 80  
G   "C3'"  C N S 81  
G   "O3'"  O N N 82  
G   "C2'"  C N R 83  
G   "O2'"  O N N 84  
G   "C1'"  C N R 85  
G   N9     N Y N 86  
G   C8     C Y N 87  
G   N7     N Y N 88  
G   C5     C Y N 89  
G   C6     C N N 90  
G   O6     O N N 91  
G   N1     N N N 92  
G   C2     C N N 93  
G   N2     N N N 94  
G   N3     N N N 95  
G   C4     C Y N 96  
G   HOP3   H N N 97  
G   HOP2   H N N 98  
G   "H5'"  H N N 99  
G   "H5''" H N N 100 
G   "H4'"  H N N 101 
G   "H3'"  H N N 102 
G   "HO3'" H N N 103 
G   "H2'"  H N N 104 
G   "HO2'" H N N 105 
G   "H1'"  H N N 106 
G   H8     H N N 107 
G   H1     H N N 108 
G   H21    H N N 109 
G   H22    H N N 110 
HOH O      O N N 111 
HOH H1     H N N 112 
HOH H2     H N N 113 
J0C C10    C N N 114 
J0C C13    C N N 115 
J0C C17    C N N 116 
J0C C20    C N N 117 
J0C C21    C Y N 118 
J0C C2     C N N 119 
J0C C4     C N N 120 
J0C C7     C Y N 121 
J0C C8     C Y N 122 
J0C C9     C Y N 123 
J0C C12    C N N 124 
J0C C14    C N N 125 
J0C C18    C N N 126 
J0C C19    C N N 127 
J0C N3     N N N 128 
J0C N5     N N N 129 
J0C N6     N N N 130 
J0C N11    N N N 131 
J0C N15    N N N 132 
J0C N16    N N N 133 
J0C N22    N Y N 134 
J0C O1     O N N 135 
J0C H1     H N N 136 
J0C H2     H N N 137 
J0C H3     H N N 138 
J0C H4     H N N 139 
J0C H5     H N N 140 
J0C H6     H N N 141 
J0C H7     H N N 142 
J0C H8     H N N 143 
J0C H9     H N N 144 
J0C H10    H N N 145 
J0C H11    H N N 146 
J0C H12    H N N 147 
J0C H13    H N N 148 
J0C H14    H N N 149 
J0C H15    H N N 150 
J0C H16    H N N 151 
J0C H20    H N N 152 
SO4 S      S N N 153 
SO4 O1     O N N 154 
SO4 O2     O N N 155 
SO4 O3     O N N 156 
SO4 O4     O N N 157 
U   OP3    O N N 158 
U   P      P N N 159 
U   OP1    O N N 160 
U   OP2    O N N 161 
U   "O5'"  O N N 162 
U   "C5'"  C N N 163 
U   "C4'"  C N R 164 
U   "O4'"  O N N 165 
U   "C3'"  C N S 166 
U   "O3'"  O N N 167 
U   "C2'"  C N R 168 
U   "O2'"  O N N 169 
U   "C1'"  C N R 170 
U   N1     N N N 171 
U   C2     C N N 172 
U   O2     O N N 173 
U   N3     N N N 174 
U   C4     C N N 175 
U   O4     O N N 176 
U   C5     C N N 177 
U   C6     C N N 178 
U   HOP3   H N N 179 
U   HOP2   H N N 180 
U   "H5'"  H N N 181 
U   "H5''" H N N 182 
U   "H4'"  H N N 183 
U   "H3'"  H N N 184 
U   "HO3'" H N N 185 
U   "H2'"  H N N 186 
U   "HO2'" H N N 187 
U   "H1'"  H N N 188 
U   H3     H N N 189 
U   H5     H N N 190 
U   H6     H N N 191 
# 
loop_
_chem_comp_bond.comp_id 
_chem_comp_bond.atom_id_1 
_chem_comp_bond.atom_id_2 
_chem_comp_bond.value_order 
_chem_comp_bond.pdbx_aromatic_flag 
_chem_comp_bond.pdbx_stereo_config 
_chem_comp_bond.pdbx_ordinal 
A   OP3   P      sing N N 1   
A   OP3   HOP3   sing N N 2   
A   P     OP1    doub N N 3   
A   P     OP2    sing N N 4   
A   P     "O5'"  sing N N 5   
A   OP2   HOP2   sing N N 6   
A   "O5'" "C5'"  sing N N 7   
A   "C5'" "C4'"  sing N N 8   
A   "C5'" "H5'"  sing N N 9   
A   "C5'" "H5''" sing N N 10  
A   "C4'" "O4'"  sing N N 11  
A   "C4'" "C3'"  sing N N 12  
A   "C4'" "H4'"  sing N N 13  
A   "O4'" "C1'"  sing N N 14  
A   "C3'" "O3'"  sing N N 15  
A   "C3'" "C2'"  sing N N 16  
A   "C3'" "H3'"  sing N N 17  
A   "O3'" "HO3'" sing N N 18  
A   "C2'" "O2'"  sing N N 19  
A   "C2'" "C1'"  sing N N 20  
A   "C2'" "H2'"  sing N N 21  
A   "O2'" "HO2'" sing N N 22  
A   "C1'" N9     sing N N 23  
A   "C1'" "H1'"  sing N N 24  
A   N9    C8     sing Y N 25  
A   N9    C4     sing Y N 26  
A   C8    N7     doub Y N 27  
A   C8    H8     sing N N 28  
A   N7    C5     sing Y N 29  
A   C5    C6     sing Y N 30  
A   C5    C4     doub Y N 31  
A   C6    N6     sing N N 32  
A   C6    N1     doub Y N 33  
A   N6    H61    sing N N 34  
A   N6    H62    sing N N 35  
A   N1    C2     sing Y N 36  
A   C2    N3     doub Y N 37  
A   C2    H2     sing N N 38  
A   N3    C4     sing Y N 39  
C   OP3   P      sing N N 40  
C   OP3   HOP3   sing N N 41  
C   P     OP1    doub N N 42  
C   P     OP2    sing N N 43  
C   P     "O5'"  sing N N 44  
C   OP2   HOP2   sing N N 45  
C   "O5'" "C5'"  sing N N 46  
C   "C5'" "C4'"  sing N N 47  
C   "C5'" "H5'"  sing N N 48  
C   "C5'" "H5''" sing N N 49  
C   "C4'" "O4'"  sing N N 50  
C   "C4'" "C3'"  sing N N 51  
C   "C4'" "H4'"  sing N N 52  
C   "O4'" "C1'"  sing N N 53  
C   "C3'" "O3'"  sing N N 54  
C   "C3'" "C2'"  sing N N 55  
C   "C3'" "H3'"  sing N N 56  
C   "O3'" "HO3'" sing N N 57  
C   "C2'" "O2'"  sing N N 58  
C   "C2'" "C1'"  sing N N 59  
C   "C2'" "H2'"  sing N N 60  
C   "O2'" "HO2'" sing N N 61  
C   "C1'" N1     sing N N 62  
C   "C1'" "H1'"  sing N N 63  
C   N1    C2     sing N N 64  
C   N1    C6     sing N N 65  
C   C2    O2     doub N N 66  
C   C2    N3     sing N N 67  
C   N3    C4     doub N N 68  
C   C4    N4     sing N N 69  
C   C4    C5     sing N N 70  
C   N4    H41    sing N N 71  
C   N4    H42    sing N N 72  
C   C5    C6     doub N N 73  
C   C5    H5     sing N N 74  
C   C6    H6     sing N N 75  
G   OP3   P      sing N N 76  
G   OP3   HOP3   sing N N 77  
G   P     OP1    doub N N 78  
G   P     OP2    sing N N 79  
G   P     "O5'"  sing N N 80  
G   OP2   HOP2   sing N N 81  
G   "O5'" "C5'"  sing N N 82  
G   "C5'" "C4'"  sing N N 83  
G   "C5'" "H5'"  sing N N 84  
G   "C5'" "H5''" sing N N 85  
G   "C4'" "O4'"  sing N N 86  
G   "C4'" "C3'"  sing N N 87  
G   "C4'" "H4'"  sing N N 88  
G   "O4'" "C1'"  sing N N 89  
G   "C3'" "O3'"  sing N N 90  
G   "C3'" "C2'"  sing N N 91  
G   "C3'" "H3'"  sing N N 92  
G   "O3'" "HO3'" sing N N 93  
G   "C2'" "O2'"  sing N N 94  
G   "C2'" "C1'"  sing N N 95  
G   "C2'" "H2'"  sing N N 96  
G   "O2'" "HO2'" sing N N 97  
G   "C1'" N9     sing N N 98  
G   "C1'" "H1'"  sing N N 99  
G   N9    C8     sing Y N 100 
G   N9    C4     sing Y N 101 
G   C8    N7     doub Y N 102 
G   C8    H8     sing N N 103 
G   N7    C5     sing Y N 104 
G   C5    C6     sing N N 105 
G   C5    C4     doub Y N 106 
G   C6    O6     doub N N 107 
G   C6    N1     sing N N 108 
G   N1    C2     sing N N 109 
G   N1    H1     sing N N 110 
G   C2    N2     sing N N 111 
G   C2    N3     doub N N 112 
G   N2    H21    sing N N 113 
G   N2    H22    sing N N 114 
G   N3    C4     sing N N 115 
HOH O     H1     sing N N 116 
HOH O     H2     sing N N 117 
J0C N5    C4     sing N N 118 
J0C C18   C17    sing N N 119 
J0C C18   C19    sing N N 120 
J0C N3    C4     doub N N 121 
J0C N3    C2     sing N N 122 
J0C C17   C14    sing N N 123 
J0C C4    N6     sing N N 124 
J0C O1    C2     doub N N 125 
J0C C2    C8     sing N N 126 
J0C C19   C20    trip N N 127 
J0C N15   N16    doub N N 128 
J0C N15   C14    sing N N 129 
J0C N16   C14    sing N N 130 
J0C C14   C13    sing N N 131 
J0C N6    C7     sing N N 132 
J0C C8    C7     doub Y N 133 
J0C C8    C9     sing Y N 134 
J0C C7    N22    sing Y N 135 
J0C N11   C12    sing N N 136 
J0C N11   C10    sing N N 137 
J0C C13   C12    sing N N 138 
J0C C9    C10    sing N N 139 
J0C C9    C21    doub Y N 140 
J0C N22   C21    sing Y N 141 
J0C C10   H1     sing N N 142 
J0C C10   H2     sing N N 143 
J0C C13   H3     sing N N 144 
J0C C13   H4     sing N N 145 
J0C C17   H5     sing N N 146 
J0C C17   H6     sing N N 147 
J0C C20   H7     sing N N 148 
J0C C21   H8     sing N N 149 
J0C C12   H9     sing N N 150 
J0C C12   H10    sing N N 151 
J0C C18   H11    sing N N 152 
J0C C18   H12    sing N N 153 
J0C N5    H13    sing N N 154 
J0C N5    H14    sing N N 155 
J0C N6    H15    sing N N 156 
J0C N11   H16    sing N N 157 
J0C N22   H20    sing N N 158 
SO4 S     O1     doub N N 159 
SO4 S     O2     doub N N 160 
SO4 S     O3     sing N N 161 
SO4 S     O4     sing N N 162 
U   OP3   P      sing N N 163 
U   OP3   HOP3   sing N N 164 
U   P     OP1    doub N N 165 
U   P     OP2    sing N N 166 
U   P     "O5'"  sing N N 167 
U   OP2   HOP2   sing N N 168 
U   "O5'" "C5'"  sing N N 169 
U   "C5'" "C4'"  sing N N 170 
U   "C5'" "H5'"  sing N N 171 
U   "C5'" "H5''" sing N N 172 
U   "C4'" "O4'"  sing N N 173 
U   "C4'" "C3'"  sing N N 174 
U   "C4'" "H4'"  sing N N 175 
U   "O4'" "C1'"  sing N N 176 
U   "C3'" "O3'"  sing N N 177 
U   "C3'" "C2'"  sing N N 178 
U   "C3'" "H3'"  sing N N 179 
U   "O3'" "HO3'" sing N N 180 
U   "C2'" "O2'"  sing N N 181 
U   "C2'" "C1'"  sing N N 182 
U   "C2'" "H2'"  sing N N 183 
U   "O2'" "HO2'" sing N N 184 
U   "C1'" N1     sing N N 185 
U   "C1'" "H1'"  sing N N 186 
U   N1    C2     sing N N 187 
U   N1    C6     sing N N 188 
U   C2    O2     doub N N 189 
U   C2    N3     sing N N 190 
U   N3    C4     sing N N 191 
U   N3    H3     sing N N 192 
U   C4    O4     doub N N 193 
U   C4    C5     sing N N 194 
U   C5    C6     doub N N 195 
U   C5    H5     sing N N 196 
U   C6    H6     sing N N 197 
# 
loop_
_ndb_struct_conf_na.entry_id 
_ndb_struct_conf_na.feature 
7E9I 'double helix'    
7E9I 'quadruple helix' 
# 
loop_
_ndb_struct_na_base_pair.model_number 
_ndb_struct_na_base_pair.i_label_asym_id 
_ndb_struct_na_base_pair.i_label_comp_id 
_ndb_struct_na_base_pair.i_label_seq_id 
_ndb_struct_na_base_pair.i_symmetry 
_ndb_struct_na_base_pair.j_label_asym_id 
_ndb_struct_na_base_pair.j_label_comp_id 
_ndb_struct_na_base_pair.j_label_seq_id 
_ndb_struct_na_base_pair.j_symmetry 
_ndb_struct_na_base_pair.shear 
_ndb_struct_na_base_pair.stretch 
_ndb_struct_na_base_pair.stagger 
_ndb_struct_na_base_pair.buckle 
_ndb_struct_na_base_pair.propeller 
_ndb_struct_na_base_pair.opening 
_ndb_struct_na_base_pair.pair_number 
_ndb_struct_na_base_pair.pair_name 
_ndb_struct_na_base_pair.i_auth_asym_id 
_ndb_struct_na_base_pair.i_auth_seq_id 
_ndb_struct_na_base_pair.i_PDB_ins_code 
_ndb_struct_na_base_pair.j_auth_asym_id 
_ndb_struct_na_base_pair.j_auth_seq_id 
_ndb_struct_na_base_pair.j_PDB_ins_code 
_ndb_struct_na_base_pair.hbond_type_28 
_ndb_struct_na_base_pair.hbond_type_12 
1 A C 1  1_555 A G 20 1_555 0.182  -0.085 -0.353 1.404   3.290   1.080   1  A_C1:G20_A  A 1  ? A 20 ? 19 1  
1 A U 2  1_555 A A 19 1_555 0.147  -0.099 -0.089 -1.428  -16.062 1.695   2  A_U2:A19_A  A 2  ? A 19 ? 20 1  
1 A G 3  1_555 A C 18 1_555 0.164  -0.108 -0.045 -6.411  -4.287  -1.557  3  A_G3:C18_A  A 3  ? A 18 ? 19 1  
1 A G 4  1_555 A C 17 1_555 0.174  -0.117 0.016  -5.546  -9.379  -2.716  4  A_G4:C17_A  A 4  ? A 17 ? 19 1  
1 A G 5  1_555 A C 16 1_555 -0.202 -0.110 -0.595 -10.571 -16.471 -1.355  5  A_G5:C16_A  A 5  ? A 16 ? 19 1  
1 A U 6  1_555 A A 28 1_555 -0.863 3.458  1.366  -23.797 -10.630 -73.822 6  A_U6:A28_A  A 6  ? A 28 ? 23 3  
1 A C 7  1_555 A A 29 1_555 4.732  0.525  2.221  -25.288 16.924  -38.100 7  A_C7:A29_A  A 7  ? A 29 ? ?  ?  
1 A G 11 1_555 A C 30 1_555 -0.141 -0.014 0.182  -0.824  -20.654 -1.767  8  A_G11:C30_A A 11 ? A 30 ? 19 1  
1 A G 8  1_555 A A 31 1_555 3.309  -4.294 -0.940 16.164  8.432   -70.837 9  A_G8:A31_A  A 8  ? A 31 ? 10 6  
1 A A 10 1_555 A A 32 1_555 6.227  -3.921 -1.163 3.081   -5.762  -20.958 10 A_A10:A32_A A 10 ? A 32 ? ?  10 
1 A C 9  1_555 A G 33 1_555 -0.217 0.056  0.126  7.510   -13.514 1.221   11 A_C9:G33_A  A 9  ? A 33 ? 19 1  
# 
loop_
_ndb_struct_na_base_pair_step.model_number 
_ndb_struct_na_base_pair_step.i_label_asym_id_1 
_ndb_struct_na_base_pair_step.i_label_comp_id_1 
_ndb_struct_na_base_pair_step.i_label_seq_id_1 
_ndb_struct_na_base_pair_step.i_symmetry_1 
_ndb_struct_na_base_pair_step.j_label_asym_id_1 
_ndb_struct_na_base_pair_step.j_label_comp_id_1 
_ndb_struct_na_base_pair_step.j_label_seq_id_1 
_ndb_struct_na_base_pair_step.j_symmetry_1 
_ndb_struct_na_base_pair_step.i_label_asym_id_2 
_ndb_struct_na_base_pair_step.i_label_comp_id_2 
_ndb_struct_na_base_pair_step.i_label_seq_id_2 
_ndb_struct_na_base_pair_step.i_symmetry_2 
_ndb_struct_na_base_pair_step.j_label_asym_id_2 
_ndb_struct_na_base_pair_step.j_label_comp_id_2 
_ndb_struct_na_base_pair_step.j_label_seq_id_2 
_ndb_struct_na_base_pair_step.j_symmetry_2 
_ndb_struct_na_base_pair_step.shift 
_ndb_struct_na_base_pair_step.slide 
_ndb_struct_na_base_pair_step.rise 
_ndb_struct_na_base_pair_step.tilt 
_ndb_struct_na_base_pair_step.roll 
_ndb_struct_na_base_pair_step.twist 
_ndb_struct_na_base_pair_step.x_displacement 
_ndb_struct_na_base_pair_step.y_displacement 
_ndb_struct_na_base_pair_step.helical_rise 
_ndb_struct_na_base_pair_step.inclination 
_ndb_struct_na_base_pair_step.tip 
_ndb_struct_na_base_pair_step.helical_twist 
_ndb_struct_na_base_pair_step.step_number 
_ndb_struct_na_base_pair_step.step_name 
_ndb_struct_na_base_pair_step.i_auth_asym_id_1 
_ndb_struct_na_base_pair_step.i_auth_seq_id_1 
_ndb_struct_na_base_pair_step.i_PDB_ins_code_1 
_ndb_struct_na_base_pair_step.j_auth_asym_id_1 
_ndb_struct_na_base_pair_step.j_auth_seq_id_1 
_ndb_struct_na_base_pair_step.j_PDB_ins_code_1 
_ndb_struct_na_base_pair_step.i_auth_asym_id_2 
_ndb_struct_na_base_pair_step.i_auth_seq_id_2 
_ndb_struct_na_base_pair_step.i_PDB_ins_code_2 
_ndb_struct_na_base_pair_step.j_auth_asym_id_2 
_ndb_struct_na_base_pair_step.j_auth_seq_id_2 
_ndb_struct_na_base_pair_step.j_PDB_ins_code_2 
1 A C 1  1_555 A G 20 1_555 A U 2  1_555 A A 19 1_555 0.512  -1.756 3.134  2.722    10.942  33.824   -4.279 -0.486 2.497  18.190  
-4.525  35.601   1  AA_C1U2:A19G20_AA  A 1  ? A 20 ? A 2  ? A 19 ? 
1 A U 2  1_555 A A 19 1_555 A G 3  1_555 A C 18 1_555 -0.642 -1.910 3.174  -0.129   11.485  32.218   -4.842 1.076  2.376  19.923  
0.225   34.153   2  AA_U2G3:C18A19_AA  A 2  ? A 19 ? A 3  ? A 18 ? 
1 A G 3  1_555 A C 18 1_555 A G 4  1_555 A C 17 1_555 0.549  -1.821 3.225  2.463    2.318   26.473   -4.532 -0.566 3.094  5.035   
-5.351  26.685   3  AA_G3G4:C17C18_AA  A 3  ? A 18 ? A 4  ? A 17 ? 
1 A G 4  1_555 A C 17 1_555 A G 5  1_555 A C 16 1_555 0.068  -1.614 3.477  7.377    7.799   35.817   -3.567 0.884  3.027  12.344  
-11.676 37.341   4  AA_G4G5:C16C17_AA  A 4  ? A 17 ? A 5  ? A 16 ? 
1 A G 5  1_555 A C 16 1_555 A U 6  1_555 A A 28 1_555 -6.578 -0.919 1.067  7.689    10.076  21.863   -1.936 14.929 -1.416 24.131  
-18.414 25.232   5  AA_G5U6:A28C16_AA  A 5  ? A 16 ? A 6  ? A 28 ? 
1 A U 6  1_555 A A 28 1_555 A C 7  1_555 A A 29 1_555 2.850  -1.439 3.754  2.625    -2.804  49.315   -1.475 -3.176 3.962  -3.355  
-3.140  49.455   6  AA_U6C7:A29A28_AA  A 6  ? A 28 ? A 7  ? A 29 ? 
1 A C 7  1_555 A A 29 1_555 A G 11 1_555 A C 30 1_555 0.781  -2.051 0.387  -145.199 -99.747 101.762  -0.924 -0.539 0.627  -50.117 
72.954  177.577  7  AA_C7G11:C30A29_AA A 7  ? A 29 ? A 11 ? A 30 ? 
1 A G 11 1_555 A C 30 1_555 A G 8  1_555 A A 31 1_555 -2.294 2.827  3.244  -171.758 -13.276 -111.067 -1.358 -1.882 1.508  6.690   
-86.554 -175.628 8  AA_G11G8:A31C30_AA A 11 ? A 30 ? A 8  ? A 31 ? 
1 A G 8  1_555 A A 31 1_555 A A 10 1_555 A A 32 1_555 -6.269 2.009  0.246  150.654  48.594  -61.043  -1.454 -1.823 4.713  -25.921 
80.363  -161.334 9  AA_G8A10:A32A31_AA A 8  ? A 31 ? A 10 ? A 32 ? 
1 A A 10 1_555 A A 32 1_555 A C 9  1_555 A G 33 1_555 1.228  0.980  -3.824 -4.852   -0.431  -60.018  -1.002 1.500  -3.718 0.430   
-4.842  -60.197  10 AA_A10C9:G33A32_AA A 10 ? A 32 ? A 9  ? A 33 ? 
# 
loop_
_pdbx_audit_support.funding_organization 
_pdbx_audit_support.country 
_pdbx_audit_support.grant_number 
_pdbx_audit_support.ordinal 
'Japan Society for the Promotion of Science (JSPS)'                 Japan           20K21281 1 
'Japan Society for the Promotion of Science (JSPS)'                 Japan           16KK0166 2 
'National Institutes of Health/National Cancer Institute (NIH/NCI)' 'United States' ?        3 
# 
loop_
_pdbx_entity_nonpoly.entity_id 
_pdbx_entity_nonpoly.name 
_pdbx_entity_nonpoly.comp_id 
2 '2-azanyl-5-[[2-(3-but-3-ynyl-1,2-diazirin-3-yl)ethylamino]methyl]-1,7-dihydropyrrolo[2,3-d]pyrimidin-4-one' J0C 
3 'SULFATE ION'                                                                                                SO4 
4 water                                                                                                        HOH 
# 
_pdbx_initial_refinement_model.id               1 
_pdbx_initial_refinement_model.entity_id_list   ? 
_pdbx_initial_refinement_model.type             'experimental model' 
_pdbx_initial_refinement_model.source_name      PDB 
_pdbx_initial_refinement_model.accession_code   6E1W 
_pdbx_initial_refinement_model.details          ? 
# 
_pdbx_struct_assembly_auth_evidence.id                     1 
_pdbx_struct_assembly_auth_evidence.assembly_id            1 
_pdbx_struct_assembly_auth_evidence.experimental_support   'gel filtration' 
_pdbx_struct_assembly_auth_evidence.details                ? 
# 
_space_group.crystal_system   hexagonal 
_space_group.name_H-M_alt     'P 63 2 2' 
_space_group.IT_number        182 
_space_group.name_Hall        'P 6c 2c' 
_space_group.id               1 
# 
